data_1I27
# 
_entry.id   1I27 
# 
_audit_conform.dict_name       mmcif_pdbx.dic 
_audit_conform.dict_version    5.386 
_audit_conform.dict_location   http://mmcif.pdb.org/dictionaries/ascii/mmcif_pdbx.dic 
# 
loop_
_database_2.database_id 
_database_2.database_code 
_database_2.pdbx_database_accession 
_database_2.pdbx_DOI 
PDB   1I27         pdb_00001i27 10.2210/pdb1i27/pdb 
RCSB  RCSB012810   ?            ?                   
WWPDB D_1000012810 ?            ?                   
# 
loop_
_pdbx_audit_revision_history.ordinal 
_pdbx_audit_revision_history.data_content_type 
_pdbx_audit_revision_history.major_revision 
_pdbx_audit_revision_history.minor_revision 
_pdbx_audit_revision_history.revision_date 
1 'Structure model' 1 0 2001-03-07 
2 'Structure model' 1 1 2008-04-27 
3 'Structure model' 1 2 2011-07-13 
4 'Structure model' 1 3 2021-02-03 
5 'Structure model' 1 4 2024-02-07 
# 
_pdbx_audit_revision_details.ordinal             1 
_pdbx_audit_revision_details.revision_ordinal    1 
_pdbx_audit_revision_details.data_content_type   'Structure model' 
_pdbx_audit_revision_details.provider            repository 
_pdbx_audit_revision_details.type                'Initial release' 
_pdbx_audit_revision_details.description         ? 
_pdbx_audit_revision_details.details             ? 
# 
loop_
_pdbx_audit_revision_group.ordinal 
_pdbx_audit_revision_group.revision_ordinal 
_pdbx_audit_revision_group.data_content_type 
_pdbx_audit_revision_group.group 
1 2 'Structure model' 'Version format compliance' 
2 3 'Structure model' 'Version format compliance' 
3 4 'Structure model' 'Database references'       
4 4 'Structure model' 'Derived calculations'      
5 4 'Structure model' 'Structure summary'         
6 5 'Structure model' 'Data collection'           
7 5 'Structure model' 'Database references'       
# 
loop_
_pdbx_audit_revision_category.ordinal 
_pdbx_audit_revision_category.revision_ordinal 
_pdbx_audit_revision_category.data_content_type 
_pdbx_audit_revision_category.category 
1 4 'Structure model' audit_author           
2 4 'Structure model' citation_author        
3 4 'Structure model' pdbx_struct_conn_angle 
4 4 'Structure model' struct_conn            
5 4 'Structure model' struct_ref_seq_dif     
6 4 'Structure model' struct_site            
7 5 'Structure model' chem_comp_atom         
8 5 'Structure model' chem_comp_bond         
9 5 'Structure model' database_2             
# 
loop_
_pdbx_audit_revision_item.ordinal 
_pdbx_audit_revision_item.revision_ordinal 
_pdbx_audit_revision_item.data_content_type 
_pdbx_audit_revision_item.item 
1  4 'Structure model' '_audit_author.identifier_ORCID'              
2  4 'Structure model' '_citation_author.identifier_ORCID'           
3  4 'Structure model' '_pdbx_struct_conn_angle.ptnr1_auth_comp_id'  
4  4 'Structure model' '_pdbx_struct_conn_angle.ptnr1_auth_seq_id'   
5  4 'Structure model' '_pdbx_struct_conn_angle.ptnr1_label_asym_id' 
6  4 'Structure model' '_pdbx_struct_conn_angle.ptnr1_label_atom_id' 
7  4 'Structure model' '_pdbx_struct_conn_angle.ptnr1_label_comp_id' 
8  4 'Structure model' '_pdbx_struct_conn_angle.ptnr1_label_seq_id'  
9  4 'Structure model' '_pdbx_struct_conn_angle.ptnr1_symmetry'      
10 4 'Structure model' '_pdbx_struct_conn_angle.ptnr3_auth_comp_id'  
11 4 'Structure model' '_pdbx_struct_conn_angle.ptnr3_auth_seq_id'   
12 4 'Structure model' '_pdbx_struct_conn_angle.ptnr3_label_asym_id' 
13 4 'Structure model' '_pdbx_struct_conn_angle.ptnr3_label_atom_id' 
14 4 'Structure model' '_pdbx_struct_conn_angle.ptnr3_label_comp_id' 
15 4 'Structure model' '_pdbx_struct_conn_angle.ptnr3_label_seq_id'  
16 4 'Structure model' '_pdbx_struct_conn_angle.ptnr3_symmetry'      
17 4 'Structure model' '_pdbx_struct_conn_angle.value'               
18 4 'Structure model' '_struct_conn.pdbx_dist_value'                
19 4 'Structure model' '_struct_conn.ptnr1_auth_comp_id'             
20 4 'Structure model' '_struct_conn.ptnr1_auth_seq_id'              
21 4 'Structure model' '_struct_conn.ptnr1_label_asym_id'            
22 4 'Structure model' '_struct_conn.ptnr1_label_atom_id'            
23 4 'Structure model' '_struct_conn.ptnr1_label_comp_id'            
24 4 'Structure model' '_struct_conn.ptnr1_label_seq_id'             
25 4 'Structure model' '_struct_conn.ptnr1_symmetry'                 
26 4 'Structure model' '_struct_conn.ptnr2_auth_comp_id'             
27 4 'Structure model' '_struct_conn.ptnr2_auth_seq_id'              
28 4 'Structure model' '_struct_conn.ptnr2_label_asym_id'            
29 4 'Structure model' '_struct_conn.ptnr2_label_atom_id'            
30 4 'Structure model' '_struct_conn.ptnr2_label_comp_id'            
31 4 'Structure model' '_struct_conn.ptnr2_label_seq_id'             
32 4 'Structure model' '_struct_conn.ptnr2_symmetry'                 
33 4 'Structure model' '_struct_ref_seq_dif.details'                 
34 4 'Structure model' '_struct_site.pdbx_auth_asym_id'              
35 4 'Structure model' '_struct_site.pdbx_auth_comp_id'              
36 4 'Structure model' '_struct_site.pdbx_auth_seq_id'               
37 5 'Structure model' '_database_2.pdbx_DOI'                        
38 5 'Structure model' '_database_2.pdbx_database_accession'         
# 
_pdbx_database_status.status_code                     REL 
_pdbx_database_status.entry_id                        1I27 
_pdbx_database_status.recvd_initial_deposition_date   2001-02-07 
_pdbx_database_status.deposit_site                    RCSB 
_pdbx_database_status.process_site                    RCSB 
_pdbx_database_status.SG_entry                        . 
_pdbx_database_status.pdb_format_compatible           Y 
_pdbx_database_status.status_code_mr                  ? 
_pdbx_database_status.status_code_sf                  ? 
_pdbx_database_status.status_code_cs                  ? 
_pdbx_database_status.status_code_nmr_data            ? 
_pdbx_database_status.methods_development_category    ? 
# 
loop_
_audit_author.name 
_audit_author.pdbx_ordinal 
_audit_author.identifier_ORCID 
'Kamada, K.'     1 ?                   
'De Angelis, J.' 2 ?                   
'Roeder, R.G.'   3 ?                   
'Burley, S.K.'   4 0000-0002-2487-9713 
# 
_citation.id                        primary 
_citation.title                     
'Crystal structure of the C-terminal domain of the RAP74 subunit of human transcription factor IIF.' 
_citation.journal_abbrev            Proc.Natl.Acad.Sci.USA 
_citation.journal_volume            98 
_citation.page_first                3115 
_citation.page_last                 3120 
_citation.year                      2001 
_citation.journal_id_ASTM           PNASA6 
_citation.country                   US 
_citation.journal_id_ISSN           0027-8424 
_citation.journal_id_CSD            0040 
_citation.book_publisher            ? 
_citation.pdbx_database_id_PubMed   11248041 
_citation.pdbx_database_id_DOI      10.1073/pnas.051631098 
# 
loop_
_citation_author.citation_id 
_citation_author.name 
_citation_author.ordinal 
_citation_author.identifier_ORCID 
primary 'Kamada, K.'     1 ?                   
primary 'De Angelis, J.' 2 ?                   
primary 'Roeder, R.G.'   3 ?                   
primary 'Burley, S.K.'   4 0000-0002-2487-9713 
# 
loop_
_entity.id 
_entity.type 
_entity.src_method 
_entity.pdbx_description 
_entity.formula_weight 
_entity.pdbx_number_of_molecules 
_entity.pdbx_ec 
_entity.pdbx_mutation 
_entity.pdbx_fragment 
_entity.details 
1 polymer     man 'TRANSCRIPTION FACTOR IIF' 8374.801 1   ? YES 'RAP74 SUBUNIT, C-TERMINAL DOMAIN' ? 
2 non-polymer syn 'ZINC ION'                 65.409   1   ? ?   ?                                  ? 
3 water       nat water                      18.015   151 ? ?   ?                                  ? 
# 
_entity_poly.entity_id                      1 
_entity_poly.type                           'polypeptide(L)' 
_entity_poly.nstd_linkage                   no 
_entity_poly.nstd_monomer                   no 
_entity_poly.pdbx_seq_one_letter_code       GPLGSGDVQVTEDAVRRYLTRKPMTTKDLLKKFQTKKTGLSSEQTVNVLAQILKRLNPERKMINDKMHFSLKE 
_entity_poly.pdbx_seq_one_letter_code_can   GPLGSGDVQVTEDAVRRYLTRKPMTTKDLLKKFQTKKTGLSSEQTVNVLAQILKRLNPERKMINDKMHFSLKE 
_entity_poly.pdbx_strand_id                 A 
_entity_poly.pdbx_target_identifier         ? 
# 
loop_
_pdbx_entity_nonpoly.entity_id 
_pdbx_entity_nonpoly.name 
_pdbx_entity_nonpoly.comp_id 
2 'ZINC ION' ZN  
3 water      HOH 
# 
loop_
_entity_poly_seq.entity_id 
_entity_poly_seq.num 
_entity_poly_seq.mon_id 
_entity_poly_seq.hetero 
1 1  GLY n 
1 2  PRO n 
1 3  LEU n 
1 4  GLY n 
1 5  SER n 
1 6  GLY n 
1 7  ASP n 
1 8  VAL n 
1 9  GLN n 
1 10 VAL n 
1 11 THR n 
1 12 GLU n 
1 13 ASP n 
1 14 ALA n 
1 15 VAL n 
1 16 ARG n 
1 17 ARG n 
1 18 TYR n 
1 19 LEU n 
1 20 THR n 
1 21 ARG n 
1 22 LYS n 
1 23 PRO n 
1 24 MET n 
1 25 THR n 
1 26 THR n 
1 27 LYS n 
1 28 ASP n 
1 29 LEU n 
1 30 LEU n 
1 31 LYS n 
1 32 LYS n 
1 33 PHE n 
1 34 GLN n 
1 35 THR n 
1 36 LYS n 
1 37 LYS n 
1 38 THR n 
1 39 GLY n 
1 40 LEU n 
1 41 SER n 
1 42 SER n 
1 43 GLU n 
1 44 GLN n 
1 45 THR n 
1 46 VAL n 
1 47 ASN n 
1 48 VAL n 
1 49 LEU n 
1 50 ALA n 
1 51 GLN n 
1 52 ILE n 
1 53 LEU n 
1 54 LYS n 
1 55 ARG n 
1 56 LEU n 
1 57 ASN n 
1 58 PRO n 
1 59 GLU n 
1 60 ARG n 
1 61 LYS n 
1 62 MET n 
1 63 ILE n 
1 64 ASN n 
1 65 ASP n 
1 66 LYS n 
1 67 MET n 
1 68 HIS n 
1 69 PHE n 
1 70 SER n 
1 71 LEU n 
1 72 LYS n 
1 73 GLU n 
# 
_entity_src_gen.entity_id                          1 
_entity_src_gen.pdbx_src_id                        1 
_entity_src_gen.pdbx_alt_source_flag               sample 
_entity_src_gen.pdbx_seq_type                      ? 
_entity_src_gen.pdbx_beg_seq_num                   ? 
_entity_src_gen.pdbx_end_seq_num                   ? 
_entity_src_gen.gene_src_common_name               human 
_entity_src_gen.gene_src_genus                     Homo 
_entity_src_gen.pdbx_gene_src_gene                 RAP74 
_entity_src_gen.gene_src_species                   ? 
_entity_src_gen.gene_src_strain                    ? 
_entity_src_gen.gene_src_tissue                    ? 
_entity_src_gen.gene_src_tissue_fraction           ? 
_entity_src_gen.gene_src_details                   ? 
_entity_src_gen.pdbx_gene_src_fragment             ? 
_entity_src_gen.pdbx_gene_src_scientific_name      'Homo sapiens' 
_entity_src_gen.pdbx_gene_src_ncbi_taxonomy_id     9606 
_entity_src_gen.pdbx_gene_src_variant              ? 
_entity_src_gen.pdbx_gene_src_cell_line            ? 
_entity_src_gen.pdbx_gene_src_atcc                 ? 
_entity_src_gen.pdbx_gene_src_organ                ? 
_entity_src_gen.pdbx_gene_src_organelle            ? 
_entity_src_gen.pdbx_gene_src_cell                 ? 
_entity_src_gen.pdbx_gene_src_cellular_location    ? 
_entity_src_gen.host_org_common_name               ? 
_entity_src_gen.pdbx_host_org_scientific_name      'Escherichia coli BL21(DE3)' 
_entity_src_gen.pdbx_host_org_ncbi_taxonomy_id     469008 
_entity_src_gen.host_org_genus                     Escherichia 
_entity_src_gen.pdbx_host_org_gene                 ? 
_entity_src_gen.pdbx_host_org_organ                ? 
_entity_src_gen.host_org_species                   'Escherichia coli' 
_entity_src_gen.pdbx_host_org_tissue               ? 
_entity_src_gen.pdbx_host_org_tissue_fraction      ? 
_entity_src_gen.pdbx_host_org_strain               'BL21(DE3)' 
_entity_src_gen.pdbx_host_org_variant              ? 
_entity_src_gen.pdbx_host_org_cell_line            ? 
_entity_src_gen.pdbx_host_org_atcc                 ? 
_entity_src_gen.pdbx_host_org_culture_collection   ? 
_entity_src_gen.pdbx_host_org_cell                 ? 
_entity_src_gen.pdbx_host_org_organelle            ? 
_entity_src_gen.pdbx_host_org_cellular_location    ? 
_entity_src_gen.pdbx_host_org_vector_type          PLASMID 
_entity_src_gen.pdbx_host_org_vector               ? 
_entity_src_gen.host_org_details                   ? 
_entity_src_gen.expression_system_id               ? 
_entity_src_gen.plasmid_name                       PGEX-6P-1 
_entity_src_gen.plasmid_details                    ? 
_entity_src_gen.pdbx_description                   ? 
# 
loop_
_chem_comp.id 
_chem_comp.type 
_chem_comp.mon_nstd_flag 
_chem_comp.name 
_chem_comp.pdbx_synonyms 
_chem_comp.formula 
_chem_comp.formula_weight 
ALA 'L-peptide linking' y ALANINE         ? 'C3 H7 N O2'     89.093  
ARG 'L-peptide linking' y ARGININE        ? 'C6 H15 N4 O2 1' 175.209 
ASN 'L-peptide linking' y ASPARAGINE      ? 'C4 H8 N2 O3'    132.118 
ASP 'L-peptide linking' y 'ASPARTIC ACID' ? 'C4 H7 N O4'     133.103 
GLN 'L-peptide linking' y GLUTAMINE       ? 'C5 H10 N2 O3'   146.144 
GLU 'L-peptide linking' y 'GLUTAMIC ACID' ? 'C5 H9 N O4'     147.129 
GLY 'peptide linking'   y GLYCINE         ? 'C2 H5 N O2'     75.067  
HIS 'L-peptide linking' y HISTIDINE       ? 'C6 H10 N3 O2 1' 156.162 
HOH non-polymer         . WATER           ? 'H2 O'           18.015  
ILE 'L-peptide linking' y ISOLEUCINE      ? 'C6 H13 N O2'    131.173 
LEU 'L-peptide linking' y LEUCINE         ? 'C6 H13 N O2'    131.173 
LYS 'L-peptide linking' y LYSINE          ? 'C6 H15 N2 O2 1' 147.195 
MET 'L-peptide linking' y METHIONINE      ? 'C5 H11 N O2 S'  149.211 
PHE 'L-peptide linking' y PHENYLALANINE   ? 'C9 H11 N O2'    165.189 
PRO 'L-peptide linking' y PROLINE         ? 'C5 H9 N O2'     115.130 
SER 'L-peptide linking' y SERINE          ? 'C3 H7 N O3'     105.093 
THR 'L-peptide linking' y THREONINE       ? 'C4 H9 N O3'     119.119 
TYR 'L-peptide linking' y TYROSINE        ? 'C9 H11 N O3'    181.189 
VAL 'L-peptide linking' y VALINE          ? 'C5 H11 N O2'    117.146 
ZN  non-polymer         . 'ZINC ION'      ? 'Zn 2'           65.409  
# 
loop_
_pdbx_poly_seq_scheme.asym_id 
_pdbx_poly_seq_scheme.entity_id 
_pdbx_poly_seq_scheme.seq_id 
_pdbx_poly_seq_scheme.mon_id 
_pdbx_poly_seq_scheme.ndb_seq_num 
_pdbx_poly_seq_scheme.pdb_seq_num 
_pdbx_poly_seq_scheme.auth_seq_num 
_pdbx_poly_seq_scheme.pdb_mon_id 
_pdbx_poly_seq_scheme.auth_mon_id 
_pdbx_poly_seq_scheme.pdb_strand_id 
_pdbx_poly_seq_scheme.pdb_ins_code 
_pdbx_poly_seq_scheme.hetero 
A 1 1  GLY 1  445 445 GLY GLY A . n 
A 1 2  PRO 2  446 446 PRO PRO A . n 
A 1 3  LEU 3  447 447 LEU LEU A . n 
A 1 4  GLY 4  448 448 GLY GLY A . n 
A 1 5  SER 5  449 449 SER SER A . n 
A 1 6  GLY 6  450 450 GLY GLY A . n 
A 1 7  ASP 7  451 451 ASP ASP A . n 
A 1 8  VAL 8  452 452 VAL VAL A . n 
A 1 9  GLN 9  453 453 GLN GLN A . n 
A 1 10 VAL 10 454 454 VAL VAL A . n 
A 1 11 THR 11 455 455 THR THR A . n 
A 1 12 GLU 12 456 456 GLU GLU A . n 
A 1 13 ASP 13 457 457 ASP ASP A . n 
A 1 14 ALA 14 458 458 ALA ALA A . n 
A 1 15 VAL 15 459 459 VAL VAL A . n 
A 1 16 ARG 16 460 460 ARG ARG A . n 
A 1 17 ARG 17 461 461 ARG ARG A . n 
A 1 18 TYR 18 462 462 TYR TYR A . n 
A 1 19 LEU 19 463 463 LEU LEU A . n 
A 1 20 THR 20 464 464 THR THR A . n 
A 1 21 ARG 21 465 465 ARG ARG A . n 
A 1 22 LYS 22 466 466 LYS LYS A . n 
A 1 23 PRO 23 467 467 PRO PRO A . n 
A 1 24 MET 24 468 468 MET MET A . n 
A 1 25 THR 25 469 469 THR THR A . n 
A 1 26 THR 26 470 470 THR THR A . n 
A 1 27 LYS 27 471 471 LYS LYS A . n 
A 1 28 ASP 28 472 472 ASP ASP A . n 
A 1 29 LEU 29 473 473 LEU LEU A . n 
A 1 30 LEU 30 474 474 LEU LEU A . n 
A 1 31 LYS 31 475 475 LYS LYS A . n 
A 1 32 LYS 32 476 476 LYS LYS A . n 
A 1 33 PHE 33 477 477 PHE PHE A . n 
A 1 34 GLN 34 478 478 GLN GLN A . n 
A 1 35 THR 35 479 479 THR THR A . n 
A 1 36 LYS 36 480 480 LYS LYS A . n 
A 1 37 LYS 37 481 481 LYS LYS A . n 
A 1 38 THR 38 482 482 THR THR A . n 
A 1 39 GLY 39 483 483 GLY GLY A . n 
A 1 40 LEU 40 484 484 LEU LEU A . n 
A 1 41 SER 41 485 485 SER SER A . n 
A 1 42 SER 42 486 486 SER SER A . n 
A 1 43 GLU 43 487 487 GLU GLU A . n 
A 1 44 GLN 44 488 488 GLN GLN A . n 
A 1 45 THR 45 489 489 THR THR A . n 
A 1 46 VAL 46 490 490 VAL VAL A . n 
A 1 47 ASN 47 491 491 ASN ASN A . n 
A 1 48 VAL 48 492 492 VAL VAL A . n 
A 1 49 LEU 49 493 493 LEU LEU A . n 
A 1 50 ALA 50 494 494 ALA ALA A . n 
A 1 51 GLN 51 495 495 GLN GLN A . n 
A 1 52 ILE 52 496 496 ILE ILE A . n 
A 1 53 LEU 53 497 497 LEU LEU A . n 
A 1 54 LYS 54 498 498 LYS LYS A . n 
A 1 55 ARG 55 499 499 ARG ARG A . n 
A 1 56 LEU 56 500 500 LEU LEU A . n 
A 1 57 ASN 57 501 501 ASN ASN A . n 
A 1 58 PRO 58 502 502 PRO PRO A . n 
A 1 59 GLU 59 503 503 GLU GLU A . n 
A 1 60 ARG 60 504 504 ARG ARG A . n 
A 1 61 LYS 61 505 505 LYS LYS A . n 
A 1 62 MET 62 506 506 MET MET A . n 
A 1 63 ILE 63 507 507 ILE ILE A . n 
A 1 64 ASN 64 508 508 ASN ASN A . n 
A 1 65 ASP 65 509 509 ASP ASP A . n 
A 1 66 LYS 66 510 510 LYS LYS A . n 
A 1 67 MET 67 511 511 MET MET A . n 
A 1 68 HIS 68 512 512 HIS HIS A . n 
A 1 69 PHE 69 513 513 PHE PHE A . n 
A 1 70 SER 70 514 514 SER SER A . n 
A 1 71 LEU 71 515 515 LEU LEU A . n 
A 1 72 LYS 72 516 516 LYS LYS A . n 
A 1 73 GLU 73 517 517 GLU GLU A . n 
# 
loop_
_pdbx_nonpoly_scheme.asym_id 
_pdbx_nonpoly_scheme.entity_id 
_pdbx_nonpoly_scheme.mon_id 
_pdbx_nonpoly_scheme.ndb_seq_num 
_pdbx_nonpoly_scheme.pdb_seq_num 
_pdbx_nonpoly_scheme.auth_seq_num 
_pdbx_nonpoly_scheme.pdb_mon_id 
_pdbx_nonpoly_scheme.auth_mon_id 
_pdbx_nonpoly_scheme.pdb_strand_id 
_pdbx_nonpoly_scheme.pdb_ins_code 
B 2 ZN  1   999  999  ZN  ZN  A . 
C 3 HOH 1   1001 1001 HOH HOH A . 
C 3 HOH 2   1002 1002 HOH HOH A . 
C 3 HOH 3   1003 1003 HOH HOH A . 
C 3 HOH 4   1004 1004 HOH HOH A . 
C 3 HOH 5   1005 1005 HOH HOH A . 
C 3 HOH 6   1006 1006 HOH HOH A . 
C 3 HOH 7   1007 1007 HOH HOH A . 
C 3 HOH 8   1008 1008 HOH HOH A . 
C 3 HOH 9   1009 1009 HOH HOH A . 
C 3 HOH 10  1010 1010 HOH HOH A . 
C 3 HOH 11  1011 1011 HOH HOH A . 
C 3 HOH 12  1012 1012 HOH HOH A . 
C 3 HOH 13  1013 1013 HOH HOH A . 
C 3 HOH 14  1014 1014 HOH HOH A . 
C 3 HOH 15  1015 1015 HOH HOH A . 
C 3 HOH 16  1016 1016 HOH HOH A . 
C 3 HOH 17  1017 1017 HOH HOH A . 
C 3 HOH 18  1018 1018 HOH HOH A . 
C 3 HOH 19  1019 1019 HOH HOH A . 
C 3 HOH 20  1020 1020 HOH HOH A . 
C 3 HOH 21  1021 1021 HOH HOH A . 
C 3 HOH 22  1022 1022 HOH HOH A . 
C 3 HOH 23  1023 1023 HOH HOH A . 
C 3 HOH 24  1024 1024 HOH HOH A . 
C 3 HOH 25  1025 1025 HOH HOH A . 
C 3 HOH 26  1026 1026 HOH HOH A . 
C 3 HOH 27  1027 1027 HOH HOH A . 
C 3 HOH 28  1028 1028 HOH HOH A . 
C 3 HOH 29  1029 1029 HOH HOH A . 
C 3 HOH 30  1030 1030 HOH HOH A . 
C 3 HOH 31  1031 1031 HOH HOH A . 
C 3 HOH 32  1032 1032 HOH HOH A . 
C 3 HOH 33  1033 1033 HOH HOH A . 
C 3 HOH 34  1034 1034 HOH HOH A . 
C 3 HOH 35  1035 1035 HOH HOH A . 
C 3 HOH 36  1036 1036 HOH HOH A . 
C 3 HOH 37  1037 1037 HOH HOH A . 
C 3 HOH 38  1038 1038 HOH HOH A . 
C 3 HOH 39  1039 1039 HOH HOH A . 
C 3 HOH 40  1040 1040 HOH HOH A . 
C 3 HOH 41  1041 1041 HOH HOH A . 
C 3 HOH 42  1042 1042 HOH HOH A . 
C 3 HOH 43  1043 1043 HOH HOH A . 
C 3 HOH 44  1044 1044 HOH HOH A . 
C 3 HOH 45  1045 1045 HOH HOH A . 
C 3 HOH 46  1046 1046 HOH HOH A . 
C 3 HOH 47  1047 1047 HOH HOH A . 
C 3 HOH 48  1048 1048 HOH HOH A . 
C 3 HOH 49  1049 1049 HOH HOH A . 
C 3 HOH 50  1050 1050 HOH HOH A . 
C 3 HOH 51  1051 1051 HOH HOH A . 
C 3 HOH 52  1052 1052 HOH HOH A . 
C 3 HOH 53  1053 1053 HOH HOH A . 
C 3 HOH 54  1054 1054 HOH HOH A . 
C 3 HOH 55  1055 1055 HOH HOH A . 
C 3 HOH 56  1056 1056 HOH HOH A . 
C 3 HOH 57  1057 1057 HOH HOH A . 
C 3 HOH 58  1058 1058 HOH HOH A . 
C 3 HOH 59  1059 1059 HOH HOH A . 
C 3 HOH 60  1060 1060 HOH HOH A . 
C 3 HOH 61  1061 1061 HOH HOH A . 
C 3 HOH 62  1062 1062 HOH HOH A . 
C 3 HOH 63  1063 1063 HOH HOH A . 
C 3 HOH 64  1064 1064 HOH HOH A . 
C 3 HOH 65  1065 1065 HOH HOH A . 
C 3 HOH 66  1066 1066 HOH HOH A . 
C 3 HOH 67  1067 1067 HOH HOH A . 
C 3 HOH 68  1068 1068 HOH HOH A . 
C 3 HOH 69  1069 1069 HOH HOH A . 
C 3 HOH 70  1070 1070 HOH HOH A . 
C 3 HOH 71  1071 1071 HOH HOH A . 
C 3 HOH 72  1072 1072 HOH HOH A . 
C 3 HOH 73  1073 1073 HOH HOH A . 
C 3 HOH 74  1074 1074 HOH HOH A . 
C 3 HOH 75  1075 1075 HOH HOH A . 
C 3 HOH 76  1076 1076 HOH HOH A . 
C 3 HOH 77  1077 1077 HOH HOH A . 
C 3 HOH 78  1078 1078 HOH HOH A . 
C 3 HOH 79  1079 1079 HOH HOH A . 
C 3 HOH 80  1080 1080 HOH HOH A . 
C 3 HOH 81  1081 1081 HOH HOH A . 
C 3 HOH 82  1082 1082 HOH HOH A . 
C 3 HOH 83  1083 1083 HOH HOH A . 
C 3 HOH 84  1084 1084 HOH HOH A . 
C 3 HOH 85  1085 1085 HOH HOH A . 
C 3 HOH 86  1086 1086 HOH HOH A . 
C 3 HOH 87  1087 1087 HOH HOH A . 
C 3 HOH 88  1088 1088 HOH HOH A . 
C 3 HOH 89  1089 1089 HOH HOH A . 
C 3 HOH 90  1090 1090 HOH HOH A . 
C 3 HOH 91  1091 1091 HOH HOH A . 
C 3 HOH 92  1092 1092 HOH HOH A . 
C 3 HOH 93  1093 1093 HOH HOH A . 
C 3 HOH 94  1094 1094 HOH HOH A . 
C 3 HOH 95  1095 1095 HOH HOH A . 
C 3 HOH 96  1096 1096 HOH HOH A . 
C 3 HOH 97  1097 1097 HOH HOH A . 
C 3 HOH 98  1098 1098 HOH HOH A . 
C 3 HOH 99  1099 1099 HOH HOH A . 
C 3 HOH 100 1100 1100 HOH HOH A . 
C 3 HOH 101 1101 1101 HOH HOH A . 
C 3 HOH 102 1102 1102 HOH HOH A . 
C 3 HOH 103 1103 1103 HOH HOH A . 
C 3 HOH 104 1104 1104 HOH HOH A . 
C 3 HOH 105 1105 1105 HOH HOH A . 
C 3 HOH 106 1106 1106 HOH HOH A . 
C 3 HOH 107 1107 1107 HOH HOH A . 
C 3 HOH 108 1108 1108 HOH HOH A . 
C 3 HOH 109 1109 1109 HOH HOH A . 
C 3 HOH 110 1110 1110 HOH HOH A . 
C 3 HOH 111 1111 1111 HOH HOH A . 
C 3 HOH 112 1112 1112 HOH HOH A . 
C 3 HOH 113 1113 1113 HOH HOH A . 
C 3 HOH 114 1114 1114 HOH HOH A . 
C 3 HOH 115 1115 1115 HOH HOH A . 
C 3 HOH 116 1116 1116 HOH HOH A . 
C 3 HOH 117 1117 1117 HOH HOH A . 
C 3 HOH 118 1118 1118 HOH HOH A . 
C 3 HOH 119 1119 1119 HOH HOH A . 
C 3 HOH 120 1120 1120 HOH HOH A . 
C 3 HOH 121 1121 1121 HOH HOH A . 
C 3 HOH 122 1122 1122 HOH HOH A . 
C 3 HOH 123 1123 1123 HOH HOH A . 
C 3 HOH 124 1124 1124 HOH HOH A . 
C 3 HOH 125 1125 1125 HOH HOH A . 
C 3 HOH 126 1126 1126 HOH HOH A . 
C 3 HOH 127 1127 1127 HOH HOH A . 
C 3 HOH 128 1128 1128 HOH HOH A . 
C 3 HOH 129 1129 1129 HOH HOH A . 
C 3 HOH 130 1130 1130 HOH HOH A . 
C 3 HOH 131 1131 1131 HOH HOH A . 
C 3 HOH 132 1132 1132 HOH HOH A . 
C 3 HOH 133 1133 1133 HOH HOH A . 
C 3 HOH 134 1134 1134 HOH HOH A . 
C 3 HOH 135 1135 1135 HOH HOH A . 
C 3 HOH 136 1136 1136 HOH HOH A . 
C 3 HOH 137 1137 1137 HOH HOH A . 
C 3 HOH 138 1138 1138 HOH HOH A . 
C 3 HOH 139 1139 1139 HOH HOH A . 
C 3 HOH 140 1140 1140 HOH HOH A . 
C 3 HOH 141 1141 1141 HOH HOH A . 
C 3 HOH 142 1142 1142 HOH HOH A . 
C 3 HOH 143 1143 1143 HOH HOH A . 
C 3 HOH 144 1144 1144 HOH HOH A . 
C 3 HOH 145 1145 1145 HOH HOH A . 
C 3 HOH 146 1146 1146 HOH HOH A . 
C 3 HOH 147 1147 1147 HOH HOH A . 
C 3 HOH 148 1148 1148 HOH HOH A . 
C 3 HOH 149 1149 1149 HOH HOH A . 
C 3 HOH 150 1150 1150 HOH HOH A . 
C 3 HOH 151 1151 1151 HOH HOH A . 
# 
loop_
_software.name 
_software.classification 
_software.version 
_software.citation_id 
_software.pdbx_ordinal 
MLPHARE   phasing          . ? 1 
SHELXL-97 refinement       . ? 2 
DENZO     'data reduction' . ? 3 
SCALEPACK 'data scaling'   . ? 4 
# 
_cell.entry_id           1I27 
_cell.length_a           29.052 
_cell.length_b           43.024 
_cell.length_c           48.161 
_cell.angle_alpha        90.00 
_cell.angle_beta         90.00 
_cell.angle_gamma        90.00 
_cell.Z_PDB              4 
_cell.pdbx_unique_axis   ? 
# 
_symmetry.entry_id                         1I27 
_symmetry.space_group_name_H-M             'P 21 21 21' 
_symmetry.pdbx_full_space_group_name_H-M   ? 
_symmetry.cell_setting                     ? 
_symmetry.Int_Tables_number                19 
# 
_exptl.entry_id          1I27 
_exptl.method            'X-RAY DIFFRACTION' 
_exptl.crystals_number   1 
# 
_exptl_crystal.id                    1 
_exptl_crystal.density_meas          ? 
_exptl_crystal.density_Matthews      1.79 
_exptl_crystal.density_percent_sol   31.55 
_exptl_crystal.description           ? 
# 
_exptl_crystal_grow.crystal_id      1 
_exptl_crystal_grow.method          'VAPOR DIFFUSION, HANGING DROP' 
_exptl_crystal_grow.temp            282 
_exptl_crystal_grow.temp_details    ? 
_exptl_crystal_grow.pH              6.4 
_exptl_crystal_grow.pdbx_details    
;Zinc Sulfate, Lithium chloride, PEG 2000 MME, polyvinylpyrrolidone 15K, glucosamine hydrochloride, pH 6.4, VAPOR DIFFUSION, HANGING DROP, temperature 282K
;
_exptl_crystal_grow.pdbx_pH_range   . 
# 
_diffrn.id                     1 
_diffrn.ambient_temp           200.0 
_diffrn.ambient_temp_details   ? 
_diffrn.crystal_id             1 
# 
_diffrn_detector.diffrn_id              1 
_diffrn_detector.detector               CCD 
_diffrn_detector.type                   SBC-2 
_diffrn_detector.pdbx_collection_date   2000-07-02 
_diffrn_detector.details                'VERTICAL FOCUSING MIRROR' 
# 
_diffrn_radiation.diffrn_id                        1 
_diffrn_radiation.wavelength_id                    1 
_diffrn_radiation.pdbx_monochromatic_or_laue_m_l   M 
_diffrn_radiation.monochromator                    'ROSENBAUM-ROCK MONOCHROMATOR' 
_diffrn_radiation.pdbx_diffrn_protocol             'SINGLE WAVELENGTH' 
_diffrn_radiation.pdbx_scattering_type             x-ray 
# 
_diffrn_radiation_wavelength.id           1 
_diffrn_radiation_wavelength.wavelength   0.97000 
_diffrn_radiation_wavelength.wt           1.0 
# 
_diffrn_source.diffrn_id                   1 
_diffrn_source.source                      SYNCHROTRON 
_diffrn_source.type                        'APS BEAMLINE 19-ID' 
_diffrn_source.pdbx_synchrotron_site       APS 
_diffrn_source.pdbx_synchrotron_beamline   19-ID 
_diffrn_source.pdbx_wavelength             0.97000 
_diffrn_source.pdbx_wavelength_list        ? 
# 
_reflns.entry_id                     1I27 
_reflns.observed_criterion_sigma_I   -3.0 
_reflns.observed_criterion_sigma_F   ? 
_reflns.d_resolution_low             20.000 
_reflns.d_resolution_high            1.020 
_reflns.number_obs                   58701 
_reflns.number_all                   ? 
_reflns.percent_possible_obs         99.0 
_reflns.pdbx_Rmerge_I_obs            0.0590000 
_reflns.pdbx_Rsym_value              0.0590000 
_reflns.pdbx_netI_over_sigmaI        14.9000 
_reflns.B_iso_Wilson_estimate        ? 
_reflns.pdbx_redundancy              12.30 
_reflns.R_free_details               ? 
_reflns.limit_h_max                  ? 
_reflns.limit_h_min                  ? 
_reflns.limit_k_max                  ? 
_reflns.limit_k_min                  ? 
_reflns.limit_l_max                  ? 
_reflns.limit_l_min                  ? 
_reflns.observed_criterion_F_max     ? 
_reflns.observed_criterion_F_min     ? 
_reflns.pdbx_diffrn_id               1 
_reflns.pdbx_ordinal                 1 
# 
_reflns_shell.d_res_high             1.02 
_reflns_shell.d_res_low              1.06 
_reflns_shell.percent_possible_all   97.3 
_reflns_shell.Rmerge_I_obs           0.3350000 
_reflns_shell.pdbx_Rsym_value        0.3350000 
_reflns_shell.meanI_over_sigI_obs    ? 
_reflns_shell.pdbx_redundancy        2.54 
_reflns_shell.percent_possible_obs   ? 
_reflns_shell.number_unique_all      ? 
_reflns_shell.pdbx_diffrn_id         ? 
_reflns_shell.pdbx_ordinal           1 
# 
_refine.entry_id                                 1I27 
_refine.ls_number_reflns_obs                     ? 
_refine.ls_number_reflns_all                     58608 
_refine.pdbx_ls_sigma_I                          ? 
_refine.pdbx_ls_sigma_F                          0.000 
_refine.pdbx_data_cutoff_high_absF               ? 
_refine.pdbx_data_cutoff_low_absF                ? 
_refine.pdbx_data_cutoff_high_rms_absF           ? 
_refine.ls_d_res_low                             20.00 
_refine.ls_d_res_high                            1.02 
_refine.ls_percent_reflns_obs                    99.0 
_refine.ls_R_factor_obs                          0.1260000 
_refine.ls_R_factor_all                          0.1270000 
_refine.ls_R_factor_R_work                       ? 
_refine.ls_R_factor_R_free                       0.1460000 
_refine.ls_R_factor_R_free_error                 ? 
_refine.ls_R_factor_R_free_error_details         ? 
_refine.ls_percent_reflns_R_free                 5.00 
_refine.ls_number_reflns_R_free                  2927 
_refine.ls_number_parameters                     ? 
_refine.ls_number_restraints                     ? 
_refine.occupancy_min                            ? 
_refine.occupancy_max                            ? 
_refine.B_iso_mean                               ? 
_refine.aniso_B[1][1]                            ? 
_refine.aniso_B[2][2]                            ? 
_refine.aniso_B[3][3]                            ? 
_refine.aniso_B[1][2]                            ? 
_refine.aniso_B[1][3]                            ? 
_refine.aniso_B[2][3]                            ? 
_refine.solvent_model_details                    ? 
_refine.solvent_model_param_ksol                 ? 
_refine.solvent_model_param_bsol                 ? 
_refine.pdbx_ls_cross_valid_method               ? 
_refine.details                                  ? 
_refine.pdbx_starting_model                      ? 
_refine.pdbx_method_to_determine_struct          MAD 
_refine.pdbx_isotropic_thermal_model             ? 
_refine.pdbx_stereochemistry_target_values       'ENGH & HUBER' 
_refine.pdbx_stereochem_target_val_spec_case     ? 
_refine.pdbx_R_Free_selection_details            RANDOM 
_refine.pdbx_overall_ESU_R                       ? 
_refine.pdbx_overall_ESU_R_Free                  ? 
_refine.overall_SU_ML                            ? 
_refine.overall_SU_B                             ? 
_refine.ls_redundancy_reflns_obs                 ? 
_refine.B_iso_min                                ? 
_refine.B_iso_max                                ? 
_refine.correlation_coeff_Fo_to_Fc               ? 
_refine.correlation_coeff_Fo_to_Fc_free          ? 
_refine.overall_SU_R_Cruickshank_DPI             ? 
_refine.overall_SU_R_free                        ? 
_refine.pdbx_refine_id                           'X-RAY DIFFRACTION' 
_refine.pdbx_diffrn_id                           1 
_refine.pdbx_TLS_residual_ADP_flag               ? 
_refine.pdbx_solvent_vdw_probe_radii             ? 
_refine.pdbx_solvent_ion_probe_radii             ? 
_refine.pdbx_solvent_shrinkage_radii             ? 
_refine.pdbx_overall_phase_error                 ? 
_refine.pdbx_overall_SU_R_free_Cruickshank_DPI   ? 
_refine.pdbx_overall_SU_R_Blow_DPI               ? 
_refine.pdbx_overall_SU_R_free_Blow_DPI          ? 
# 
_refine_hist.pdbx_refine_id                   'X-RAY DIFFRACTION' 
_refine_hist.cycle_id                         LAST 
_refine_hist.pdbx_number_atoms_protein        616 
_refine_hist.pdbx_number_atoms_nucleic_acid   0 
_refine_hist.pdbx_number_atoms_ligand         1 
_refine_hist.number_atoms_solvent             151 
_refine_hist.number_atoms_total               768 
_refine_hist.d_res_high                       1.02 
_refine_hist.d_res_low                        20.00 
# 
loop_
_refine_ls_restr.type 
_refine_ls_restr.dev_ideal 
_refine_ls_restr.dev_ideal_target 
_refine_ls_restr.weight 
_refine_ls_restr.number 
_refine_ls_restr.pdbx_refine_id 
_refine_ls_restr.pdbx_restraint_function 
s_bond_d               0.007 ? ? ? 'X-RAY DIFFRACTION' ? 
s_angle_d              0.025 ? ? ? 'X-RAY DIFFRACTION' ? 
s_similar_dist         ?     ? ? ? 'X-RAY DIFFRACTION' ? 
s_from_restr_planes    0.317 ? ? ? 'X-RAY DIFFRACTION' ? 
s_zero_chiral_vol      0.068 ? ? ? 'X-RAY DIFFRACTION' ? 
s_non_zero_chiral_vol  0.071 ? ? ? 'X-RAY DIFFRACTION' ? 
s_anti_bump_dis_restr  0.010 ? ? ? 'X-RAY DIFFRACTION' ? 
s_rigid_bond_adp_cmpnt ?     ? ? ? 'X-RAY DIFFRACTION' ? 
s_similar_adp_cmpnt    ?     ? ? ? 'X-RAY DIFFRACTION' ? 
s_approx_iso_adps      ?     ? ? ? 'X-RAY DIFFRACTION' ? 
# 
_pdbx_refine.entry_id                                    1I27 
_pdbx_refine.R_factor_all_no_cutoff                      0.1270000 
_pdbx_refine.R_factor_obs_no_cutoff                      0.1260000 
_pdbx_refine.free_R_factor_no_cutoff                     0.1460000 
_pdbx_refine.free_R_val_test_set_size_perc_no_cutoff     5.00 
_pdbx_refine.free_R_val_test_set_ct_no_cutoff            2927 
_pdbx_refine.R_factor_all_4sig_cutoff                    0.1150000 
_pdbx_refine.R_factor_obs_4sig_cutoff                    0.1150000 
_pdbx_refine.free_R_factor_4sig_cutoff                   0.1340000 
_pdbx_refine.free_R_val_test_set_size_perc_4sig_cutoff   5.02 
_pdbx_refine.free_R_val_test_set_ct_4sig_cutoff          2437 
_pdbx_refine.number_reflns_obs_4sig_cutoff               48549 
_pdbx_refine.number_reflns_obs_no_cutoff                 ? 
_pdbx_refine.pdbx_refine_id                              'X-RAY DIFFRACTION' 
_pdbx_refine.free_R_error_no_cutoff                      ? 
# 
_struct.entry_id                  1I27 
_struct.title                     
'CRYSTAL STRUCTURE OF THE C-TERMINAL DOMAIN OF THE RAP74 SUBUNIT OF HUMAN TRANSCRIPTION FACTOR IIF (TFIIF)' 
_struct.pdbx_model_details        ? 
_struct.pdbx_CASP_flag            ? 
_struct.pdbx_model_type_details   ? 
# 
_struct_keywords.entry_id        1I27 
_struct_keywords.pdbx_keywords   TRANSCRIPTION 
_struct_keywords.text            
'GENERAL TRANSCRIPTION FACTOR, RAP74, RAP30, TFIIF, RNA POLYMERASE II, WINGED-HELIX DOMAIN, TRANSCRIPTION' 
# 
loop_
_struct_asym.id 
_struct_asym.pdbx_blank_PDB_chainid_flag 
_struct_asym.pdbx_modified 
_struct_asym.entity_id 
_struct_asym.details 
A N N 1 ? 
B N N 2 ? 
C N N 3 ? 
# 
_struct_ref.id                         1 
_struct_ref.db_name                    UNP 
_struct_ref.db_code                    T2FA_HUMAN 
_struct_ref.entity_id                  1 
_struct_ref.pdbx_seq_one_letter_code   ? 
_struct_ref.pdbx_align_begin           ? 
_struct_ref.pdbx_db_accession          P35269 
_struct_ref.pdbx_db_isoform            ? 
# 
_struct_ref_seq.align_id                      1 
_struct_ref_seq.ref_id                        1 
_struct_ref_seq.pdbx_PDB_id_code              1I27 
_struct_ref_seq.pdbx_strand_id                A 
_struct_ref_seq.seq_align_beg                 5 
_struct_ref_seq.pdbx_seq_align_beg_ins_code   ? 
_struct_ref_seq.seq_align_end                 73 
_struct_ref_seq.pdbx_seq_align_end_ins_code   ? 
_struct_ref_seq.pdbx_db_accession             P35269 
_struct_ref_seq.db_align_beg                  449 
_struct_ref_seq.pdbx_db_align_beg_ins_code    ? 
_struct_ref_seq.db_align_end                  517 
_struct_ref_seq.pdbx_db_align_end_ins_code    ? 
_struct_ref_seq.pdbx_auth_seq_align_beg       449 
_struct_ref_seq.pdbx_auth_seq_align_end       517 
# 
loop_
_struct_ref_seq_dif.align_id 
_struct_ref_seq_dif.pdbx_pdb_id_code 
_struct_ref_seq_dif.mon_id 
_struct_ref_seq_dif.pdbx_pdb_strand_id 
_struct_ref_seq_dif.seq_num 
_struct_ref_seq_dif.pdbx_pdb_ins_code 
_struct_ref_seq_dif.pdbx_seq_db_name 
_struct_ref_seq_dif.pdbx_seq_db_accession_code 
_struct_ref_seq_dif.db_mon_id 
_struct_ref_seq_dif.pdbx_seq_db_seq_num 
_struct_ref_seq_dif.details 
_struct_ref_seq_dif.pdbx_auth_seq_num 
_struct_ref_seq_dif.pdbx_ordinal 
1 1I27 GLY A 1 ? UNP P35269 ? ? 'cloning artifact' 445 1 
1 1I27 PRO A 2 ? UNP P35269 ? ? 'cloning artifact' 446 2 
1 1I27 LEU A 3 ? UNP P35269 ? ? 'cloning artifact' 447 3 
1 1I27 GLY A 4 ? UNP P35269 ? ? 'cloning artifact' 448 4 
# 
_pdbx_struct_assembly.id                   1 
_pdbx_struct_assembly.details              author_defined_assembly 
_pdbx_struct_assembly.method_details       ? 
_pdbx_struct_assembly.oligomeric_details   monomeric 
_pdbx_struct_assembly.oligomeric_count     1 
# 
_pdbx_struct_assembly_gen.assembly_id       1 
_pdbx_struct_assembly_gen.oper_expression   1 
_pdbx_struct_assembly_gen.asym_id_list      A,B,C 
# 
_pdbx_struct_oper_list.id                   1 
_pdbx_struct_oper_list.type                 'identity operation' 
_pdbx_struct_oper_list.name                 1_555 
_pdbx_struct_oper_list.symmetry_operation   x,y,z 
_pdbx_struct_oper_list.matrix[1][1]         1.0000000000 
_pdbx_struct_oper_list.matrix[1][2]         0.0000000000 
_pdbx_struct_oper_list.matrix[1][3]         0.0000000000 
_pdbx_struct_oper_list.vector[1]            0.0000000000 
_pdbx_struct_oper_list.matrix[2][1]         0.0000000000 
_pdbx_struct_oper_list.matrix[2][2]         1.0000000000 
_pdbx_struct_oper_list.matrix[2][3]         0.0000000000 
_pdbx_struct_oper_list.vector[2]            0.0000000000 
_pdbx_struct_oper_list.matrix[3][1]         0.0000000000 
_pdbx_struct_oper_list.matrix[3][2]         0.0000000000 
_pdbx_struct_oper_list.matrix[3][3]         1.0000000000 
_pdbx_struct_oper_list.vector[3]            0.0000000000 
# 
_struct_biol.id                    1 
_struct_biol.pdbx_parent_biol_id   ? 
_struct_biol.details               ? 
# 
loop_
_struct_conf.conf_type_id 
_struct_conf.id 
_struct_conf.pdbx_PDB_helix_id 
_struct_conf.beg_label_comp_id 
_struct_conf.beg_label_asym_id 
_struct_conf.beg_label_seq_id 
_struct_conf.pdbx_beg_PDB_ins_code 
_struct_conf.end_label_comp_id 
_struct_conf.end_label_asym_id 
_struct_conf.end_label_seq_id 
_struct_conf.pdbx_end_PDB_ins_code 
_struct_conf.beg_auth_comp_id 
_struct_conf.beg_auth_asym_id 
_struct_conf.beg_auth_seq_id 
_struct_conf.end_auth_comp_id 
_struct_conf.end_auth_asym_id 
_struct_conf.end_auth_seq_id 
_struct_conf.pdbx_PDB_helix_class 
_struct_conf.details 
_struct_conf.pdbx_PDB_helix_length 
HELX_P HELX_P1 1 GLY A 1  ? SER A 5  ? GLY A 445 SER A 449 5 ? 5  
HELX_P HELX_P2 2 THR A 11 ? LYS A 22 ? THR A 455 LYS A 466 1 ? 12 
HELX_P HELX_P3 3 THR A 25 ? LYS A 32 ? THR A 469 LYS A 476 1 ? 8  
HELX_P HELX_P4 4 GLN A 34 ? GLY A 39 ? GLN A 478 GLY A 483 1 ? 6  
HELX_P HELX_P5 5 SER A 41 ? ASN A 57 ? SER A 485 ASN A 501 1 ? 17 
# 
_struct_conf_type.id          HELX_P 
_struct_conf_type.criteria    ? 
_struct_conf_type.reference   ? 
# 
loop_
_struct_conn.id 
_struct_conn.conn_type_id 
_struct_conn.pdbx_leaving_atom_flag 
_struct_conn.pdbx_PDB_id 
_struct_conn.ptnr1_label_asym_id 
_struct_conn.ptnr1_label_comp_id 
_struct_conn.ptnr1_label_seq_id 
_struct_conn.ptnr1_label_atom_id 
_struct_conn.pdbx_ptnr1_label_alt_id 
_struct_conn.pdbx_ptnr1_PDB_ins_code 
_struct_conn.pdbx_ptnr1_standard_comp_id 
_struct_conn.ptnr1_symmetry 
_struct_conn.ptnr2_label_asym_id 
_struct_conn.ptnr2_label_comp_id 
_struct_conn.ptnr2_label_seq_id 
_struct_conn.ptnr2_label_atom_id 
_struct_conn.pdbx_ptnr2_label_alt_id 
_struct_conn.pdbx_ptnr2_PDB_ins_code 
_struct_conn.ptnr1_auth_asym_id 
_struct_conn.ptnr1_auth_comp_id 
_struct_conn.ptnr1_auth_seq_id 
_struct_conn.ptnr2_auth_asym_id 
_struct_conn.ptnr2_auth_comp_id 
_struct_conn.ptnr2_auth_seq_id 
_struct_conn.ptnr2_symmetry 
_struct_conn.pdbx_ptnr3_label_atom_id 
_struct_conn.pdbx_ptnr3_label_seq_id 
_struct_conn.pdbx_ptnr3_label_comp_id 
_struct_conn.pdbx_ptnr3_label_asym_id 
_struct_conn.pdbx_ptnr3_label_alt_id 
_struct_conn.pdbx_ptnr3_PDB_ins_code 
_struct_conn.details 
_struct_conn.pdbx_dist_value 
_struct_conn.pdbx_value_order 
_struct_conn.pdbx_role 
metalc1 metalc ? ? A GLU 59 OE1 ? ? ? 4_466 B ZN  . ZN ? ? A GLU 503 A ZN  999  1_555 ? ? ? ? ? ? ? 2.605 ? ? 
metalc2 metalc ? ? A GLU 59 OE2 ? ? ? 4_466 B ZN  . ZN ? ? A GLU 503 A ZN  999  1_555 ? ? ? ? ? ? ? 1.966 ? ? 
metalc3 metalc ? ? A HIS 68 NE2 ? ? ? 1_555 B ZN  . ZN ? ? A HIS 512 A ZN  999  1_555 ? ? ? ? ? ? ? 2.005 ? ? 
metalc4 metalc ? ? A GLU 73 O   ? ? ? 4_466 B ZN  . ZN ? ? A GLU 517 A ZN  999  1_555 ? ? ? ? ? ? ? 2.086 ? ? 
metalc5 metalc ? ? A GLU 73 OXT ? ? ? 4_466 B ZN  . ZN ? ? A GLU 517 A ZN  999  1_555 ? ? ? ? ? ? ? 2.433 ? ? 
metalc6 metalc ? ? B ZN  .  ZN  ? ? ? 1_555 C HOH . O  ? ? A ZN  999 A HOH 1001 1_555 ? ? ? ? ? ? ? 2.020 ? ? 
# 
_struct_conn_type.id          metalc 
_struct_conn_type.criteria    ? 
_struct_conn_type.reference   ? 
# 
loop_
_pdbx_struct_conn_angle.id 
_pdbx_struct_conn_angle.ptnr1_label_atom_id 
_pdbx_struct_conn_angle.ptnr1_label_alt_id 
_pdbx_struct_conn_angle.ptnr1_label_asym_id 
_pdbx_struct_conn_angle.ptnr1_label_comp_id 
_pdbx_struct_conn_angle.ptnr1_label_seq_id 
_pdbx_struct_conn_angle.ptnr1_auth_atom_id 
_pdbx_struct_conn_angle.ptnr1_auth_asym_id 
_pdbx_struct_conn_angle.ptnr1_auth_comp_id 
_pdbx_struct_conn_angle.ptnr1_auth_seq_id 
_pdbx_struct_conn_angle.ptnr1_PDB_ins_code 
_pdbx_struct_conn_angle.ptnr1_symmetry 
_pdbx_struct_conn_angle.ptnr2_label_atom_id 
_pdbx_struct_conn_angle.ptnr2_label_alt_id 
_pdbx_struct_conn_angle.ptnr2_label_asym_id 
_pdbx_struct_conn_angle.ptnr2_label_comp_id 
_pdbx_struct_conn_angle.ptnr2_label_seq_id 
_pdbx_struct_conn_angle.ptnr2_auth_atom_id 
_pdbx_struct_conn_angle.ptnr2_auth_asym_id 
_pdbx_struct_conn_angle.ptnr2_auth_comp_id 
_pdbx_struct_conn_angle.ptnr2_auth_seq_id 
_pdbx_struct_conn_angle.ptnr2_PDB_ins_code 
_pdbx_struct_conn_angle.ptnr2_symmetry 
_pdbx_struct_conn_angle.ptnr3_label_atom_id 
_pdbx_struct_conn_angle.ptnr3_label_alt_id 
_pdbx_struct_conn_angle.ptnr3_label_asym_id 
_pdbx_struct_conn_angle.ptnr3_label_comp_id 
_pdbx_struct_conn_angle.ptnr3_label_seq_id 
_pdbx_struct_conn_angle.ptnr3_auth_atom_id 
_pdbx_struct_conn_angle.ptnr3_auth_asym_id 
_pdbx_struct_conn_angle.ptnr3_auth_comp_id 
_pdbx_struct_conn_angle.ptnr3_auth_seq_id 
_pdbx_struct_conn_angle.ptnr3_PDB_ins_code 
_pdbx_struct_conn_angle.ptnr3_symmetry 
_pdbx_struct_conn_angle.value 
_pdbx_struct_conn_angle.value_esd 
1  OE1 ? A GLU 59 ? A GLU 503 ? 4_466 ZN ? B ZN . ? A ZN 999 ? 1_555 OE2 ? A GLU 59 ? A GLU 503  ? 4_466 54.9  ? 
2  OE1 ? A GLU 59 ? A GLU 503 ? 4_466 ZN ? B ZN . ? A ZN 999 ? 1_555 NE2 ? A HIS 68 ? A HIS 512  ? 1_555 86.1  ? 
3  OE2 ? A GLU 59 ? A GLU 503 ? 4_466 ZN ? B ZN . ? A ZN 999 ? 1_555 NE2 ? A HIS 68 ? A HIS 512  ? 1_555 123.9 ? 
4  OE1 ? A GLU 59 ? A GLU 503 ? 4_466 ZN ? B ZN . ? A ZN 999 ? 1_555 O   ? A GLU 73 ? A GLU 517  ? 4_466 166.7 ? 
5  OE2 ? A GLU 59 ? A GLU 503 ? 4_466 ZN ? B ZN . ? A ZN 999 ? 1_555 O   ? A GLU 73 ? A GLU 517  ? 4_466 119.1 ? 
6  NE2 ? A HIS 68 ? A HIS 512 ? 1_555 ZN ? B ZN . ? A ZN 999 ? 1_555 O   ? A GLU 73 ? A GLU 517  ? 4_466 105.9 ? 
7  OE1 ? A GLU 59 ? A GLU 503 ? 4_466 ZN ? B ZN . ? A ZN 999 ? 1_555 OXT ? A GLU 73 ? A GLU 517  ? 4_466 130.3 ? 
8  OE2 ? A GLU 59 ? A GLU 503 ? 4_466 ZN ? B ZN . ? A ZN 999 ? 1_555 OXT ? A GLU 73 ? A GLU 517  ? 4_466 86.6  ? 
9  NE2 ? A HIS 68 ? A HIS 512 ? 1_555 ZN ? B ZN . ? A ZN 999 ? 1_555 OXT ? A GLU 73 ? A GLU 517  ? 4_466 93.0  ? 
10 O   ? A GLU 73 ? A GLU 517 ? 4_466 ZN ? B ZN . ? A ZN 999 ? 1_555 OXT ? A GLU 73 ? A GLU 517  ? 4_466 56.0  ? 
11 OE1 ? A GLU 59 ? A GLU 503 ? 4_466 ZN ? B ZN . ? A ZN 999 ? 1_555 O   ? C HOH .  ? A HOH 1001 ? 1_555 77.5  ? 
12 OE2 ? A GLU 59 ? A GLU 503 ? 4_466 ZN ? B ZN . ? A ZN 999 ? 1_555 O   ? C HOH .  ? A HOH 1001 ? 1_555 102.9 ? 
13 NE2 ? A HIS 68 ? A HIS 512 ? 1_555 ZN ? B ZN . ? A ZN 999 ? 1_555 O   ? C HOH .  ? A HOH 1001 ? 1_555 105.9 ? 
14 O   ? A GLU 73 ? A GLU 517 ? 4_466 ZN ? B ZN . ? A ZN 999 ? 1_555 O   ? C HOH .  ? A HOH 1001 ? 1_555 93.7  ? 
15 OXT ? A GLU 73 ? A GLU 517 ? 4_466 ZN ? B ZN . ? A ZN 999 ? 1_555 O   ? C HOH .  ? A HOH 1001 ? 1_555 148.1 ? 
# 
_struct_sheet.id               A 
_struct_sheet.type             ? 
_struct_sheet.number_strands   2 
_struct_sheet.details          ? 
# 
_struct_sheet_order.sheet_id     A 
_struct_sheet_order.range_id_1   1 
_struct_sheet_order.range_id_2   2 
_struct_sheet_order.offset       ? 
_struct_sheet_order.sense        anti-parallel 
# 
loop_
_struct_sheet_range.sheet_id 
_struct_sheet_range.id 
_struct_sheet_range.beg_label_comp_id 
_struct_sheet_range.beg_label_asym_id 
_struct_sheet_range.beg_label_seq_id 
_struct_sheet_range.pdbx_beg_PDB_ins_code 
_struct_sheet_range.end_label_comp_id 
_struct_sheet_range.end_label_asym_id 
_struct_sheet_range.end_label_seq_id 
_struct_sheet_range.pdbx_end_PDB_ins_code 
_struct_sheet_range.beg_auth_comp_id 
_struct_sheet_range.beg_auth_asym_id 
_struct_sheet_range.beg_auth_seq_id 
_struct_sheet_range.end_auth_comp_id 
_struct_sheet_range.end_auth_asym_id 
_struct_sheet_range.end_auth_seq_id 
A 1 GLU A 59 ? ILE A 63 ? GLU A 503 ILE A 507 
A 2 LYS A 66 ? SER A 70 ? LYS A 510 SER A 514 
# 
_pdbx_struct_sheet_hbond.sheet_id                A 
_pdbx_struct_sheet_hbond.range_id_1              1 
_pdbx_struct_sheet_hbond.range_id_2              2 
_pdbx_struct_sheet_hbond.range_1_label_atom_id   N 
_pdbx_struct_sheet_hbond.range_1_label_comp_id   ILE 
_pdbx_struct_sheet_hbond.range_1_label_asym_id   A 
_pdbx_struct_sheet_hbond.range_1_label_seq_id    63 
_pdbx_struct_sheet_hbond.range_1_PDB_ins_code    ? 
_pdbx_struct_sheet_hbond.range_1_auth_atom_id    N 
_pdbx_struct_sheet_hbond.range_1_auth_comp_id    ILE 
_pdbx_struct_sheet_hbond.range_1_auth_asym_id    A 
_pdbx_struct_sheet_hbond.range_1_auth_seq_id     507 
_pdbx_struct_sheet_hbond.range_2_label_atom_id   O 
_pdbx_struct_sheet_hbond.range_2_label_comp_id   LYS 
_pdbx_struct_sheet_hbond.range_2_label_asym_id   A 
_pdbx_struct_sheet_hbond.range_2_label_seq_id    66 
_pdbx_struct_sheet_hbond.range_2_PDB_ins_code    ? 
_pdbx_struct_sheet_hbond.range_2_auth_atom_id    O 
_pdbx_struct_sheet_hbond.range_2_auth_comp_id    LYS 
_pdbx_struct_sheet_hbond.range_2_auth_asym_id    A 
_pdbx_struct_sheet_hbond.range_2_auth_seq_id     510 
# 
_struct_site.id                   AC1 
_struct_site.pdbx_evidence_code   Software 
_struct_site.pdbx_auth_asym_id    A 
_struct_site.pdbx_auth_comp_id    ZN 
_struct_site.pdbx_auth_seq_id     999 
_struct_site.pdbx_auth_ins_code   ? 
_struct_site.pdbx_num_residues    4 
_struct_site.details              'BINDING SITE FOR RESIDUE ZN A 999' 
# 
loop_
_struct_site_gen.id 
_struct_site_gen.site_id 
_struct_site_gen.pdbx_num_res 
_struct_site_gen.label_comp_id 
_struct_site_gen.label_asym_id 
_struct_site_gen.label_seq_id 
_struct_site_gen.pdbx_auth_ins_code 
_struct_site_gen.auth_comp_id 
_struct_site_gen.auth_asym_id 
_struct_site_gen.auth_seq_id 
_struct_site_gen.label_atom_id 
_struct_site_gen.label_alt_id 
_struct_site_gen.symmetry 
_struct_site_gen.details 
1 AC1 4 GLU A 59 ? GLU A 503  . ? 4_466 ? 
2 AC1 4 HIS A 68 ? HIS A 512  . ? 1_555 ? 
3 AC1 4 GLU A 73 ? GLU A 517  . ? 4_466 ? 
4 AC1 4 HOH C .  ? HOH A 1001 . ? 1_555 ? 
# 
_pdbx_validate_rmsd_angle.id                         1 
_pdbx_validate_rmsd_angle.PDB_model_num              1 
_pdbx_validate_rmsd_angle.auth_atom_id_1             CA 
_pdbx_validate_rmsd_angle.auth_asym_id_1             A 
_pdbx_validate_rmsd_angle.auth_comp_id_1             GLN 
_pdbx_validate_rmsd_angle.auth_seq_id_1              495 
_pdbx_validate_rmsd_angle.PDB_ins_code_1             ? 
_pdbx_validate_rmsd_angle.label_alt_id_1             ? 
_pdbx_validate_rmsd_angle.auth_atom_id_2             CB 
_pdbx_validate_rmsd_angle.auth_asym_id_2             A 
_pdbx_validate_rmsd_angle.auth_comp_id_2             GLN 
_pdbx_validate_rmsd_angle.auth_seq_id_2              495 
_pdbx_validate_rmsd_angle.PDB_ins_code_2             ? 
_pdbx_validate_rmsd_angle.label_alt_id_2             ? 
_pdbx_validate_rmsd_angle.auth_atom_id_3             CG 
_pdbx_validate_rmsd_angle.auth_asym_id_3             A 
_pdbx_validate_rmsd_angle.auth_comp_id_3             GLN 
_pdbx_validate_rmsd_angle.auth_seq_id_3              495 
_pdbx_validate_rmsd_angle.PDB_ins_code_3             ? 
_pdbx_validate_rmsd_angle.label_alt_id_3             B 
_pdbx_validate_rmsd_angle.angle_value                128.57 
_pdbx_validate_rmsd_angle.angle_target_value         113.40 
_pdbx_validate_rmsd_angle.angle_deviation            15.17 
_pdbx_validate_rmsd_angle.angle_standard_deviation   2.20 
_pdbx_validate_rmsd_angle.linker_flag                N 
# 
loop_
_chem_comp_atom.comp_id 
_chem_comp_atom.atom_id 
_chem_comp_atom.type_symbol 
_chem_comp_atom.pdbx_aromatic_flag 
_chem_comp_atom.pdbx_stereo_config 
_chem_comp_atom.pdbx_ordinal 
ALA N    N  N N 1   
ALA CA   C  N S 2   
ALA C    C  N N 3   
ALA O    O  N N 4   
ALA CB   C  N N 5   
ALA OXT  O  N N 6   
ALA H    H  N N 7   
ALA H2   H  N N 8   
ALA HA   H  N N 9   
ALA HB1  H  N N 10  
ALA HB2  H  N N 11  
ALA HB3  H  N N 12  
ALA HXT  H  N N 13  
ARG N    N  N N 14  
ARG CA   C  N S 15  
ARG C    C  N N 16  
ARG O    O  N N 17  
ARG CB   C  N N 18  
ARG CG   C  N N 19  
ARG CD   C  N N 20  
ARG NE   N  N N 21  
ARG CZ   C  N N 22  
ARG NH1  N  N N 23  
ARG NH2  N  N N 24  
ARG OXT  O  N N 25  
ARG H    H  N N 26  
ARG H2   H  N N 27  
ARG HA   H  N N 28  
ARG HB2  H  N N 29  
ARG HB3  H  N N 30  
ARG HG2  H  N N 31  
ARG HG3  H  N N 32  
ARG HD2  H  N N 33  
ARG HD3  H  N N 34  
ARG HE   H  N N 35  
ARG HH11 H  N N 36  
ARG HH12 H  N N 37  
ARG HH21 H  N N 38  
ARG HH22 H  N N 39  
ARG HXT  H  N N 40  
ASN N    N  N N 41  
ASN CA   C  N S 42  
ASN C    C  N N 43  
ASN O    O  N N 44  
ASN CB   C  N N 45  
ASN CG   C  N N 46  
ASN OD1  O  N N 47  
ASN ND2  N  N N 48  
ASN OXT  O  N N 49  
ASN H    H  N N 50  
ASN H2   H  N N 51  
ASN HA   H  N N 52  
ASN HB2  H  N N 53  
ASN HB3  H  N N 54  
ASN HD21 H  N N 55  
ASN HD22 H  N N 56  
ASN HXT  H  N N 57  
ASP N    N  N N 58  
ASP CA   C  N S 59  
ASP C    C  N N 60  
ASP O    O  N N 61  
ASP CB   C  N N 62  
ASP CG   C  N N 63  
ASP OD1  O  N N 64  
ASP OD2  O  N N 65  
ASP OXT  O  N N 66  
ASP H    H  N N 67  
ASP H2   H  N N 68  
ASP HA   H  N N 69  
ASP HB2  H  N N 70  
ASP HB3  H  N N 71  
ASP HD2  H  N N 72  
ASP HXT  H  N N 73  
GLN N    N  N N 74  
GLN CA   C  N S 75  
GLN C    C  N N 76  
GLN O    O  N N 77  
GLN CB   C  N N 78  
GLN CG   C  N N 79  
GLN CD   C  N N 80  
GLN OE1  O  N N 81  
GLN NE2  N  N N 82  
GLN OXT  O  N N 83  
GLN H    H  N N 84  
GLN H2   H  N N 85  
GLN HA   H  N N 86  
GLN HB2  H  N N 87  
GLN HB3  H  N N 88  
GLN HG2  H  N N 89  
GLN HG3  H  N N 90  
GLN HE21 H  N N 91  
GLN HE22 H  N N 92  
GLN HXT  H  N N 93  
GLU N    N  N N 94  
GLU CA   C  N S 95  
GLU C    C  N N 96  
GLU O    O  N N 97  
GLU CB   C  N N 98  
GLU CG   C  N N 99  
GLU CD   C  N N 100 
GLU OE1  O  N N 101 
GLU OE2  O  N N 102 
GLU OXT  O  N N 103 
GLU H    H  N N 104 
GLU H2   H  N N 105 
GLU HA   H  N N 106 
GLU HB2  H  N N 107 
GLU HB3  H  N N 108 
GLU HG2  H  N N 109 
GLU HG3  H  N N 110 
GLU HE2  H  N N 111 
GLU HXT  H  N N 112 
GLY N    N  N N 113 
GLY CA   C  N N 114 
GLY C    C  N N 115 
GLY O    O  N N 116 
GLY OXT  O  N N 117 
GLY H    H  N N 118 
GLY H2   H  N N 119 
GLY HA2  H  N N 120 
GLY HA3  H  N N 121 
GLY HXT  H  N N 122 
HIS N    N  N N 123 
HIS CA   C  N S 124 
HIS C    C  N N 125 
HIS O    O  N N 126 
HIS CB   C  N N 127 
HIS CG   C  Y N 128 
HIS ND1  N  Y N 129 
HIS CD2  C  Y N 130 
HIS CE1  C  Y N 131 
HIS NE2  N  Y N 132 
HIS OXT  O  N N 133 
HIS H    H  N N 134 
HIS H2   H  N N 135 
HIS HA   H  N N 136 
HIS HB2  H  N N 137 
HIS HB3  H  N N 138 
HIS HD1  H  N N 139 
HIS HD2  H  N N 140 
HIS HE1  H  N N 141 
HIS HE2  H  N N 142 
HIS HXT  H  N N 143 
HOH O    O  N N 144 
HOH H1   H  N N 145 
HOH H2   H  N N 146 
ILE N    N  N N 147 
ILE CA   C  N S 148 
ILE C    C  N N 149 
ILE O    O  N N 150 
ILE CB   C  N S 151 
ILE CG1  C  N N 152 
ILE CG2  C  N N 153 
ILE CD1  C  N N 154 
ILE OXT  O  N N 155 
ILE H    H  N N 156 
ILE H2   H  N N 157 
ILE HA   H  N N 158 
ILE HB   H  N N 159 
ILE HG12 H  N N 160 
ILE HG13 H  N N 161 
ILE HG21 H  N N 162 
ILE HG22 H  N N 163 
ILE HG23 H  N N 164 
ILE HD11 H  N N 165 
ILE HD12 H  N N 166 
ILE HD13 H  N N 167 
ILE HXT  H  N N 168 
LEU N    N  N N 169 
LEU CA   C  N S 170 
LEU C    C  N N 171 
LEU O    O  N N 172 
LEU CB   C  N N 173 
LEU CG   C  N N 174 
LEU CD1  C  N N 175 
LEU CD2  C  N N 176 
LEU OXT  O  N N 177 
LEU H    H  N N 178 
LEU H2   H  N N 179 
LEU HA   H  N N 180 
LEU HB2  H  N N 181 
LEU HB3  H  N N 182 
LEU HG   H  N N 183 
LEU HD11 H  N N 184 
LEU HD12 H  N N 185 
LEU HD13 H  N N 186 
LEU HD21 H  N N 187 
LEU HD22 H  N N 188 
LEU HD23 H  N N 189 
LEU HXT  H  N N 190 
LYS N    N  N N 191 
LYS CA   C  N S 192 
LYS C    C  N N 193 
LYS O    O  N N 194 
LYS CB   C  N N 195 
LYS CG   C  N N 196 
LYS CD   C  N N 197 
LYS CE   C  N N 198 
LYS NZ   N  N N 199 
LYS OXT  O  N N 200 
LYS H    H  N N 201 
LYS H2   H  N N 202 
LYS HA   H  N N 203 
LYS HB2  H  N N 204 
LYS HB3  H  N N 205 
LYS HG2  H  N N 206 
LYS HG3  H  N N 207 
LYS HD2  H  N N 208 
LYS HD3  H  N N 209 
LYS HE2  H  N N 210 
LYS HE3  H  N N 211 
LYS HZ1  H  N N 212 
LYS HZ2  H  N N 213 
LYS HZ3  H  N N 214 
LYS HXT  H  N N 215 
MET N    N  N N 216 
MET CA   C  N S 217 
MET C    C  N N 218 
MET O    O  N N 219 
MET CB   C  N N 220 
MET CG   C  N N 221 
MET SD   S  N N 222 
MET CE   C  N N 223 
MET OXT  O  N N 224 
MET H    H  N N 225 
MET H2   H  N N 226 
MET HA   H  N N 227 
MET HB2  H  N N 228 
MET HB3  H  N N 229 
MET HG2  H  N N 230 
MET HG3  H  N N 231 
MET HE1  H  N N 232 
MET HE2  H  N N 233 
MET HE3  H  N N 234 
MET HXT  H  N N 235 
PHE N    N  N N 236 
PHE CA   C  N S 237 
PHE C    C  N N 238 
PHE O    O  N N 239 
PHE CB   C  N N 240 
PHE CG   C  Y N 241 
PHE CD1  C  Y N 242 
PHE CD2  C  Y N 243 
PHE CE1  C  Y N 244 
PHE CE2  C  Y N 245 
PHE CZ   C  Y N 246 
PHE OXT  O  N N 247 
PHE H    H  N N 248 
PHE H2   H  N N 249 
PHE HA   H  N N 250 
PHE HB2  H  N N 251 
PHE HB3  H  N N 252 
PHE HD1  H  N N 253 
PHE HD2  H  N N 254 
PHE HE1  H  N N 255 
PHE HE2  H  N N 256 
PHE HZ   H  N N 257 
PHE HXT  H  N N 258 
PRO N    N  N N 259 
PRO CA   C  N S 260 
PRO C    C  N N 261 
PRO O    O  N N 262 
PRO CB   C  N N 263 
PRO CG   C  N N 264 
PRO CD   C  N N 265 
PRO OXT  O  N N 266 
PRO H    H  N N 267 
PRO HA   H  N N 268 
PRO HB2  H  N N 269 
PRO HB3  H  N N 270 
PRO HG2  H  N N 271 
PRO HG3  H  N N 272 
PRO HD2  H  N N 273 
PRO HD3  H  N N 274 
PRO HXT  H  N N 275 
SER N    N  N N 276 
SER CA   C  N S 277 
SER C    C  N N 278 
SER O    O  N N 279 
SER CB   C  N N 280 
SER OG   O  N N 281 
SER OXT  O  N N 282 
SER H    H  N N 283 
SER H2   H  N N 284 
SER HA   H  N N 285 
SER HB2  H  N N 286 
SER HB3  H  N N 287 
SER HG   H  N N 288 
SER HXT  H  N N 289 
THR N    N  N N 290 
THR CA   C  N S 291 
THR C    C  N N 292 
THR O    O  N N 293 
THR CB   C  N R 294 
THR OG1  O  N N 295 
THR CG2  C  N N 296 
THR OXT  O  N N 297 
THR H    H  N N 298 
THR H2   H  N N 299 
THR HA   H  N N 300 
THR HB   H  N N 301 
THR HG1  H  N N 302 
THR HG21 H  N N 303 
THR HG22 H  N N 304 
THR HG23 H  N N 305 
THR HXT  H  N N 306 
TYR N    N  N N 307 
TYR CA   C  N S 308 
TYR C    C  N N 309 
TYR O    O  N N 310 
TYR CB   C  N N 311 
TYR CG   C  Y N 312 
TYR CD1  C  Y N 313 
TYR CD2  C  Y N 314 
TYR CE1  C  Y N 315 
TYR CE2  C  Y N 316 
TYR CZ   C  Y N 317 
TYR OH   O  N N 318 
TYR OXT  O  N N 319 
TYR H    H  N N 320 
TYR H2   H  N N 321 
TYR HA   H  N N 322 
TYR HB2  H  N N 323 
TYR HB3  H  N N 324 
TYR HD1  H  N N 325 
TYR HD2  H  N N 326 
TYR HE1  H  N N 327 
TYR HE2  H  N N 328 
TYR HH   H  N N 329 
TYR HXT  H  N N 330 
VAL N    N  N N 331 
VAL CA   C  N S 332 
VAL C    C  N N 333 
VAL O    O  N N 334 
VAL CB   C  N N 335 
VAL CG1  C  N N 336 
VAL CG2  C  N N 337 
VAL OXT  O  N N 338 
VAL H    H  N N 339 
VAL H2   H  N N 340 
VAL HA   H  N N 341 
VAL HB   H  N N 342 
VAL HG11 H  N N 343 
VAL HG12 H  N N 344 
VAL HG13 H  N N 345 
VAL HG21 H  N N 346 
VAL HG22 H  N N 347 
VAL HG23 H  N N 348 
VAL HXT  H  N N 349 
ZN  ZN   ZN N N 350 
# 
loop_
_chem_comp_bond.comp_id 
_chem_comp_bond.atom_id_1 
_chem_comp_bond.atom_id_2 
_chem_comp_bond.value_order 
_chem_comp_bond.pdbx_aromatic_flag 
_chem_comp_bond.pdbx_stereo_config 
_chem_comp_bond.pdbx_ordinal 
ALA N   CA   sing N N 1   
ALA N   H    sing N N 2   
ALA N   H2   sing N N 3   
ALA CA  C    sing N N 4   
ALA CA  CB   sing N N 5   
ALA CA  HA   sing N N 6   
ALA C   O    doub N N 7   
ALA C   OXT  sing N N 8   
ALA CB  HB1  sing N N 9   
ALA CB  HB2  sing N N 10  
ALA CB  HB3  sing N N 11  
ALA OXT HXT  sing N N 12  
ARG N   CA   sing N N 13  
ARG N   H    sing N N 14  
ARG N   H2   sing N N 15  
ARG CA  C    sing N N 16  
ARG CA  CB   sing N N 17  
ARG CA  HA   sing N N 18  
ARG C   O    doub N N 19  
ARG C   OXT  sing N N 20  
ARG CB  CG   sing N N 21  
ARG CB  HB2  sing N N 22  
ARG CB  HB3  sing N N 23  
ARG CG  CD   sing N N 24  
ARG CG  HG2  sing N N 25  
ARG CG  HG3  sing N N 26  
ARG CD  NE   sing N N 27  
ARG CD  HD2  sing N N 28  
ARG CD  HD3  sing N N 29  
ARG NE  CZ   sing N N 30  
ARG NE  HE   sing N N 31  
ARG CZ  NH1  sing N N 32  
ARG CZ  NH2  doub N N 33  
ARG NH1 HH11 sing N N 34  
ARG NH1 HH12 sing N N 35  
ARG NH2 HH21 sing N N 36  
ARG NH2 HH22 sing N N 37  
ARG OXT HXT  sing N N 38  
ASN N   CA   sing N N 39  
ASN N   H    sing N N 40  
ASN N   H2   sing N N 41  
ASN CA  C    sing N N 42  
ASN CA  CB   sing N N 43  
ASN CA  HA   sing N N 44  
ASN C   O    doub N N 45  
ASN C   OXT  sing N N 46  
ASN CB  CG   sing N N 47  
ASN CB  HB2  sing N N 48  
ASN CB  HB3  sing N N 49  
ASN CG  OD1  doub N N 50  
ASN CG  ND2  sing N N 51  
ASN ND2 HD21 sing N N 52  
ASN ND2 HD22 sing N N 53  
ASN OXT HXT  sing N N 54  
ASP N   CA   sing N N 55  
ASP N   H    sing N N 56  
ASP N   H2   sing N N 57  
ASP CA  C    sing N N 58  
ASP CA  CB   sing N N 59  
ASP CA  HA   sing N N 60  
ASP C   O    doub N N 61  
ASP C   OXT  sing N N 62  
ASP CB  CG   sing N N 63  
ASP CB  HB2  sing N N 64  
ASP CB  HB3  sing N N 65  
ASP CG  OD1  doub N N 66  
ASP CG  OD2  sing N N 67  
ASP OD2 HD2  sing N N 68  
ASP OXT HXT  sing N N 69  
GLN N   CA   sing N N 70  
GLN N   H    sing N N 71  
GLN N   H2   sing N N 72  
GLN CA  C    sing N N 73  
GLN CA  CB   sing N N 74  
GLN CA  HA   sing N N 75  
GLN C   O    doub N N 76  
GLN C   OXT  sing N N 77  
GLN CB  CG   sing N N 78  
GLN CB  HB2  sing N N 79  
GLN CB  HB3  sing N N 80  
GLN CG  CD   sing N N 81  
GLN CG  HG2  sing N N 82  
GLN CG  HG3  sing N N 83  
GLN CD  OE1  doub N N 84  
GLN CD  NE2  sing N N 85  
GLN NE2 HE21 sing N N 86  
GLN NE2 HE22 sing N N 87  
GLN OXT HXT  sing N N 88  
GLU N   CA   sing N N 89  
GLU N   H    sing N N 90  
GLU N   H2   sing N N 91  
GLU CA  C    sing N N 92  
GLU CA  CB   sing N N 93  
GLU CA  HA   sing N N 94  
GLU C   O    doub N N 95  
GLU C   OXT  sing N N 96  
GLU CB  CG   sing N N 97  
GLU CB  HB2  sing N N 98  
GLU CB  HB3  sing N N 99  
GLU CG  CD   sing N N 100 
GLU CG  HG2  sing N N 101 
GLU CG  HG3  sing N N 102 
GLU CD  OE1  doub N N 103 
GLU CD  OE2  sing N N 104 
GLU OE2 HE2  sing N N 105 
GLU OXT HXT  sing N N 106 
GLY N   CA   sing N N 107 
GLY N   H    sing N N 108 
GLY N   H2   sing N N 109 
GLY CA  C    sing N N 110 
GLY CA  HA2  sing N N 111 
GLY CA  HA3  sing N N 112 
GLY C   O    doub N N 113 
GLY C   OXT  sing N N 114 
GLY OXT HXT  sing N N 115 
HIS N   CA   sing N N 116 
HIS N   H    sing N N 117 
HIS N   H2   sing N N 118 
HIS CA  C    sing N N 119 
HIS CA  CB   sing N N 120 
HIS CA  HA   sing N N 121 
HIS C   O    doub N N 122 
HIS C   OXT  sing N N 123 
HIS CB  CG   sing N N 124 
HIS CB  HB2  sing N N 125 
HIS CB  HB3  sing N N 126 
HIS CG  ND1  sing Y N 127 
HIS CG  CD2  doub Y N 128 
HIS ND1 CE1  doub Y N 129 
HIS ND1 HD1  sing N N 130 
HIS CD2 NE2  sing Y N 131 
HIS CD2 HD2  sing N N 132 
HIS CE1 NE2  sing Y N 133 
HIS CE1 HE1  sing N N 134 
HIS NE2 HE2  sing N N 135 
HIS OXT HXT  sing N N 136 
HOH O   H1   sing N N 137 
HOH O   H2   sing N N 138 
ILE N   CA   sing N N 139 
ILE N   H    sing N N 140 
ILE N   H2   sing N N 141 
ILE CA  C    sing N N 142 
ILE CA  CB   sing N N 143 
ILE CA  HA   sing N N 144 
ILE C   O    doub N N 145 
ILE C   OXT  sing N N 146 
ILE CB  CG1  sing N N 147 
ILE CB  CG2  sing N N 148 
ILE CB  HB   sing N N 149 
ILE CG1 CD1  sing N N 150 
ILE CG1 HG12 sing N N 151 
ILE CG1 HG13 sing N N 152 
ILE CG2 HG21 sing N N 153 
ILE CG2 HG22 sing N N 154 
ILE CG2 HG23 sing N N 155 
ILE CD1 HD11 sing N N 156 
ILE CD1 HD12 sing N N 157 
ILE CD1 HD13 sing N N 158 
ILE OXT HXT  sing N N 159 
LEU N   CA   sing N N 160 
LEU N   H    sing N N 161 
LEU N   H2   sing N N 162 
LEU CA  C    sing N N 163 
LEU CA  CB   sing N N 164 
LEU CA  HA   sing N N 165 
LEU C   O    doub N N 166 
LEU C   OXT  sing N N 167 
LEU CB  CG   sing N N 168 
LEU CB  HB2  sing N N 169 
LEU CB  HB3  sing N N 170 
LEU CG  CD1  sing N N 171 
LEU CG  CD2  sing N N 172 
LEU CG  HG   sing N N 173 
LEU CD1 HD11 sing N N 174 
LEU CD1 HD12 sing N N 175 
LEU CD1 HD13 sing N N 176 
LEU CD2 HD21 sing N N 177 
LEU CD2 HD22 sing N N 178 
LEU CD2 HD23 sing N N 179 
LEU OXT HXT  sing N N 180 
LYS N   CA   sing N N 181 
LYS N   H    sing N N 182 
LYS N   H2   sing N N 183 
LYS CA  C    sing N N 184 
LYS CA  CB   sing N N 185 
LYS CA  HA   sing N N 186 
LYS C   O    doub N N 187 
LYS C   OXT  sing N N 188 
LYS CB  CG   sing N N 189 
LYS CB  HB2  sing N N 190 
LYS CB  HB3  sing N N 191 
LYS CG  CD   sing N N 192 
LYS CG  HG2  sing N N 193 
LYS CG  HG3  sing N N 194 
LYS CD  CE   sing N N 195 
LYS CD  HD2  sing N N 196 
LYS CD  HD3  sing N N 197 
LYS CE  NZ   sing N N 198 
LYS CE  HE2  sing N N 199 
LYS CE  HE3  sing N N 200 
LYS NZ  HZ1  sing N N 201 
LYS NZ  HZ2  sing N N 202 
LYS NZ  HZ3  sing N N 203 
LYS OXT HXT  sing N N 204 
MET N   CA   sing N N 205 
MET N   H    sing N N 206 
MET N   H2   sing N N 207 
MET CA  C    sing N N 208 
MET CA  CB   sing N N 209 
MET CA  HA   sing N N 210 
MET C   O    doub N N 211 
MET C   OXT  sing N N 212 
MET CB  CG   sing N N 213 
MET CB  HB2  sing N N 214 
MET CB  HB3  sing N N 215 
MET CG  SD   sing N N 216 
MET CG  HG2  sing N N 217 
MET CG  HG3  sing N N 218 
MET SD  CE   sing N N 219 
MET CE  HE1  sing N N 220 
MET CE  HE2  sing N N 221 
MET CE  HE3  sing N N 222 
MET OXT HXT  sing N N 223 
PHE N   CA   sing N N 224 
PHE N   H    sing N N 225 
PHE N   H2   sing N N 226 
PHE CA  C    sing N N 227 
PHE CA  CB   sing N N 228 
PHE CA  HA   sing N N 229 
PHE C   O    doub N N 230 
PHE C   OXT  sing N N 231 
PHE CB  CG   sing N N 232 
PHE CB  HB2  sing N N 233 
PHE CB  HB3  sing N N 234 
PHE CG  CD1  doub Y N 235 
PHE CG  CD2  sing Y N 236 
PHE CD1 CE1  sing Y N 237 
PHE CD1 HD1  sing N N 238 
PHE CD2 CE2  doub Y N 239 
PHE CD2 HD2  sing N N 240 
PHE CE1 CZ   doub Y N 241 
PHE CE1 HE1  sing N N 242 
PHE CE2 CZ   sing Y N 243 
PHE CE2 HE2  sing N N 244 
PHE CZ  HZ   sing N N 245 
PHE OXT HXT  sing N N 246 
PRO N   CA   sing N N 247 
PRO N   CD   sing N N 248 
PRO N   H    sing N N 249 
PRO CA  C    sing N N 250 
PRO CA  CB   sing N N 251 
PRO CA  HA   sing N N 252 
PRO C   O    doub N N 253 
PRO C   OXT  sing N N 254 
PRO CB  CG   sing N N 255 
PRO CB  HB2  sing N N 256 
PRO CB  HB3  sing N N 257 
PRO CG  CD   sing N N 258 
PRO CG  HG2  sing N N 259 
PRO CG  HG3  sing N N 260 
PRO CD  HD2  sing N N 261 
PRO CD  HD3  sing N N 262 
PRO OXT HXT  sing N N 263 
SER N   CA   sing N N 264 
SER N   H    sing N N 265 
SER N   H2   sing N N 266 
SER CA  C    sing N N 267 
SER CA  CB   sing N N 268 
SER CA  HA   sing N N 269 
SER C   O    doub N N 270 
SER C   OXT  sing N N 271 
SER CB  OG   sing N N 272 
SER CB  HB2  sing N N 273 
SER CB  HB3  sing N N 274 
SER OG  HG   sing N N 275 
SER OXT HXT  sing N N 276 
THR N   CA   sing N N 277 
THR N   H    sing N N 278 
THR N   H2   sing N N 279 
THR CA  C    sing N N 280 
THR CA  CB   sing N N 281 
THR CA  HA   sing N N 282 
THR C   O    doub N N 283 
THR C   OXT  sing N N 284 
THR CB  OG1  sing N N 285 
THR CB  CG2  sing N N 286 
THR CB  HB   sing N N 287 
THR OG1 HG1  sing N N 288 
THR CG2 HG21 sing N N 289 
THR CG2 HG22 sing N N 290 
THR CG2 HG23 sing N N 291 
THR OXT HXT  sing N N 292 
TYR N   CA   sing N N 293 
TYR N   H    sing N N 294 
TYR N   H2   sing N N 295 
TYR CA  C    sing N N 296 
TYR CA  CB   sing N N 297 
TYR CA  HA   sing N N 298 
TYR C   O    doub N N 299 
TYR C   OXT  sing N N 300 
TYR CB  CG   sing N N 301 
TYR CB  HB2  sing N N 302 
TYR CB  HB3  sing N N 303 
TYR CG  CD1  doub Y N 304 
TYR CG  CD2  sing Y N 305 
TYR CD1 CE1  sing Y N 306 
TYR CD1 HD1  sing N N 307 
TYR CD2 CE2  doub Y N 308 
TYR CD2 HD2  sing N N 309 
TYR CE1 CZ   doub Y N 310 
TYR CE1 HE1  sing N N 311 
TYR CE2 CZ   sing Y N 312 
TYR CE2 HE2  sing N N 313 
TYR CZ  OH   sing N N 314 
TYR OH  HH   sing N N 315 
TYR OXT HXT  sing N N 316 
VAL N   CA   sing N N 317 
VAL N   H    sing N N 318 
VAL N   H2   sing N N 319 
VAL CA  C    sing N N 320 
VAL CA  CB   sing N N 321 
VAL CA  HA   sing N N 322 
VAL C   O    doub N N 323 
VAL C   OXT  sing N N 324 
VAL CB  CG1  sing N N 325 
VAL CB  CG2  sing N N 326 
VAL CB  HB   sing N N 327 
VAL CG1 HG11 sing N N 328 
VAL CG1 HG12 sing N N 329 
VAL CG1 HG13 sing N N 330 
VAL CG2 HG21 sing N N 331 
VAL CG2 HG22 sing N N 332 
VAL CG2 HG23 sing N N 333 
VAL OXT HXT  sing N N 334 
# 
_atom_sites.entry_id                    1I27 
_atom_sites.fract_transf_matrix[1][1]   0.02810056 
_atom_sites.fract_transf_matrix[1][2]   -0.00877514 
_atom_sites.fract_transf_matrix[1][3]   -0.01783707 
_atom_sites.fract_transf_matrix[2][1]   0.00811884 
_atom_sites.fract_transf_matrix[2][2]   0.02167478 
_atom_sites.fract_transf_matrix[2][3]   0.00212730 
_atom_sites.fract_transf_matrix[3][1]   0.00954950 
_atom_sites.fract_transf_matrix[3][2]   -0.00530994 
_atom_sites.fract_transf_matrix[3][3]   0.01765659 
_atom_sites.fract_transf_vector[1]      0.606400 
_atom_sites.fract_transf_vector[2]      0.755523 
_atom_sites.fract_transf_vector[3]      0.240827 
# 
loop_
_atom_type.symbol 
C  
N  
O  
S  
ZN 
# 
loop_
_atom_site.group_PDB 
_atom_site.id 
_atom_site.type_symbol 
_atom_site.label_atom_id 
_atom_site.label_alt_id 
_atom_site.label_comp_id 
_atom_site.label_asym_id 
_atom_site.label_entity_id 
_atom_site.label_seq_id 
_atom_site.pdbx_PDB_ins_code 
_atom_site.Cartn_x 
_atom_site.Cartn_y 
_atom_site.Cartn_z 
_atom_site.occupancy 
_atom_site.B_iso_or_equiv 
_atom_site.pdbx_formal_charge 
_atom_site.auth_seq_id 
_atom_site.auth_comp_id 
_atom_site.auth_asym_id 
_atom_site.auth_atom_id 
_atom_site.pdbx_PDB_model_num 
ATOM   1   N  N   . GLY A 1 1  ? -6.425  10.053  5.177   1.00 40.05 ? 445  GLY A N   1 
ATOM   2   C  CA  . GLY A 1 1  ? -5.437  11.046  5.582   1.00 23.28 ? 445  GLY A CA  1 
ATOM   3   C  C   . GLY A 1 1  ? -6.074  12.162  6.388   1.00 19.10 ? 445  GLY A C   1 
ATOM   4   O  O   . GLY A 1 1  ? -7.288  12.128  6.615   1.00 18.70 ? 445  GLY A O   1 
ATOM   5   N  N   . PRO A 1 2  ? -5.320  13.162  6.823   1.00 15.90 ? 446  PRO A N   1 
ATOM   6   C  CA  . PRO A 1 2  ? -5.922  14.221  7.646   1.00 18.82 ? 446  PRO A CA  1 
ATOM   7   C  C   . PRO A 1 2  ? -7.085  14.902  6.928   1.00 15.70 ? 446  PRO A C   1 
ATOM   8   O  O   . PRO A 1 2  ? -6.984  15.212  5.736   1.00 14.59 ? 446  PRO A O   1 
ATOM   9   C  CB  . PRO A 1 2  ? -4.787  15.223  7.866   1.00 25.78 ? 446  PRO A CB  1 
ATOM   10  C  CG  . PRO A 1 2  ? -3.527  14.531  7.496   1.00 22.25 ? 446  PRO A CG  1 
ATOM   11  C  CD  . PRO A 1 2  ? -3.882  13.372  6.615   1.00 25.86 ? 446  PRO A CD  1 
ATOM   12  N  N   . LEU A 1 3  ? -8.161  15.198  7.647   1.00 14.59 ? 447  LEU A N   1 
ATOM   13  C  CA  . LEU A 1 3  ? -9.292  15.971  7.163   1.00 12.97 ? 447  LEU A CA  1 
ATOM   14  C  C   . LEU A 1 3  ? -9.922  15.317  5.932   1.00 12.12 ? 447  LEU A C   1 
ATOM   15  O  O   . LEU A 1 3  ? -10.654 15.992  5.194   1.00 16.68 ? 447  LEU A O   1 
ATOM   16  C  CB  . LEU A 1 3  ? -8.959  17.426  6.841   1.00 16.51 ? 447  LEU A CB  1 
ATOM   17  C  CG  . LEU A 1 3  ? -8.327  18.347  7.873   1.00 31.62 ? 447  LEU A CG  1 
ATOM   18  C  CD1 . LEU A 1 3  ? -8.627  19.814  7.550   1.00 38.31 ? 447  LEU A CD1 1 
ATOM   19  C  CD2 . LEU A 1 3  ? -8.792  18.026  9.280   1.00 28.89 ? 447  LEU A CD2 1 
ATOM   20  N  N   . GLY A 1 4  ? -9.752  14.023  5.723   1.00 12.69 ? 448  GLY A N   1 
ATOM   21  C  CA  . GLY A 1 4  ? -10.400 13.336  4.620   1.00 14.20 ? 448  GLY A CA  1 
ATOM   22  C  C   . GLY A 1 4  ? -9.549  13.350  3.362   1.00 13.86 ? 448  GLY A C   1 
ATOM   23  O  O   . GLY A 1 4  ? -9.994  12.838  2.330   1.00 20.52 ? 448  GLY A O   1 
ATOM   24  N  N   . SER A 1 5  ? -8.338  13.895  3.438   1.00 12.39 ? 449  SER A N   1 
ATOM   25  C  CA  . SER A 1 5  ? -7.377  13.816  2.347   1.00 14.27 ? 449  SER A CA  1 
ATOM   26  C  C   . SER A 1 5  ? -6.968  12.360  2.253   1.00 16.67 ? 449  SER A C   1 
ATOM   27  O  O   . SER A 1 5  ? -7.090  11.570  3.194   1.00 24.01 ? 449  SER A O   1 
ATOM   28  C  CB  . SER A 1 5  ? -6.157  14.682  2.610   1.00 20.13 ? 449  SER A CB  1 
ATOM   29  O  OG  . SER A 1 5  ? -5.520  14.395  3.836   1.00 23.98 ? 449  SER A OG  1 
ATOM   30  N  N   . GLY A 1 6  ? -6.471  11.960  1.110   1.00 16.97 ? 450  GLY A N   1 
ATOM   31  C  CA  . GLY A 1 6  ? -5.986  10.569  1.085   1.00 15.30 ? 450  GLY A CA  1 
ATOM   32  C  C   . GLY A 1 6  ? -5.730  10.314  -0.390  1.00 12.49 ? 450  GLY A C   1 
ATOM   33  O  O   . GLY A 1 6  ? -6.105  11.126  -1.251  1.00 19.47 ? 450  GLY A O   1 
ATOM   34  N  N   . ASP A 1 7  ? -5.070  9.212   -0.677  1.00 11.08 ? 451  ASP A N   1 
ATOM   35  C  CA  . ASP A 1 7  ? -4.753  8.958   -2.074  1.00 10.15 ? 451  ASP A CA  1 
ATOM   36  C  C   . ASP A 1 7  ? -6.026  8.785   -2.892  1.00 8.44  ? 451  ASP A C   1 
ATOM   37  O  O   . ASP A 1 7  ? -6.950  8.097   -2.460  1.00 9.43  ? 451  ASP A O   1 
ATOM   38  C  CB  . ASP A 1 7  ? -3.922  7.684   -2.189  1.00 10.80 ? 451  ASP A CB  1 
ATOM   39  C  CG  . ASP A 1 7  ? -2.689  7.817   -1.337  1.00 21.11 ? 451  ASP A CG  1 
ATOM   40  O  OD1 . ASP A 1 7  ? -1.692  8.235   -1.943  1.00 30.36 ? 451  ASP A OD1 1 
ATOM   41  O  OD2 . ASP A 1 7  ? -2.743  7.547   -0.118  1.00 34.13 ? 451  ASP A OD2 1 
ATOM   42  N  N   . VAL A 1 8  ? -6.005  9.352   -4.099  1.00 8.91  ? 452  VAL A N   1 
ATOM   43  C  CA  . VAL A 1 8  ? -7.122  9.173   -5.028  1.00 8.30  ? 452  VAL A CA  1 
ATOM   44  C  C   . VAL A 1 8  ? -6.767  8.286   -6.219  1.00 8.66  ? 452  VAL A C   1 
ATOM   45  O  O   . VAL A 1 8  ? -7.643  7.938   -7.021  1.00 9.30  ? 452  VAL A O   1 
ATOM   46  C  CB  . VAL A 1 8  ? -7.636  10.535  -5.523  1.00 9.30  ? 452  VAL A CB  1 
ATOM   47  C  CG1 . VAL A 1 8  ? -8.135  11.367  -4.347  1.00 10.64 ? 452  VAL A CG1 1 
ATOM   48  C  CG2 . VAL A 1 8  ? -6.566  11.305  -6.283  1.00 11.89 ? 452  VAL A CG2 1 
ATOM   49  N  N   . GLN A 1 9  ? -5.494  7.907   -6.310  1.00 8.21  ? 453  GLN A N   1 
ATOM   50  C  CA  . GLN A 1 9  ? -5.009  6.930   -7.278  1.00 10.33 ? 453  GLN A CA  1 
ATOM   51  C  C   . GLN A 1 9  ? -4.186  5.881   -6.553  1.00 9.63  ? 453  GLN A C   1 
ATOM   52  O  O   . GLN A 1 9  ? -3.545  6.215   -5.541  1.00 11.65 ? 453  GLN A O   1 
ATOM   53  C  CB  . GLN A 1 9  ? -4.118  7.577   -8.332  1.00 13.77 ? 453  GLN A CB  1 
ATOM   54  C  CG  . GLN A 1 9  ? -4.853  8.595   -9.186  1.00 16.24 ? 453  GLN A CG  1 
ATOM   55  C  CD  . GLN A 1 9  ? -3.890  9.136   -10.231 1.00 25.03 ? 453  GLN A CD  1 
ATOM   56  O  OE1 . GLN A 1 9  ? -2.924  9.804   -9.866  1.00 30.51 ? 453  GLN A OE1 1 
ATOM   57  N  NE2 . GLN A 1 9  ? -4.166  8.801   -11.480 1.00 28.42 ? 453  GLN A NE2 1 
ATOM   58  N  N   . VAL A 1 10 ? -4.196  4.670   -7.069  1.00 8.37  ? 454  VAL A N   1 
ATOM   59  C  CA  . VAL A 1 10 ? -3.383  3.602   -6.506  1.00 8.23  ? 454  VAL A CA  1 
ATOM   60  C  C   . VAL A 1 10 ? -2.176  3.414   -7.407  1.00 7.93  ? 454  VAL A C   1 
ATOM   61  O  O   . VAL A 1 10 ? -2.297  2.901   -8.519  1.00 8.60  ? 454  VAL A O   1 
ATOM   62  C  CB  . VAL A 1 10 ? -4.186  2.300   -6.346  1.00 9.05  ? 454  VAL A CB  1 
ATOM   63  C  CG1 . VAL A 1 10 ? -3.364  1.318   -5.511  1.00 10.56 ? 454  VAL A CG1 1 
ATOM   64  C  CG2 . VAL A 1 10 ? -5.551  2.545   -5.730  1.00 11.26 ? 454  VAL A CG2 1 
ATOM   65  N  N   . THR A 1 11 ? -1.020  3.903   -6.979  1.00 7.93  ? 455  THR A N   1 
ATOM   66  C  CA  . THR A 1 11 ? 0.159   3.961   -7.825  1.00 7.88  ? 455  THR A CA  1 
ATOM   67  C  C   . THR A 1 11 ? 1.401   3.476   -7.088  1.00 7.50  ? 455  THR A C   1 
ATOM   68  O  O   . THR A 1 11 ? 1.453   3.491   -5.858  1.00 7.88  ? 455  THR A O   1 
ATOM   69  C  CB  . THR A 1 11 ? 0.448   5.412   -8.294  1.00 9.34  ? 455  THR A CB  1 
ATOM   70  O  OG1 . THR A 1 11 ? 0.764   6.177   -7.123  1.00 10.72 ? 455  THR A OG1 1 
ATOM   71  C  CG2 . THR A 1 11 ? -0.772  5.977   -9.009  1.00 11.37 ? 455  THR A CG2 1 
ATOM   72  N  N   . GLU A 1 12 ? 2.399   3.100   -7.881  1.00 7.72  ? 456  GLU A N   1 
ATOM   73  C  CA  . GLU A 1 12 ? 3.707   2.789   -7.331  1.00 7.37  ? 456  GLU A CA  1 
ATOM   74  C  C   . GLU A 1 12 ? 4.237   3.964   -6.512  1.00 6.58  ? 456  GLU A C   1 
ATOM   75  O  O   . GLU A 1 12 ? 4.780   3.740   -5.425  1.00 6.91  ? 456  GLU A O   1 
ATOM   76  C  CB  . GLU A 1 12 ? 4.707   2.439   -8.446  1.00 8.50  ? 456  GLU A CB  1 
ATOM   77  C  CG  . GLU A 1 12 ? 6.048   1.998   -7.848  1.00 9.67  ? 456  GLU A CG  1 
ATOM   78  C  CD  . GLU A 1 12 ? 7.116   1.767   -8.892  1.00 11.19 ? 456  GLU A CD  1 
ATOM   79  O  OE1 . GLU A 1 12 ? 7.864   2.717   -9.213  1.00 15.46 ? 456  GLU A OE1 1 
ATOM   80  O  OE2 . GLU A 1 12 ? 7.251   0.629   -9.373  1.00 11.67 ? 456  GLU A OE2 1 
ATOM   81  N  N   . ASP A 1 13 ? 4.114   5.188   -7.013  1.00 7.39  ? 457  ASP A N   1 
ATOM   82  C  CA  . ASP A 1 13 ? 4.621   6.338   -6.257  1.00 7.67  ? 457  ASP A CA  1 
ATOM   83  C  C   . ASP A 1 13 ? 3.991   6.411   -4.875  1.00 7.12  ? 457  ASP A C   1 
ATOM   84  O  O   . ASP A 1 13 ? 4.684   6.676   -3.881  1.00 8.32  ? 457  ASP A O   1 
ATOM   85  C  CB  . ASP A 1 13 ? 4.343   7.638   -7.007  1.00 10.46 ? 457  ASP A CB  1 
ATOM   86  C  CG  . ASP A 1 13 ? 5.123   7.785   -8.295  1.00 12.52 ? 457  ASP A CG  1 
ATOM   87  O  OD1 . ASP A 1 13 ? 6.171   7.133   -8.474  1.00 18.22 ? 457  ASP A OD1 1 
ATOM   88  O  OD2 . ASP A 1 13 ? 4.707   8.586   -9.160  1.00 16.03 ? 457  ASP A OD2 1 
ATOM   89  N  N   . ALA A 1 14 ? 2.675   6.200   -4.798  1.00 7.77  ? 458  ALA A N   1 
ATOM   90  C  CA  . ALA A 1 14 ? 1.988   6.283   -3.509  1.00 8.81  ? 458  ALA A CA  1 
ATOM   91  C  C   . ALA A 1 14 ? 2.417   5.162   -2.566  1.00 7.28  ? 458  ALA A C   1 
ATOM   92  O  O   . ALA A 1 14 ? 2.686   5.390   -1.378  1.00 9.74  ? 458  ALA A O   1 
ATOM   93  C  CB  . ALA A 1 14 ? 0.477   6.263   -3.711  1.00 10.98 ? 458  ALA A CB  1 
ATOM   94  N  N   . VAL A 1 15 ? 2.505   3.943   -3.093  1.00 6.77  ? 459  VAL A N   1 
ATOM   95  C  CA  . VAL A 1 15 ? 2.952   2.818   -2.266  1.00 7.02  ? 459  VAL A CA  1 
ATOM   96  C  C   . VAL A 1 15 ? 4.383   3.054   -1.798  1.00 6.59  ? 459  VAL A C   1 
ATOM   97  O  O   . VAL A 1 15 ? 4.703   2.788   -0.638  1.00 7.80  ? 459  VAL A O   1 
ATOM   98  C  CB  . VAL A 1 15 ? 2.804   1.500   -3.064  1.00 7.09  ? 459  VAL A CB  1 
ATOM   99  C  CG1 . VAL A 1 15 ? 3.492   0.344   -2.340  1.00 8.32  ? 459  VAL A CG1 1 
ATOM   100 C  CG2 . VAL A 1 15 ? 1.321   1.230   -3.291  1.00 7.79  ? 459  VAL A CG2 1 
ATOM   101 N  N   . ARG A 1 16 ? 5.243   3.565   -2.670  1.00 7.16  ? 460  ARG A N   1 
ATOM   102 C  CA  . ARG A 1 16 ? 6.630   3.833   -2.297  1.00 8.38  ? 460  ARG A CA  1 
ATOM   103 C  C   . ARG A 1 16 ? 6.669   4.823   -1.144  1.00 8.15  ? 460  ARG A C   1 
ATOM   104 O  O   . ARG A 1 16 ? 7.453   4.656   -0.203  1.00 9.65  ? 460  ARG A O   1 
ATOM   105 C  CB  . ARG A 1 16 ? 7.390   4.361   -3.530  1.00 9.43  ? 460  ARG A CB  1 
ATOM   106 C  CG  . ARG A 1 16 ? 8.790   4.825   -3.173  1.00 11.01 ? 460  ARG A CG  1 
ATOM   107 C  CD  . ARG A 1 16 ? 9.534   5.384   -4.363  1.00 12.27 ? 460  ARG A CD  1 
ATOM   108 N  NE  . ARG A 1 16 ? 9.527   4.473   -5.499  1.00 15.52 ? 460  ARG A NE  1 
ATOM   109 C  CZ  . ARG A 1 16 ? 10.313  3.408   -5.612  1.00 16.35 ? 460  ARG A CZ  1 
ATOM   110 N  NH1 . ARG A 1 16 ? 11.193  3.073   -4.669  1.00 17.66 ? 460  ARG A NH1 1 
ATOM   111 N  NH2 . ARG A 1 16 ? 10.202  2.664   -6.709  1.00 19.31 ? 460  ARG A NH2 1 
ATOM   112 N  N   . ARG A 1 17 ? 5.864   5.882   -1.190  1.00 8.84  ? 461  ARG A N   1 
ATOM   113 C  CA  . ARG A 1 17 ? 5.841   6.861   -0.097  1.00 10.76 ? 461  ARG A CA  1 
ATOM   114 C  C   . ARG A 1 17 ? 5.537   6.160   1.226   1.00 9.15  ? 461  ARG A C   1 
ATOM   115 O  O   . ARG A 1 17 ? 6.179   6.432   2.250   1.00 12.93 ? 461  ARG A O   1 
ATOM   116 C  CB  . ARG A 1 17 ? 4.842   7.984   -0.370  1.00 14.96 ? 461  ARG A CB  1 
ATOM   117 C  CG  . ARG A 1 17 ? 5.218   8.984   -1.433  1.00 21.81 ? 461  ARG A CG  1 
ATOM   118 C  CD  . ARG A 1 17 ? 4.225   10.115  -1.613  1.00 30.41 ? 461  ARG A CD  1 
ATOM   119 N  NE  . ARG A 1 17 ? 2.976   9.769   -2.265  1.00 30.63 ? 461  ARG A NE  1 
ATOM   120 C  CZ  . ARG A 1 17 ? 2.643   9.952   -3.532  1.00 26.60 ? 461  ARG A CZ  1 
ATOM   121 N  NH1 . ARG A 1 17 ? 3.492   10.499  -4.387  1.00 26.53 ? 461  ARG A NH1 1 
ATOM   122 N  NH2 . ARG A 1 17 ? 1.445   9.581   -3.972  1.00 36.42 ? 461  ARG A NH2 1 
ATOM   123 N  N   . TYR A 1 18 ? 4.540   5.271   1.248   1.00 7.43  ? 462  TYR A N   1 
ATOM   124 C  CA  . TYR A 1 18 ? 4.195   4.604   2.492   1.00 7.36  ? 462  TYR A CA  1 
ATOM   125 C  C   . TYR A 1 18 ? 5.292   3.634   2.949   1.00 6.54  ? 462  TYR A C   1 
ATOM   126 O  O   . TYR A 1 18 ? 5.624   3.603   4.135   1.00 7.52  ? 462  TYR A O   1 
ATOM   127 C  CB  . TYR A 1 18 ? 2.874   3.840   2.352   1.00 8.17  ? 462  TYR A CB  1 
ATOM   128 C  CG  . TYR A 1 18 ? 1.685   4.766   2.232   1.00 8.82  ? 462  TYR A CG  1 
ATOM   129 C  CD1 . TYR A 1 18 ? 1.401   5.634   3.278   1.00 12.32 ? 462  TYR A CD1 1 
ATOM   130 C  CD2 . TYR A 1 18 ? 0.875   4.797   1.111   1.00 10.03 ? 462  TYR A CD2 1 
ATOM   131 C  CE1 . TYR A 1 18 ? 0.331   6.502   3.216   1.00 14.76 ? 462  TYR A CE1 1 
ATOM   132 C  CE2 . TYR A 1 18 ? -0.191  5.671   1.049   1.00 13.49 ? 462  TYR A CE2 1 
ATOM   133 C  CZ  . TYR A 1 18 ? -0.466  6.521   2.098   1.00 14.53 ? 462  TYR A CZ  1 
ATOM   134 O  OH  . TYR A 1 18 ? -1.528  7.394   2.023   1.00 20.67 ? 462  TYR A OH  1 
ATOM   135 N  N   . LEU A 1 19 ? 5.822   2.829   2.027   1.00 6.49  ? 463  LEU A N   1 
ATOM   136 C  CA  . LEU A 1 19 ? 6.776   1.786   2.431   1.00 6.66  ? 463  LEU A CA  1 
ATOM   137 C  C   . LEU A 1 19 ? 8.145   2.349   2.796   1.00 6.72  ? 463  LEU A C   1 
ATOM   138 O  O   . LEU A 1 19 ? 8.941   1.656   3.443   1.00 7.24  ? 463  LEU A O   1 
ATOM   139 C  CB  . LEU A 1 19 ? 6.920   0.750   1.307   1.00 6.80  ? 463  LEU A CB  1 
ATOM   140 C  CG  . LEU A 1 19 ? 5.664   -0.078  1.008   1.00 7.19  ? 463  LEU A CG  1 
ATOM   141 C  CD1 . LEU A 1 19 ? 6.000   -1.131  -0.039  1.00 8.37  ? 463  LEU A CD1 1 
ATOM   142 C  CD2 . LEU A 1 19 ? 5.077   -0.693  2.275   1.00 9.01  ? 463  LEU A CD2 1 
ATOM   143 N  N   . THR A 1 20 ? 8.453   3.559   2.375   1.00 7.59  ? 464  THR A N   1 
ATOM   144 C  CA  . THR A 1 20 ? 9.691   4.210   2.806   1.00 8.25  ? 464  THR A CA  1 
ATOM   145 C  C   . THR A 1 20 ? 9.530   4.769   4.219   1.00 8.77  ? 464  THR A C   1 
ATOM   146 O  O   . THR A 1 20 ? 10.522  5.006   4.895   1.00 11.30 ? 464  THR A O   1 
ATOM   147 C  CB  . THR A 1 20 ? 10.141  5.254   1.781   1.00 10.28 ? 464  THR A CB  1 
ATOM   148 O  OG1 A THR A 1 20 ? 10.273  4.679   0.458   0.62 9.46  ? 464  THR A OG1 1 
ATOM   149 O  OG1 B THR A 1 20 ? 11.424  5.809   2.083   0.38 21.36 ? 464  THR A OG1 1 
ATOM   150 C  CG2 A THR A 1 20 ? 11.535  5.799   2.068   0.62 26.63 ? 464  THR A CG2 1 
ATOM   151 C  CG2 B THR A 1 20 ? 9.131   6.368   1.783   0.38 5.57  ? 464  THR A CG2 1 
ATOM   152 N  N   . ARG A 1 21 ? 8.298   4.974   4.695   1.00 8.34  ? 465  ARG A N   1 
ATOM   153 C  CA  . ARG A 1 21 ? 8.078   5.436   6.068   1.00 9.41  ? 465  ARG A CA  1 
ATOM   154 C  C   . ARG A 1 21 ? 8.177   4.317   7.095   1.00 9.37  ? 465  ARG A C   1 
ATOM   155 O  O   . ARG A 1 21 ? 8.738   4.565   8.177   1.00 9.66  ? 465  ARG A O   1 
ATOM   156 C  CB  . ARG A 1 21 ? 6.668   6.030   6.222   1.00 12.26 ? 465  ARG A CB  1 
ATOM   157 C  CG  . ARG A 1 21 ? 6.504   7.363   5.556   1.00 13.82 ? 465  ARG A CG  1 
ATOM   158 C  CD  . ARG A 1 21 ? 5.037   7.818   5.578   1.00 17.03 ? 465  ARG A CD  1 
ATOM   159 N  NE  . ARG A 1 21 ? 4.914   8.931   4.641   1.00 19.91 ? 465  ARG A NE  1 
ATOM   160 C  CZ  . ARG A 1 21 ? 3.790   9.327   4.090   1.00 19.46 ? 465  ARG A CZ  1 
ATOM   161 N  NH1 . ARG A 1 21 ? 2.657   8.704   4.395   1.00 28.82 ? 465  ARG A NH1 1 
ATOM   162 N  NH2 . ARG A 1 21 ? 3.771   10.349  3.241   1.00 31.61 ? 465  ARG A NH2 1 
ATOM   163 N  N   . LYS A 1 22 ? 7.603   3.159   6.803   1.00 8.98  ? 466  LYS A N   1 
ATOM   164 C  CA  . LYS A 1 22 ? 7.609   2.055   7.767   1.00 9.93  ? 466  LYS A CA  1 
ATOM   165 C  C   . LYS A 1 22 ? 7.174   0.782   7.041   1.00 8.66  ? 466  LYS A C   1 
ATOM   166 O  O   . LYS A 1 22 ? 6.466   0.826   6.029   1.00 8.55  ? 466  LYS A O   1 
ATOM   167 C  CB  . LYS A 1 22 ? 6.695   2.297   8.972   1.00 13.61 ? 466  LYS A CB  1 
ATOM   168 C  CG  A LYS A 1 22 ? 5.209   2.267   8.763   0.32 15.24 ? 466  LYS A CG  1 
ATOM   169 C  CG  B LYS A 1 22 ? 5.235   2.245   8.575   0.68 19.20 ? 466  LYS A CG  1 
ATOM   170 C  CD  A LYS A 1 22 ? 4.416   2.928   9.892   0.32 16.10 ? 466  LYS A CD  1 
ATOM   171 C  CD  B LYS A 1 22 ? 4.284   2.867   9.573   0.68 19.89 ? 466  LYS A CD  1 
ATOM   172 C  CE  A LYS A 1 22 ? 3.399   3.861   9.266   0.32 21.67 ? 466  LYS A CE  1 
ATOM   173 C  CE  B LYS A 1 22 ? 4.535   2.421   10.993  0.68 19.86 ? 466  LYS A CE  1 
ATOM   174 N  NZ  A LYS A 1 22 ? 2.446   4.546   10.172  0.32 14.80 ? 466  LYS A NZ  1 
ATOM   175 N  NZ  B LYS A 1 22 ? 3.605   1.363   11.463  0.68 26.81 ? 466  LYS A NZ  1 
ATOM   176 N  N   . PRO A 1 23 ? 7.567   -0.371  7.568   1.00 8.59  ? 467  PRO A N   1 
ATOM   177 C  CA  . PRO A 1 23 ? 7.083   -1.627  6.982   1.00 7.46  ? 467  PRO A CA  1 
ATOM   178 C  C   . PRO A 1 23 ? 5.579   -1.781  7.130   1.00 6.65  ? 467  PRO A C   1 
ATOM   179 O  O   . PRO A 1 23 ? 5.014   -1.414  8.166   1.00 8.46  ? 467  PRO A O   1 
ATOM   180 C  CB  . PRO A 1 23 ? 7.821   -2.716  7.778   1.00 8.66  ? 467  PRO A CB  1 
ATOM   181 C  CG  . PRO A 1 23 ? 9.011   -2.009  8.346   1.00 10.29 ? 467  PRO A CG  1 
ATOM   182 C  CD  . PRO A 1 23 ? 8.521   -0.615  8.667   1.00 9.88  ? 467  PRO A CD  1 
ATOM   183 N  N   . MET A 1 24 ? 4.942   -2.347  6.097   1.00 6.91  ? 468  MET A N   1 
ATOM   184 C  CA  . MET A 1 24 ? 3.485   -2.465  6.055   1.00 6.95  ? 468  MET A CA  1 
ATOM   185 C  C   . MET A 1 24 ? 3.087   -3.789  5.403   1.00 6.77  ? 468  MET A C   1 
ATOM   186 O  O   . MET A 1 24 ? 3.729   -4.218  4.437   1.00 7.57  ? 468  MET A O   1 
ATOM   187 C  CB  . MET A 1 24 ? 2.888   -1.334  5.201   1.00 8.50  ? 468  MET A CB  1 
ATOM   188 C  CG  A MET A 1 24 ? 3.073   0.001   5.951   0.65 7.43  ? 468  MET A CG  1 
ATOM   189 C  CG  B MET A 1 24 ? 3.420   0.062   5.460   0.35 13.54 ? 468  MET A CG  1 
ATOM   190 S  SD  A MET A 1 24 ? 2.539   1.398   4.948   0.65 9.04  ? 468  MET A SD  1 
ATOM   191 S  SD  B MET A 1 24 ? 2.185   0.793   6.552   0.35 15.13 ? 468  MET A SD  1 
ATOM   192 C  CE  A MET A 1 24 ? 0.764   1.169   5.031   0.65 10.54 ? 468  MET A CE  1 
ATOM   193 C  CE  B MET A 1 24 ? 1.063   1.491   5.341   0.35 19.20 ? 468  MET A CE  1 
ATOM   194 N  N   . THR A 1 25 ? 1.991   -4.364  5.876   1.00 6.75  ? 469  THR A N   1 
ATOM   195 C  CA  . THR A 1 25 ? 1.389   -5.496  5.190   1.00 7.28  ? 469  THR A CA  1 
ATOM   196 C  C   . THR A 1 25 ? 0.469   -5.036  4.054   1.00 7.04  ? 469  THR A C   1 
ATOM   197 O  O   . THR A 1 25 ? 0.143   -3.851  3.911   1.00 7.29  ? 469  THR A O   1 
ATOM   198 C  CB  . THR A 1 25 ? 0.552   -6.357  6.152   1.00 8.07  ? 469  THR A CB  1 
ATOM   199 O  OG1 . THR A 1 25 ? -0.568  -5.551  6.550   1.00 8.86  ? 469  THR A OG1 1 
ATOM   200 C  CG2 . THR A 1 25 ? 1.341   -6.774  7.383   1.00 9.07  ? 469  THR A CG2 1 
ATOM   201 N  N   . THR A 1 26 ? 0.001   -6.004  3.266   1.00 8.01  ? 470  THR A N   1 
ATOM   202 C  CA  . THR A 1 26 ? -1.001  -5.673  2.255   1.00 8.40  ? 470  THR A CA  1 
ATOM   203 C  C   . THR A 1 26 ? -2.261  -5.076  2.864   1.00 8.41  ? 470  THR A C   1 
ATOM   204 O  O   . THR A 1 26 ? -2.810  -4.092  2.349   1.00 9.65  ? 470  THR A O   1 
ATOM   205 C  CB  . THR A 1 26 ? -1.317  -6.897  1.377   1.00 11.26 ? 470  THR A CB  1 
ATOM   206 O  OG1 A THR A 1 26 ? -1.784  -7.992  2.129   0.49 10.31 ? 470  THR A OG1 1 
ATOM   207 O  OG1 B THR A 1 26 ? -0.149  -7.418  0.736   0.51 15.86 ? 470  THR A OG1 1 
ATOM   208 C  CG2 A THR A 1 26 ? -0.031  -7.382  0.704   0.49 14.96 ? 470  THR A CG2 1 
ATOM   209 C  CG2 B THR A 1 26 ? -2.322  -6.567  0.286   0.51 11.63 ? 470  THR A CG2 1 
ATOM   210 N  N   . LYS A 1 27 ? -2.734  -5.626  3.980   1.00 8.92  ? 471  LYS A N   1 
ATOM   211 C  CA  . LYS A 1 27 ? -3.914  -5.081  4.656   1.00 9.23  ? 471  LYS A CA  1 
ATOM   212 C  C   . LYS A 1 27 ? -3.660  -3.634  5.066   1.00 8.65  ? 471  LYS A C   1 
ATOM   213 O  O   . LYS A 1 27 ? -4.512  -2.750  4.948   1.00 9.21  ? 471  LYS A O   1 
ATOM   214 C  CB  . LYS A 1 27 ? -4.248  -5.947  5.879   1.00 10.92 ? 471  LYS A CB  1 
ATOM   215 C  CG  . LYS A 1 27 ? -5.431  -5.441  6.713   1.00 15.08 ? 471  LYS A CG  1 
ATOM   216 C  CD  . LYS A 1 27 ? -5.727  -6.421  7.843   1.00 25.15 ? 471  LYS A CD  1 
ATOM   217 C  CE  . LYS A 1 27 ? -6.662  -5.805  8.878   1.00 36.09 ? 471  LYS A CE  1 
ATOM   218 N  NZ  . LYS A 1 27 ? -7.141  -6.816  9.857   1.00 41.86 ? 471  LYS A NZ  1 
ATOM   219 N  N   . ASP A 1 28 ? -2.457  -3.374  5.586   1.00 8.09  ? 472  ASP A N   1 
ATOM   220 C  CA  . ASP A 1 28 ? -2.119  -2.013  6.003   1.00 8.13  ? 472  ASP A CA  1 
ATOM   221 C  C   . ASP A 1 28 ? -2.168  -1.052  4.812   1.00 7.46  ? 472  ASP A C   1 
ATOM   222 O  O   . ASP A 1 28 ? -2.649  0.072   4.913   1.00 8.59  ? 472  ASP A O   1 
ATOM   223 C  CB  . ASP A 1 28 ? -0.721  -1.963  6.613   1.00 9.27  ? 472  ASP A CB  1 
ATOM   224 C  CG  . ASP A 1 28 ? -0.520  -2.699  7.909   1.00 9.11  ? 472  ASP A CG  1 
ATOM   225 O  OD1 . ASP A 1 28 ? 0.627   -3.150  8.128   1.00 9.21  ? 472  ASP A OD1 1 
ATOM   226 O  OD2 . ASP A 1 28 ? -1.471  -2.836  8.690   1.00 13.28 ? 472  ASP A OD2 1 
ATOM   227 N  N   . LEU A 1 29 ? -1.603  -1.504  3.685   1.00 7.34  ? 473  LEU A N   1 
ATOM   228 C  CA  . LEU A 1 29 ? -1.609  -0.657  2.500   1.00 7.62  ? 473  LEU A CA  1 
ATOM   229 C  C   . LEU A 1 29 ? -3.012  -0.418  1.972   1.00 7.44  ? 473  LEU A C   1 
ATOM   230 O  O   . LEU A 1 29 ? -3.325  0.694   1.539   1.00 8.01  ? 473  LEU A O   1 
ATOM   231 C  CB  . LEU A 1 29 ? -0.743  -1.277  1.400   1.00 7.54  ? 473  LEU A CB  1 
ATOM   232 C  CG  . LEU A 1 29 ? 0.766   -1.129  1.598   1.00 8.32  ? 473  LEU A CG  1 
ATOM   233 C  CD1 . LEU A 1 29 ? 1.504   -2.134  0.729   1.00 10.69 ? 473  LEU A CD1 1 
ATOM   234 C  CD2 . LEU A 1 29 ? 1.255   0.291   1.355   1.00 10.17 ? 473  LEU A CD2 1 
ATOM   235 N  N   . LEU A 1 30 ? -3.861  -1.450  1.978   1.00 8.35  ? 474  LEU A N   1 
ATOM   236 C  CA  . LEU A 1 30 ? -5.219  -1.266  1.473   1.00 8.33  ? 474  LEU A CA  1 
ATOM   237 C  C   . LEU A 1 30 ? -5.964  -0.189  2.231   1.00 9.08  ? 474  LEU A C   1 
ATOM   238 O  O   . LEU A 1 30 ? -6.787  0.534   1.655   1.00 9.56  ? 474  LEU A O   1 
ATOM   239 C  CB  . LEU A 1 30 ? -5.966  -2.601  1.500   1.00 9.71  ? 474  LEU A CB  1 
ATOM   240 C  CG  . LEU A 1 30 ? -5.548  -3.604  0.443   1.00 13.77 ? 474  LEU A CG  1 
ATOM   241 C  CD1 . LEU A 1 30 ? -6.044  -5.011  0.744   1.00 14.84 ? 474  LEU A CD1 1 
ATOM   242 C  CD2 . LEU A 1 30 ? -6.116  -3.159  -0.913  1.00 19.33 ? 474  LEU A CD2 1 
ATOM   243 N  N   . LYS A 1 31 ? -5.697  -0.040  3.530   1.00 9.68  ? 475  LYS A N   1 
ATOM   244 C  CA  . LYS A 1 31 ? -6.373  0.998   4.294   1.00 10.86 ? 475  LYS A CA  1 
ATOM   245 C  C   . LYS A 1 31 ? -6.048  2.397   3.781   1.00 9.76  ? 475  LYS A C   1 
ATOM   246 O  O   . LYS A 1 31 ? -6.841  3.309   4.006   1.00 13.02 ? 475  LYS A O   1 
ATOM   247 C  CB  . LYS A 1 31 ? -5.964  0.938   5.769   1.00 13.36 ? 475  LYS A CB  1 
ATOM   248 C  CG  . LYS A 1 31 ? -6.524  -0.248  6.541   1.00 21.99 ? 475  LYS A CG  1 
ATOM   249 C  CD  . LYS A 1 31 ? -6.348  0.013   8.035   1.00 33.18 ? 475  LYS A CD  1 
ATOM   250 C  CE  . LYS A 1 31 ? -7.175  -0.952  8.864   1.00 41.93 ? 475  LYS A CE  1 
ATOM   251 N  NZ  . LYS A 1 31 ? -7.577  -0.368  10.175  1.00 61.98 ? 475  LYS A NZ  1 
ATOM   252 N  N   . LYS A 1 32 ? -4.916  2.558   3.091   1.00 8.81  ? 476  LYS A N   1 
ATOM   253 C  CA  . LYS A 1 32 ? -4.536  3.863   2.571   1.00 9.02  ? 476  LYS A CA  1 
ATOM   254 C  C   . LYS A 1 32 ? -5.254  4.206   1.275   1.00 8.06  ? 476  LYS A C   1 
ATOM   255 O  O   . LYS A 1 32 ? -5.216  5.372   0.880   1.00 10.19 ? 476  LYS A O   1 
ATOM   256 C  CB  . LYS A 1 32 ? -3.022  3.937   2.307   1.00 9.54  ? 476  LYS A CB  1 
ATOM   257 C  CG  . LYS A 1 32 ? -2.165  3.628   3.522   1.00 12.67 ? 476  LYS A CG  1 
ATOM   258 C  CD  . LYS A 1 32 ? -2.453  4.556   4.695   1.00 14.38 ? 476  LYS A CD  1 
ATOM   259 C  CE  . LYS A 1 32 ? -1.371  4.426   5.757   1.00 18.56 ? 476  LYS A CE  1 
ATOM   260 N  NZ  . LYS A 1 32 ? -1.631  5.303   6.935   1.00 28.40 ? 476  LYS A NZ  1 
ATOM   261 N  N   . PHE A 1 33 ? -5.857  3.240   0.624   1.00 7.45  ? 477  PHE A N   1 
ATOM   262 C  CA  . PHE A 1 33 ? -6.491  3.442   -0.683  1.00 7.32  ? 477  PHE A CA  1 
ATOM   263 C  C   . PHE A 1 33 ? -7.988  3.120   -0.574  1.00 7.40  ? 477  PHE A C   1 
ATOM   264 O  O   . PHE A 1 33 ? -8.434  2.000   -0.803  1.00 9.14  ? 477  PHE A O   1 
ATOM   265 C  CB  . PHE A 1 33 ? -5.824  2.545   -1.730  1.00 7.97  ? 477  PHE A CB  1 
ATOM   266 C  CG  . PHE A 1 33 ? -4.350  2.891   -1.888  1.00 7.80  ? 477  PHE A CG  1 
ATOM   267 C  CD1 . PHE A 1 33 ? -3.382  2.083   -1.308  1.00 9.32  ? 477  PHE A CD1 1 
ATOM   268 C  CD2 . PHE A 1 33 ? -3.966  4.026   -2.608  1.00 7.99  ? 477  PHE A CD2 1 
ATOM   269 C  CE1 . PHE A 1 33 ? -2.038  2.378   -1.459  1.00 10.40 ? 477  PHE A CE1 1 
ATOM   270 C  CE2 . PHE A 1 33 ? -2.622  4.321   -2.729  1.00 8.45  ? 477  PHE A CE2 1 
ATOM   271 C  CZ  . PHE A 1 33 ? -1.658  3.515   -2.145  1.00 9.52  ? 477  PHE A CZ  1 
ATOM   272 N  N   . GLN A 1 34 ? -8.735  4.146   -0.208  1.00 8.35  ? 478  GLN A N   1 
ATOM   273 C  CA  . GLN A 1 34 ? -10.133 3.984   0.145   1.00 9.00  ? 478  GLN A CA  1 
ATOM   274 C  C   . GLN A 1 34 ? -11.043 4.265   -1.041  1.00 6.97  ? 478  GLN A C   1 
ATOM   275 O  O   . GLN A 1 34 ? -10.850 5.263   -1.746  1.00 7.64  ? 478  GLN A O   1 
ATOM   276 C  CB  . GLN A 1 34 ? -10.465 4.975   1.277   1.00 13.56 ? 478  GLN A CB  1 
ATOM   277 C  CG  . GLN A 1 34 ? -9.732  4.578   2.553   1.00 19.97 ? 478  GLN A CG  1 
ATOM   278 C  CD  . GLN A 1 34 ? -10.320 3.384   3.276   1.00 35.16 ? 478  GLN A CD  1 
ATOM   279 O  OE1 . GLN A 1 34 ? -11.484 3.012   3.112   1.00 50.67 ? 478  GLN A OE1 1 
ATOM   280 N  NE2 . GLN A 1 34 ? -9.516  2.742   4.123   1.00 51.71 ? 478  GLN A NE2 1 
ATOM   281 N  N   . THR A 1 35 ? -12.057 3.415   -1.210  1.00 7.87  ? 479  THR A N   1 
ATOM   282 C  CA  . THR A 1 35 ? -13.028 3.625   -2.292  1.00 8.08  ? 479  THR A CA  1 
ATOM   283 C  C   . THR A 1 35 ? -13.646 5.007   -2.266  1.00 7.87  ? 479  THR A C   1 
ATOM   284 O  O   . THR A 1 35 ? -13.904 5.579   -3.327  1.00 8.48  ? 479  THR A O   1 
ATOM   285 C  CB  . THR A 1 35 ? -14.126 2.546   -2.192  1.00 8.92  ? 479  THR A CB  1 
ATOM   286 O  OG1 . THR A 1 35 ? -13.506 1.268   -2.335  1.00 9.00  ? 479  THR A OG1 1 
ATOM   287 C  CG2 . THR A 1 35 ? -15.176 2.730   -3.282  1.00 9.94  ? 479  THR A CG2 1 
ATOM   288 N  N   . LYS A 1 36 ? -13.892 5.572   -1.084  1.00 8.35  ? 480  LYS A N   1 
ATOM   289 C  CA  . LYS A 1 36 ? -14.482 6.914   -1.013  1.00 11.05 ? 480  LYS A CA  1 
ATOM   290 C  C   . LYS A 1 36 ? -13.607 7.978   -1.670  1.00 8.13  ? 480  LYS A C   1 
ATOM   291 O  O   . LYS A 1 36 ? -14.138 9.040   -2.037  1.00 9.54  ? 480  LYS A O   1 
ATOM   292 C  CB  A LYS A 1 36 ? -14.722 7.229   0.467   0.47 20.99 ? 480  LYS A CB  1 
ATOM   293 C  CB  B LYS A 1 36 ? -14.822 7.287   0.423   0.53 18.09 ? 480  LYS A CB  1 
ATOM   294 C  CG  A LYS A 1 36 ? -14.456 8.641   0.930   0.47 21.48 ? 480  LYS A CG  1 
ATOM   295 C  CG  B LYS A 1 36 ? -13.695 7.789   1.294   0.53 25.87 ? 480  LYS A CG  1 
ATOM   296 C  CD  A LYS A 1 36 ? -14.741 8.840   2.408   0.47 22.59 ? 480  LYS A CD  1 
ATOM   297 C  CD  B LYS A 1 36 ? -14.211 8.749   2.358   0.53 25.76 ? 480  LYS A CD  1 
ATOM   298 C  CE  A LYS A 1 36 ? -13.479 9.120   3.200   0.47 27.74 ? 480  LYS A CE  1 
ATOM   299 C  CE  B LYS A 1 36 ? -13.079 9.528   3.002   0.53 33.33 ? 480  LYS A CE  1 
ATOM   300 N  NZ  A LYS A 1 36 ? -13.631 10.249  4.166   0.47 21.16 ? 480  LYS A NZ  1 
ATOM   301 N  NZ  B LYS A 1 36 ? -13.397 9.998   4.379   0.53 34.07 ? 480  LYS A NZ  1 
ATOM   302 N  N   . LYS A 1 37 ? -12.302 7.724   -1.777  1.00 7.46  ? 481  LYS A N   1 
ATOM   303 C  CA  . LYS A 1 37 ? -11.387 8.647   -2.423  1.00 7.92  ? 481  LYS A CA  1 
ATOM   304 C  C   . LYS A 1 37 ? -11.064 8.257   -3.867  1.00 7.40  ? 481  LYS A C   1 
ATOM   305 O  O   . LYS A 1 37 ? -10.950 9.122   -4.746  1.00 9.72  ? 481  LYS A O   1 
ATOM   306 C  CB  . LYS A 1 37 ? -10.071 8.772   -1.632  1.00 9.67  ? 481  LYS A CB  1 
ATOM   307 C  CG  . LYS A 1 37 ? -10.250 9.146   -0.173  1.00 11.07 ? 481  LYS A CG  1 
ATOM   308 C  CD  . LYS A 1 37 ? -10.875 10.513  0.007   1.00 12.90 ? 481  LYS A CD  1 
ATOM   309 C  CE  . LYS A 1 37 ? -10.051 11.573  -0.711  1.00 13.57 ? 481  LYS A CE  1 
ATOM   310 N  NZ  . LYS A 1 37 ? -10.538 12.952  -0.458  1.00 17.60 ? 481  LYS A NZ  1 
ATOM   311 N  N   . THR A 1 38 ? -10.892 6.957   -4.110  1.00 7.21  ? 482  THR A N   1 
ATOM   312 C  CA  . THR A 1 38 ? -10.412 6.539   -5.427  1.00 7.16  ? 482  THR A CA  1 
ATOM   313 C  C   . THR A 1 38 ? -11.542 6.237   -6.404  1.00 7.42  ? 482  THR A C   1 
ATOM   314 O  O   . THR A 1 38 ? -11.330 6.293   -7.624  1.00 8.92  ? 482  THR A O   1 
ATOM   315 C  CB  . THR A 1 38 ? -9.568  5.248   -5.328  1.00 7.63  ? 482  THR A CB  1 
ATOM   316 O  OG1 . THR A 1 38 ? -10.440 4.219   -4.848  1.00 7.13  ? 482  THR A OG1 1 
ATOM   317 C  CG2 . THR A 1 38 ? -8.399  5.413   -4.370  1.00 8.08  ? 482  THR A CG2 1 
ATOM   318 N  N   . GLY A 1 39 ? -12.696 5.817   -5.887  1.00 7.01  ? 483  GLY A N   1 
ATOM   319 C  CA  . GLY A 1 39 ? -13.759 5.270   -6.727  1.00 8.00  ? 483  GLY A CA  1 
ATOM   320 C  C   . GLY A 1 39 ? -13.543 3.861   -7.212  1.00 6.75  ? 483  GLY A C   1 
ATOM   321 O  O   . GLY A 1 39 ? -14.371 3.333   -7.961  1.00 9.00  ? 483  GLY A O   1 
ATOM   322 N  N   . LEU A 1 40 ? -12.461 3.208   -6.786  1.00 6.79  ? 484  LEU A N   1 
ATOM   323 C  CA  . LEU A 1 40 ? -12.188 1.821   -7.179  1.00 6.69  ? 484  LEU A CA  1 
ATOM   324 C  C   . LEU A 1 40 ? -12.768 0.874   -6.136  1.00 7.09  ? 484  LEU A C   1 
ATOM   325 O  O   . LEU A 1 40 ? -12.712 1.158   -4.936  1.00 8.68  ? 484  LEU A O   1 
ATOM   326 C  CB  . LEU A 1 40 ? -10.680 1.605   -7.322  1.00 7.37  ? 484  LEU A CB  1 
ATOM   327 C  CG  . LEU A 1 40 ? -10.011 2.410   -8.434  1.00 8.43  ? 484  LEU A CG  1 
ATOM   328 C  CD1 . LEU A 1 40 ? -8.500  2.216   -8.378  1.00 12.77 ? 484  LEU A CD1 1 
ATOM   329 C  CD2 . LEU A 1 40 ? -10.572 2.045   -9.809  1.00 10.79 ? 484  LEU A CD2 1 
ATOM   330 N  N   . SER A 1 41 ? -13.295 -0.261  -6.575  1.00 7.02  ? 485  SER A N   1 
ATOM   331 C  CA  . SER A 1 41 ? -13.783 -1.275  -5.646  1.00 7.95  ? 485  SER A CA  1 
ATOM   332 C  C   . SER A 1 41 ? -12.617 -1.883  -4.872  1.00 6.90  ? 485  SER A C   1 
ATOM   333 O  O   . SER A 1 41 ? -11.441 -1.770  -5.253  1.00 7.15  ? 485  SER A O   1 
ATOM   334 C  CB  . SER A 1 41 ? -14.528 -2.392  -6.382  1.00 8.37  ? 485  SER A CB  1 
ATOM   335 O  OG  . SER A 1 41 ? -13.599 -3.153  -7.144  1.00 8.54  ? 485  SER A OG  1 
ATOM   336 N  N   . SER A 1 42 ? -12.929 -2.611  -3.814  1.00 8.25  ? 486  SER A N   1 
ATOM   337 C  CA  . SER A 1 42 ? -11.890 -3.332  -3.079  1.00 8.61  ? 486  SER A CA  1 
ATOM   338 C  C   . SER A 1 42 ? -11.195 -4.356  -3.973  1.00 7.17  ? 486  SER A C   1 
ATOM   339 O  O   . SER A 1 42 ? -9.973  -4.497  -3.865  1.00 8.14  ? 486  SER A O   1 
ATOM   340 C  CB  . SER A 1 42 ? -12.485 -3.988  -1.838  1.00 9.66  ? 486  SER A CB  1 
ATOM   341 O  OG  . SER A 1 42 ? -13.556 -4.856  -2.151  1.00 14.20 ? 486  SER A OG  1 
ATOM   342 N  N   . GLU A 1 43 ? -11.925 -5.044  -4.864  1.00 8.02  ? 487  GLU A N   1 
ATOM   343 C  CA  . GLU A 1 43 ? -11.280 -5.988  -5.775  1.00 7.70  ? 487  GLU A CA  1 
ATOM   344 C  C   . GLU A 1 43 ? -10.326 -5.271  -6.726  1.00 7.30  ? 487  GLU A C   1 
ATOM   345 O  O   . GLU A 1 43 ? -9.188  -5.703  -6.917  1.00 7.50  ? 487  GLU A O   1 
ATOM   346 C  CB  . GLU A 1 43 ? -12.363 -6.764  -6.537  1.00 9.78  ? 487  GLU A CB  1 
ATOM   347 C  CG  . GLU A 1 43 ? -11.868 -7.729  -7.588  1.00 11.04 ? 487  GLU A CG  1 
ATOM   348 C  CD  . GLU A 1 43 ? -11.098 -8.911  -7.059  1.00 12.85 ? 487  GLU A CD  1 
ATOM   349 O  OE1 . GLU A 1 43 ? -10.516 -9.659  -7.886  1.00 14.79 ? 487  GLU A OE1 1 
ATOM   350 O  OE2 . GLU A 1 43 ? -11.034 -9.118  -5.835  1.00 14.11 ? 487  GLU A OE2 1 
ATOM   351 N  N   . GLN A 1 44 ? -10.775 -4.163  -7.330  1.00 7.10  ? 488  GLN A N   1 
ATOM   352 C  CA  . GLN A 1 44 ? -9.909  -3.422  -8.244  1.00 6.44  ? 488  GLN A CA  1 
ATOM   353 C  C   . GLN A 1 44 ? -8.649  -2.924  -7.533  1.00 6.33  ? 488  GLN A C   1 
ATOM   354 O  O   . GLN A 1 44 ? -7.538  -2.899  -8.086  1.00 6.89  ? 488  GLN A O   1 
ATOM   355 C  CB  . GLN A 1 44 ? -10.635 -2.221  -8.847  1.00 7.06  ? 488  GLN A CB  1 
ATOM   356 C  CG  . GLN A 1 44 ? -11.706 -2.660  -9.854  1.00 9.08  ? 488  GLN A CG  1 
ATOM   357 C  CD  . GLN A 1 44 ? -12.608 -1.495  -10.230 1.00 12.39 ? 488  GLN A CD  1 
ATOM   358 O  OE1 . GLN A 1 44 ? -13.066 -0.708  -9.418  1.00 9.67  ? 488  GLN A OE1 1 
ATOM   359 N  NE2 . GLN A 1 44 ? -12.848 -1.346  -11.520 1.00 32.04 ? 488  GLN A NE2 1 
ATOM   360 N  N   . THR A 1 45 ? -8.834  -2.499  -6.284  1.00 6.23  ? 489  THR A N   1 
ATOM   361 C  CA  . THR A 1 45 ? -7.730  -1.936  -5.511  1.00 6.56  ? 489  THR A CA  1 
ATOM   362 C  C   . THR A 1 45 ? -6.703  -2.997  -5.138  1.00 6.36  ? 489  THR A C   1 
ATOM   363 O  O   . THR A 1 45 ? -5.496  -2.797  -5.333  1.00 6.72  ? 489  THR A O   1 
ATOM   364 C  CB  . THR A 1 45 ? -8.274  -1.266  -4.244  1.00 7.52  ? 489  THR A CB  1 
ATOM   365 O  OG1 . THR A 1 45 ? -9.188  -0.227  -4.640  1.00 7.77  ? 489  THR A OG1 1 
ATOM   366 C  CG2 . THR A 1 45 ? -7.163  -0.603  -3.440  1.00 8.17  ? 489  THR A CG2 1 
ATOM   367 N  N   . VAL A 1 46 ? -7.172  -4.137  -4.627  1.00 7.02  ? 490  VAL A N   1 
ATOM   368 C  CA  . VAL A 1 46 ? -6.214  -5.199  -4.289  1.00 8.04  ? 490  VAL A CA  1 
ATOM   369 C  C   . VAL A 1 46 ? -5.486  -5.679  -5.535  1.00 6.74  ? 490  VAL A C   1 
ATOM   370 O  O   . VAL A 1 46 ? -4.288  -6.002  -5.497  1.00 8.37  ? 490  VAL A O   1 
ATOM   371 C  CB  . VAL A 1 46 ? -6.903  -6.358  -3.566  1.00 10.97 ? 490  VAL A CB  1 
ATOM   372 C  CG1 A VAL A 1 46 ? -7.517  -5.933  -2.238  0.42 9.50  ? 490  VAL A CG1 1 
ATOM   373 C  CG1 B VAL A 1 46 ? -7.771  -7.181  -4.499  0.58 22.47 ? 490  VAL A CG1 1 
ATOM   374 C  CG2 A VAL A 1 46 ? -7.984  -6.972  -4.445  0.42 24.70 ? 490  VAL A CG2 1 
ATOM   375 C  CG2 B VAL A 1 46 ? -5.826  -7.254  -2.949  0.58 15.91 ? 490  VAL A CG2 1 
ATOM   376 N  N   . ASN A 1 47 ? -6.174  -5.754  -6.678  1.00 6.96  ? 491  ASN A N   1 
ATOM   377 C  CA  . ASN A 1 47 ? -5.507  -6.286  -7.871  1.00 7.80  ? 491  ASN A CA  1 
ATOM   378 C  C   . ASN A 1 47 ? -4.397  -5.359  -8.339  1.00 7.15  ? 491  ASN A C   1 
ATOM   379 O  O   . ASN A 1 47 ? -3.294  -5.827  -8.668  1.00 8.14  ? 491  ASN A O   1 
ATOM   380 C  CB  . ASN A 1 47 ? -6.551  -6.528  -8.958  1.00 9.84  ? 491  ASN A CB  1 
ATOM   381 C  CG  . ASN A 1 47 ? -7.480  -7.692  -8.633  1.00 11.13 ? 491  ASN A CG  1 
ATOM   382 O  OD1 . ASN A 1 47 ? -8.556  -7.794  -9.233  1.00 17.38 ? 491  ASN A OD1 1 
ATOM   383 N  ND2 . ASN A 1 47 ? -7.079  -8.570  -7.729  1.00 16.25 ? 491  ASN A ND2 1 
ATOM   384 N  N   . VAL A 1 48 ? -4.631  -4.034  -8.370  1.00 6.89  ? 492  VAL A N   1 
ATOM   385 C  CA  . VAL A 1 48 ? -3.543  -3.164  -8.835  1.00 7.00  ? 492  VAL A CA  1 
ATOM   386 C  C   . VAL A 1 48 ? -2.461  -3.057  -7.761  1.00 6.21  ? 492  VAL A C   1 
ATOM   387 O  O   . VAL A 1 48 ? -1.269  -2.956  -8.095  1.00 7.07  ? 492  VAL A O   1 
ATOM   388 C  CB  . VAL A 1 48 ? -4.051  -1.797  -9.324  1.00 7.45  ? 492  VAL A CB  1 
ATOM   389 C  CG1 . VAL A 1 48 ? -4.621  -0.949  -8.209  1.00 8.87  ? 492  VAL A CG1 1 
ATOM   390 C  CG2 . VAL A 1 48 ? -2.923  -1.090  -10.071 1.00 8.68  ? 492  VAL A CG2 1 
ATOM   391 N  N   . LEU A 1 49 ? -2.816  -3.104  -6.482  1.00 6.29  ? 493  LEU A N   1 
ATOM   392 C  CA  . LEU A 1 49 ? -1.776  -3.156  -5.447  1.00 7.18  ? 493  LEU A CA  1 
ATOM   393 C  C   . LEU A 1 49 ? -0.868  -4.369  -5.624  1.00 6.98  ? 493  LEU A C   1 
ATOM   394 O  O   . LEU A 1 49 ? 0.359   -4.272  -5.479  1.00 7.61  ? 493  LEU A O   1 
ATOM   395 C  CB  . LEU A 1 49 ? -2.432  -3.185  -4.073  1.00 7.81  ? 493  LEU A CB  1 
ATOM   396 C  CG  A LEU A 1 49 ? -2.660  -1.825  -3.417  0.46 10.15 ? 493  LEU A CG  1 
ATOM   397 C  CG  B LEU A 1 49 ? -1.472  -3.187  -2.896  0.54 7.27  ? 493  LEU A CG  1 
ATOM   398 C  CD1 A LEU A 1 49 ? -3.268  -1.965  -2.034  0.46 12.95 ? 493  LEU A CD1 1 
ATOM   399 C  CD1 B LEU A 1 49 ? -0.593  -1.948  -2.899  0.54 7.95  ? 493  LEU A CD1 1 
ATOM   400 C  CD2 A LEU A 1 49 ? -1.361  -1.035  -3.289  0.46 16.69 ? 493  LEU A CD2 1 
ATOM   401 C  CD2 B LEU A 1 49 ? -2.279  -3.281  -1.606  0.54 9.56  ? 493  LEU A CD2 1 
ATOM   402 N  N   . ALA A 1 50 ? -1.461  -5.515  -5.976  1.00 8.44  ? 494  ALA A N   1 
ATOM   403 C  CA  . ALA A 1 50 ? -0.647  -6.703  -6.213  1.00 9.79  ? 494  ALA A CA  1 
ATOM   404 C  C   . ALA A 1 50 ? 0.341   -6.478  -7.357  1.00 9.14  ? 494  ALA A C   1 
ATOM   405 O  O   . ALA A 1 50 ? 1.496   -6.904  -7.263  1.00 10.18 ? 494  ALA A O   1 
ATOM   406 C  CB  . ALA A 1 50 ? -1.521  -7.911  -6.502  1.00 12.50 ? 494  ALA A CB  1 
ATOM   407 N  N   . GLN A 1 51 ? -0.125  -5.827  -8.421  1.00 9.55  ? 495  GLN A N   1 
ATOM   408 C  CA  . GLN A 1 51 ? 0.728   -5.510  -9.563  1.00 10.20 ? 495  GLN A CA  1 
ATOM   409 C  C   . GLN A 1 51 ? 1.883   -4.595  -9.137  1.00 8.08  ? 495  GLN A C   1 
ATOM   410 O  O   . GLN A 1 51 ? 3.041   -4.789  -9.490  1.00 9.56  ? 495  GLN A O   1 
ATOM   411 C  CB  . GLN A 1 51 ? -0.031  -4.777  -10.653 1.00 13.20 ? 495  GLN A CB  1 
ATOM   412 C  CG  A GLN A 1 51 ? 0.718   -4.753  -11.967 0.51 13.63 ? 495  GLN A CG  1 
ATOM   413 C  CG  B GLN A 1 51 ? -0.810  -5.343  -11.773 0.49 15.25 ? 495  GLN A CG  1 
ATOM   414 C  CD  A GLN A 1 51 ? 1.233   -6.071  -12.489 0.51 15.84 ? 495  GLN A CD  1 
ATOM   415 C  CD  B GLN A 1 51 ? -0.300  -6.692  -12.232 0.49 12.49 ? 495  GLN A CD  1 
ATOM   416 O  OE1 A GLN A 1 51 ? 0.895   -7.156  -12.018 0.51 24.28 ? 495  GLN A OE1 1 
ATOM   417 O  OE1 B GLN A 1 51 ? 0.872   -6.892  -12.546 0.49 13.87 ? 495  GLN A OE1 1 
ATOM   418 N  NE2 A GLN A 1 51 ? 2.085   -5.997  -13.516 0.51 19.98 ? 495  GLN A NE2 1 
ATOM   419 N  NE2 B GLN A 1 51 ? -1.257  -7.600  -12.255 0.49 15.44 ? 495  GLN A NE2 1 
ATOM   420 N  N   . ILE A 1 52 ? 1.521   -3.573  -8.359  1.00 6.64  ? 496  ILE A N   1 
ATOM   421 C  CA  . ILE A 1 52 ? 2.518   -2.615  -7.892  1.00 6.36  ? 496  ILE A CA  1 
ATOM   422 C  C   . ILE A 1 52 ? 3.583   -3.295  -7.045  1.00 6.76  ? 496  ILE A C   1 
ATOM   423 O  O   . ILE A 1 52 ? 4.778   -3.048  -7.234  1.00 7.71  ? 496  ILE A O   1 
ATOM   424 C  CB  . ILE A 1 52 ? 1.823   -1.494  -7.106  1.00 6.64  ? 496  ILE A CB  1 
ATOM   425 C  CG1 . ILE A 1 52 ? 1.027   -0.600  -8.060  1.00 6.65  ? 496  ILE A CG1 1 
ATOM   426 C  CG2 . ILE A 1 52 ? 2.831   -0.694  -6.295  1.00 7.65  ? 496  ILE A CG2 1 
ATOM   427 C  CD1 . ILE A 1 52 ? -0.018  0.241   -7.336  1.00 7.24  ? 496  ILE A CD1 1 
ATOM   428 N  N   . LEU A 1 53 ? 3.150   -4.141  -6.118  1.00 6.71  ? 497  LEU A N   1 
ATOM   429 C  CA  . LEU A 1 53 ? 4.111   -4.788  -5.214  1.00 6.99  ? 497  LEU A CA  1 
ATOM   430 C  C   . LEU A 1 53 ? 4.975   -5.790  -5.969  1.00 7.55  ? 497  LEU A C   1 
ATOM   431 O  O   . LEU A 1 53 ? 6.179   -5.886  -5.686  1.00 8.61  ? 497  LEU A O   1 
ATOM   432 C  CB  . LEU A 1 53 ? 3.346   -5.482  -4.086  1.00 7.79  ? 497  LEU A CB  1 
ATOM   433 C  CG  . LEU A 1 53 ? 2.705   -4.513  -3.084  1.00 7.61  ? 497  LEU A CG  1 
ATOM   434 C  CD1 . LEU A 1 53 ? 1.723   -5.272  -2.205  1.00 9.51  ? 497  LEU A CD1 1 
ATOM   435 C  CD2 . LEU A 1 53 ? 3.739   -3.821  -2.213  1.00 8.72  ? 497  LEU A CD2 1 
ATOM   436 N  N   . LYS A 1 54 ? 4.396   -6.529  -6.908  1.00 8.97  ? 498  LYS A N   1 
ATOM   437 C  CA  . LYS A 1 54 ? 5.194   -7.495  -7.686  1.00 10.51 ? 498  LYS A CA  1 
ATOM   438 C  C   . LYS A 1 54 ? 6.319   -6.768  -8.410  1.00 10.17 ? 498  LYS A C   1 
ATOM   439 O  O   . LYS A 1 54 ? 7.471   -7.212  -8.468  1.00 12.47 ? 498  LYS A O   1 
ATOM   440 C  CB  . LYS A 1 54 ? 4.265   -8.235  -8.644  1.00 13.29 ? 498  LYS A CB  1 
ATOM   441 C  CG  . LYS A 1 54 ? 4.878   -9.248  -9.593  1.00 18.54 ? 498  LYS A CG  1 
ATOM   442 C  CD  . LYS A 1 54 ? 3.793   -9.757  -10.536 1.00 27.48 ? 498  LYS A CD  1 
ATOM   443 C  CE  . LYS A 1 54 ? 3.910   -11.212 -10.925 1.00 36.58 ? 498  LYS A CE  1 
ATOM   444 N  NZ  . LYS A 1 54 ? 2.629   -11.748 -11.478 1.00 33.38 ? 498  LYS A NZ  1 
ATOM   445 N  N   . ARG A 1 55 ? 5.989   -5.609  -8.984  1.00 10.09 ? 499  ARG A N   1 
ATOM   446 C  CA  . ARG A 1 55 ? 6.981   -4.845  -9.737  1.00 11.75 ? 499  ARG A CA  1 
ATOM   447 C  C   . ARG A 1 55 ? 8.019   -4.212  -8.822  1.00 10.59 ? 499  ARG A C   1 
ATOM   448 O  O   . ARG A 1 55 ? 9.224   -4.295  -9.059  1.00 12.82 ? 499  ARG A O   1 
ATOM   449 C  CB  . ARG A 1 55 ? 6.278   -3.757  -10.567 1.00 11.04 ? 499  ARG A CB  1 
ATOM   450 C  CG  . ARG A 1 55 ? 7.275   -2.913  -11.360 1.00 13.75 ? 499  ARG A CG  1 
ATOM   451 C  CD  . ARG A 1 55 ? 6.583   -1.733  -12.014 1.00 12.79 ? 499  ARG A CD  1 
ATOM   452 N  NE  . ARG A 1 55 ? 5.553   -2.099  -12.964 1.00 12.65 ? 499  ARG A NE  1 
ATOM   453 C  CZ  . ARG A 1 55 ? 4.239   -1.935  -12.812 1.00 9.86  ? 499  ARG A CZ  1 
ATOM   454 N  NH1 . ARG A 1 55 ? 3.742   -1.403  -11.702 1.00 9.41  ? 499  ARG A NH1 1 
ATOM   455 N  NH2 . ARG A 1 55 ? 3.426   -2.313  -13.798 1.00 11.86 ? 499  ARG A NH2 1 
ATOM   456 N  N   . LEU A 1 56 ? 7.574   -3.554  -7.755  1.00 9.71  ? 500  LEU A N   1 
ATOM   457 C  CA  . LEU A 1 56 ? 8.468   -2.880  -6.814  1.00 10.86 ? 500  LEU A CA  1 
ATOM   458 C  C   . LEU A 1 56 ? 9.399   -3.876  -6.133  1.00 11.35 ? 500  LEU A C   1 
ATOM   459 O  O   . LEU A 1 56 ? 10.529  -3.520  -5.799  1.00 14.00 ? 500  LEU A O   1 
ATOM   460 C  CB  . LEU A 1 56 ? 7.625   -2.230  -5.737  1.00 13.55 ? 500  LEU A CB  1 
ATOM   461 C  CG  A LEU A 1 56 ? 8.205   -1.232  -4.764  0.53 11.20 ? 500  LEU A CG  1 
ATOM   462 C  CG  B LEU A 1 56 ? 7.179   -0.785  -5.843  0.47 11.19 ? 500  LEU A CG  1 
ATOM   463 C  CD1 A LEU A 1 56 ? 8.978   -0.115  -5.438  0.53 11.40 ? 500  LEU A CD1 1 
ATOM   464 C  CD1 B LEU A 1 56 ? 6.252   -0.387  -4.703  0.47 10.86 ? 500  LEU A CD1 1 
ATOM   465 C  CD2 A LEU A 1 56 ? 7.046   -0.661  -3.936  0.53 12.67 ? 500  LEU A CD2 1 
ATOM   466 C  CD2 B LEU A 1 56 ? 8.374   0.161   -5.906  0.47 11.12 ? 500  LEU A CD2 1 
ATOM   467 N  N   . ASN A 1 57 ? 8.911   -5.073  -5.864  1.00 10.51 ? 501  ASN A N   1 
ATOM   468 C  CA  . ASN A 1 57 ? 9.646   -6.107  -5.142  1.00 11.98 ? 501  ASN A CA  1 
ATOM   469 C  C   . ASN A 1 57 ? 10.295  -5.573  -3.874  1.00 11.79 ? 501  ASN A C   1 
ATOM   470 O  O   . ASN A 1 57 ? 11.503  -5.691  -3.675  1.00 14.70 ? 501  ASN A O   1 
ATOM   471 C  CB  . ASN A 1 57 ? 10.703  -6.717  -6.071  1.00 14.13 ? 501  ASN A CB  1 
ATOM   472 C  CG  . ASN A 1 57 ? 11.217  -8.060  -5.592  1.00 17.33 ? 501  ASN A CG  1 
ATOM   473 O  OD1 . ASN A 1 57 ? 10.607  -8.783  -4.800  1.00 19.23 ? 501  ASN A OD1 1 
ATOM   474 N  ND2 . ASN A 1 57 ? 12.391  -8.433  -6.086  1.00 29.94 ? 501  ASN A ND2 1 
ATOM   475 N  N   . PRO A 1 58 ? 9.510   -4.998  -2.967  1.00 10.97 ? 502  PRO A N   1 
ATOM   476 C  CA  . PRO A 1 58 ? 10.108  -4.428  -1.752  1.00 11.18 ? 502  PRO A CA  1 
ATOM   477 C  C   . PRO A 1 58 ? 10.660  -5.536  -0.865  1.00 10.28 ? 502  PRO A C   1 
ATOM   478 O  O   . PRO A 1 58 ? 10.221  -6.698  -0.897  1.00 13.29 ? 502  PRO A O   1 
ATOM   479 C  CB  . PRO A 1 58 ? 8.927   -3.760  -1.040  1.00 12.21 ? 502  PRO A CB  1 
ATOM   480 C  CG  . PRO A 1 58 ? 7.700   -4.219  -1.721  1.00 11.42 ? 502  PRO A CG  1 
ATOM   481 C  CD  . PRO A 1 58 ? 8.039   -4.908  -3.002  1.00 12.14 ? 502  PRO A CD  1 
ATOM   482 N  N   . GLU A 1 59 ? 11.606  -5.141  -0.016  1.00 9.58  ? 503  GLU A N   1 
ATOM   483 C  CA  . GLU A 1 59 ? 12.144  -6.095  0.943   1.00 8.51  ? 503  GLU A CA  1 
ATOM   484 C  C   . GLU A 1 59 ? 11.047  -6.647  1.847   1.00 7.87  ? 503  GLU A C   1 
ATOM   485 O  O   . GLU A 1 59 ? 10.170  -5.934  2.319   1.00 9.76  ? 503  GLU A O   1 
ATOM   486 C  CB  . GLU A 1 59 ? 13.194  -5.392  1.803   1.00 9.09  ? 503  GLU A CB  1 
ATOM   487 C  CG  . GLU A 1 59 ? 13.935  -6.363  2.710   1.00 9.77  ? 503  GLU A CG  1 
ATOM   488 C  CD  . GLU A 1 59 ? 15.034  -5.714  3.532   1.00 7.89  ? 503  GLU A CD  1 
ATOM   489 O  OE1 . GLU A 1 59 ? 16.050  -6.397  3.797   1.00 10.90 ? 503  GLU A OE1 1 
ATOM   490 O  OE2 . GLU A 1 59 ? 14.901  -4.546  3.925   1.00 9.05  ? 503  GLU A OE2 1 
ATOM   491 N  N   . ARG A 1 60 ? 11.104  -7.950  2.082   1.00 8.28  ? 504  ARG A N   1 
ATOM   492 C  CA  . ARG A 1 60 ? 10.209  -8.590  3.034   1.00 10.43 ? 504  ARG A CA  1 
ATOM   493 C  C   . ARG A 1 60 ? 10.825  -8.468  4.424   1.00 12.30 ? 504  ARG A C   1 
ATOM   494 O  O   . ARG A 1 60 ? 12.023  -8.703  4.612   1.00 18.82 ? 504  ARG A O   1 
ATOM   495 C  CB  . ARG A 1 60 ? 10.058  -10.053 2.661   1.00 12.14 ? 504  ARG A CB  1 
ATOM   496 C  CG  . ARG A 1 60 ? 9.526   -10.298 1.256   1.00 13.89 ? 504  ARG A CG  1 
ATOM   497 C  CD  . ARG A 1 60 ? 9.674   -11.794 1.003   1.00 19.09 ? 504  ARG A CD  1 
ATOM   498 N  NE  . ARG A 1 60 ? 9.312   -12.178 -0.351  1.00 26.36 ? 504  ARG A NE  1 
ATOM   499 C  CZ  . ARG A 1 60 ? 10.133  -12.075 -1.391  1.00 25.42 ? 504  ARG A CZ  1 
ATOM   500 N  NH1 . ARG A 1 60 ? 11.356  -11.589 -1.223  1.00 27.07 ? 504  ARG A NH1 1 
ATOM   501 N  NH2 . ARG A 1 60 ? 9.712   -12.452 -2.582  1.00 31.12 ? 504  ARG A NH2 1 
ATOM   502 N  N   . LYS A 1 61 ? 10.025  -8.074  5.390   1.00 9.87  ? 505  LYS A N   1 
ATOM   503 C  CA  . LYS A 1 61 ? 10.472  -8.031  6.777   1.00 11.44 ? 505  LYS A CA  1 
ATOM   504 C  C   . LYS A 1 61 ? 9.435   -8.729  7.640   1.00 10.87 ? 505  LYS A C   1 
ATOM   505 O  O   . LYS A 1 61 ? 8.251   -8.383  7.589   1.00 11.66 ? 505  LYS A O   1 
ATOM   506 C  CB  . LYS A 1 61 ? 10.621  -6.595  7.274   1.00 15.99 ? 505  LYS A CB  1 
ATOM   507 C  CG  . LYS A 1 61 ? 11.629  -5.764  6.508   1.00 24.77 ? 505  LYS A CG  1 
ATOM   508 C  CD  . LYS A 1 61 ? 13.051  -6.229  6.744   1.00 39.12 ? 505  LYS A CD  1 
ATOM   509 C  CE  . LYS A 1 61 ? 13.515  -5.891  8.155   1.00 39.22 ? 505  LYS A CE  1 
ATOM   510 N  NZ  . LYS A 1 61 ? 14.138  -4.543  8.255   1.00 29.87 ? 505  LYS A NZ  1 
ATOM   511 N  N   . MET A 1 62 ? 9.911   -9.652  8.472   1.00 10.66 ? 506  MET A N   1 
ATOM   512 C  CA  . MET A 1 62 ? 8.989   -10.392 9.321   1.00 10.26 ? 506  MET A CA  1 
ATOM   513 C  C   . MET A 1 62 ? 8.797   -9.616  10.617  1.00 11.71 ? 506  MET A C   1 
ATOM   514 O  O   . MET A 1 62 ? 9.767   -9.357  11.327  1.00 15.22 ? 506  MET A O   1 
ATOM   515 C  CB  . MET A 1 62 ? 9.519   -11.795 9.604   1.00 12.86 ? 506  MET A CB  1 
ATOM   516 C  CG  . MET A 1 62 ? 9.717   -12.588 8.307   1.00 14.07 ? 506  MET A CG  1 
ATOM   517 S  SD  . MET A 1 62 ? 8.160   -12.779 7.432   1.00 17.39 ? 506  MET A SD  1 
ATOM   518 C  CE  . MET A 1 62 ? 7.187   -13.740 8.584   1.00 24.39 ? 506  MET A CE  1 
ATOM   519 N  N   . ILE A 1 63 ? 7.545   -9.231  10.852  1.00 8.89  ? 507  ILE A N   1 
ATOM   520 C  CA  . ILE A 1 63 ? 7.162   -8.547  12.092  1.00 8.13  ? 507  ILE A CA  1 
ATOM   521 C  C   . ILE A 1 63 ? 5.917   -9.238  12.611  1.00 8.29  ? 507  ILE A C   1 
ATOM   522 O  O   . ILE A 1 63 ? 4.979   -9.457  11.830  1.00 8.32  ? 507  ILE A O   1 
ATOM   523 C  CB  . ILE A 1 63 ? 6.904   -7.055  11.837  1.00 8.56  ? 507  ILE A CB  1 
ATOM   524 C  CG1 . ILE A 1 63 ? 8.165   -6.348  11.309  1.00 10.76 ? 507  ILE A CG1 1 
ATOM   525 C  CG2 . ILE A 1 63 ? 6.359   -6.343  13.056  1.00 11.89 ? 507  ILE A CG2 1 
ATOM   526 C  CD1 . ILE A 1 63 ? 7.870   -4.973  10.737  1.00 13.81 ? 507  ILE A CD1 1 
ATOM   527 N  N   . ASN A 1 64 ? 5.896   -9.606  13.883  1.00 9.11  ? 508  ASN A N   1 
ATOM   528 C  CA  . ASN A 1 64 ? 4.763   -10.337 14.435  1.00 10.49 ? 508  ASN A CA  1 
ATOM   529 C  C   . ASN A 1 64 ? 4.437   -11.604 13.654  1.00 13.07 ? 508  ASN A C   1 
ATOM   530 O  O   . ASN A 1 64 ? 3.268   -11.999 13.544  1.00 17.43 ? 508  ASN A O   1 
ATOM   531 C  CB  . ASN A 1 64 ? 3.545   -9.424  14.561  1.00 10.17 ? 508  ASN A CB  1 
ATOM   532 C  CG  . ASN A 1 64 ? 3.843   -8.214  15.418  1.00 8.56  ? 508  ASN A CG  1 
ATOM   533 O  OD1 . ASN A 1 64 ? 4.594   -8.321  16.404  1.00 9.79  ? 508  ASN A OD1 1 
ATOM   534 N  ND2 . ASN A 1 64 ? 3.208   -7.089  15.112  1.00 8.68  ? 508  ASN A ND2 1 
ATOM   535 N  N   . ASP A 1 65 ? 5.463   -12.265 13.130  1.00 15.92 ? 509  ASP A N   1 
ATOM   536 C  CA  . ASP A 1 65 ? 5.262   -13.514 12.392  1.00 20.81 ? 509  ASP A CA  1 
ATOM   537 C  C   . ASP A 1 65 ? 4.380   -13.282 11.173  1.00 20.19 ? 509  ASP A C   1 
ATOM   538 O  O   . ASP A 1 65 ? 3.642   -14.149 10.693  1.00 31.30 ? 509  ASP A O   1 
ATOM   539 C  CB  . ASP A 1 65 ? 4.743   -14.613 13.322  1.00 22.24 ? 509  ASP A CB  1 
ATOM   540 C  CG  . ASP A 1 65 ? 5.651   -14.807 14.527  1.00 25.65 ? 509  ASP A CG  1 
ATOM   541 O  OD1 . ASP A 1 65 ? 6.864   -15.039 14.330  1.00 33.03 ? 509  ASP A OD1 1 
ATOM   542 O  OD2 . ASP A 1 65 ? 5.151   -14.710 15.669  1.00 25.74 ? 509  ASP A OD2 1 
ATOM   543 N  N   . LYS A 1 66 ? 4.505   -12.097 10.583  1.00 14.19 ? 510  LYS A N   1 
ATOM   544 C  CA  . LYS A 1 66 ? 3.743   -11.770 9.386   1.00 13.55 ? 510  LYS A CA  1 
ATOM   545 C  C   . LYS A 1 66 ? 4.615   -11.003 8.404   1.00 9.81  ? 510  LYS A C   1 
ATOM   546 O  O   . LYS A 1 66 ? 5.339   -10.081 8.810   1.00 9.42  ? 510  LYS A O   1 
ATOM   547 C  CB  . LYS A 1 66 ? 2.534   -10.943 9.822   1.00 17.48 ? 510  LYS A CB  1 
ATOM   548 C  CG  . LYS A 1 66 ? 1.673   -10.471 8.671   1.00 19.78 ? 510  LYS A CG  1 
ATOM   549 C  CD  . LYS A 1 66 ? 0.680   -11.553 8.251   1.00 26.57 ? 510  LYS A CD  1 
ATOM   550 C  CE  . LYS A 1 66 ? -0.258  -11.027 7.168   1.00 34.31 ? 510  LYS A CE  1 
ATOM   551 N  NZ  . LYS A 1 66 ? -0.602  -12.089 6.184   1.00 34.58 ? 510  LYS A NZ  1 
ATOM   552 N  N   . MET A 1 67 ? 4.630   -11.357 7.125   1.00 11.42 ? 511  MET A N   1 
ATOM   553 C  CA  . MET A 1 67 ? 5.439   -10.611 6.155   1.00 9.59  ? 511  MET A CA  1 
ATOM   554 C  C   . MET A 1 67 ? 4.906   -9.190  5.992   1.00 9.07  ? 511  MET A C   1 
ATOM   555 O  O   . MET A 1 67 ? 3.748   -8.985  5.657   1.00 11.91 ? 511  MET A O   1 
ATOM   556 C  CB  . MET A 1 67 ? 5.422   -11.358 4.806   1.00 11.72 ? 511  MET A CB  1 
ATOM   557 C  CG  A MET A 1 67 ? 6.276   -10.759 3.709   0.55 11.50 ? 511  MET A CG  1 
ATOM   558 C  CG  B MET A 1 67 ? 6.756   -10.948 4.129   0.46 12.02 ? 511  MET A CG  1 
ATOM   559 S  SD  A MET A 1 67 ? 6.193   -11.620 2.120   0.55 9.90  ? 511  MET A SD  1 
ATOM   560 S  SD  B MET A 1 67 ? 6.297   -9.486  3.136   0.46 17.42 ? 511  MET A SD  1 
ATOM   561 C  CE  A MET A 1 67 ? 6.496   -13.290 2.639   0.55 12.04 ? 511  MET A CE  1 
ATOM   562 C  CE  B MET A 1 67 ? 5.351   -10.484 1.966   0.46 28.16 ? 511  MET A CE  1 
ATOM   563 N  N   . HIS A 1 68 ? 5.790   -8.237  6.207   1.00 7.70  ? 512  HIS A N   1 
ATOM   564 C  CA  . HIS A 1 68 ? 5.588   -6.830  5.890   1.00 7.21  ? 512  HIS A CA  1 
ATOM   565 C  C   . HIS A 1 68 ? 6.531   -6.497  4.751   1.00 7.46  ? 512  HIS A C   1 
ATOM   566 O  O   . HIS A 1 68 ? 7.543   -7.146  4.555   1.00 13.20 ? 512  HIS A O   1 
ATOM   567 C  CB  . HIS A 1 68 ? 5.933   -5.961  7.105   1.00 6.80  ? 512  HIS A CB  1 
ATOM   568 C  CG  . HIS A 1 68 ? 5.015   -6.127  8.276   1.00 6.76  ? 512  HIS A CG  1 
ATOM   569 N  ND1 . HIS A 1 68 ? 4.727   -7.348  8.872   1.00 6.90  ? 512  HIS A ND1 1 
ATOM   570 C  CD2 . HIS A 1 68 ? 4.303   -5.210  8.990   1.00 6.94  ? 512  HIS A CD2 1 
ATOM   571 C  CE1 . HIS A 1 68 ? 3.898   -7.136  9.899   1.00 7.08  ? 512  HIS A CE1 1 
ATOM   572 N  NE2 . HIS A 1 68 ? 3.616   -5.848  9.989   1.00 7.06  ? 512  HIS A NE2 1 
ATOM   573 N  N   . PHE A 1 69 ? 6.169   -5.511  3.962   1.00 8.73  ? 513  PHE A N   1 
ATOM   574 C  CA  . PHE A 1 69 ? 7.026   -4.975  2.912   1.00 8.13  ? 513  PHE A CA  1 
ATOM   575 C  C   . PHE A 1 69 ? 7.677   -3.682  3.386   1.00 7.68  ? 513  PHE A C   1 
ATOM   576 O  O   . PHE A 1 69 ? 7.045   -2.889  4.085   1.00 8.77  ? 513  PHE A O   1 
ATOM   577 C  CB  . PHE A 1 69 ? 6.160   -4.679  1.686   1.00 7.64  ? 513  PHE A CB  1 
ATOM   578 C  CG  . PHE A 1 69 ? 5.448   -5.899  1.140   1.00 10.49 ? 513  PHE A CG  1 
ATOM   579 C  CD1 . PHE A 1 69 ? 4.094   -6.064  1.323   1.00 14.40 ? 513  PHE A CD1 1 
ATOM   580 C  CD2 . PHE A 1 69 ? 6.171   -6.873  0.461   1.00 20.12 ? 513  PHE A CD2 1 
ATOM   581 C  CE1 . PHE A 1 69 ? 3.433   -7.173  0.825   1.00 23.70 ? 513  PHE A CE1 1 
ATOM   582 C  CE2 . PHE A 1 69 ? 5.506   -7.940  -0.104  1.00 33.45 ? 513  PHE A CE2 1 
ATOM   583 C  CZ  . PHE A 1 69 ? 4.136   -8.089  0.066   1.00 33.89 ? 513  PHE A CZ  1 
ATOM   584 N  N   . SER A 1 70 ? 8.922   -3.466  2.975   1.00 7.84  ? 514  SER A N   1 
ATOM   585 C  CA  . SER A 1 70 ? 9.602   -2.270  3.445   1.00 8.71  ? 514  SER A CA  1 
ATOM   586 C  C   . SER A 1 70 ? 10.558  -1.726  2.392   1.00 7.41  ? 514  SER A C   1 
ATOM   587 O  O   . SER A 1 70 ? 11.330  -2.484  1.799   1.00 8.15  ? 514  SER A O   1 
ATOM   588 C  CB  . SER A 1 70 ? 10.400  -2.576  4.718   1.00 10.89 ? 514  SER A CB  1 
ATOM   589 O  OG  . SER A 1 70 ? 10.979  -1.381  5.191   1.00 11.88 ? 514  SER A OG  1 
ATOM   590 N  N   . LEU A 1 71 ? 10.529  -0.415  2.232   1.00 7.91  ? 515  LEU A N   1 
ATOM   591 C  CA  . LEU A 1 71 ? 11.534  0.312   1.468   1.00 7.87  ? 515  LEU A CA  1 
ATOM   592 C  C   . LEU A 1 71 ? 12.437  1.156   2.368   1.00 9.55  ? 515  LEU A C   1 
ATOM   593 O  O   . LEU A 1 71 ? 13.159  2.016   1.867   1.00 12.21 ? 515  LEU A O   1 
ATOM   594 C  CB  . LEU A 1 71 ? 10.874  1.171   0.379   1.00 9.22  ? 515  LEU A CB  1 
ATOM   595 C  CG  . LEU A 1 71 ? 10.106  0.362   -0.680  1.00 10.38 ? 515  LEU A CG  1 
ATOM   596 C  CD1 . LEU A 1 71 ? 9.474   1.339   -1.661  1.00 13.04 ? 515  LEU A CD1 1 
ATOM   597 C  CD2 . LEU A 1 71 ? 10.981  -0.649  -1.386  1.00 12.35 ? 515  LEU A CD2 1 
ATOM   598 N  N   . LYS A 1 72 ? 12.392  0.837   3.665   1.00 10.90 ? 516  LYS A N   1 
ATOM   599 C  CA  . LYS A 1 72 ? 13.241  1.480   4.665   1.00 12.79 ? 516  LYS A CA  1 
ATOM   600 C  C   . LYS A 1 72 ? 14.200  0.453   5.276   1.00 12.19 ? 516  LYS A C   1 
ATOM   601 O  O   . LYS A 1 72 ? 13.748  -0.558  5.817   1.00 16.29 ? 516  LYS A O   1 
ATOM   602 C  CB  . LYS A 1 72 ? 12.390  2.132   5.754   1.00 16.45 ? 516  LYS A CB  1 
ATOM   603 C  CG  . LYS A 1 72 ? 13.189  2.936   6.769   1.00 16.67 ? 516  LYS A CG  1 
ATOM   604 C  CD  . LYS A 1 72 ? 12.317  3.597   7.822   1.00 21.29 ? 516  LYS A CD  1 
ATOM   605 C  CE  . LYS A 1 72 ? 13.183  4.361   8.815   1.00 27.13 ? 516  LYS A CE  1 
ATOM   606 N  NZ  . LYS A 1 72 ? 12.395  5.198   9.752   1.00 27.49 ? 516  LYS A NZ  1 
ATOM   607 N  N   . GLU A 1 73 ? 15.487  0.719   5.195   1.00 12.84 ? 517  GLU A N   1 
ATOM   608 C  CA  . GLU A 1 73 ? 16.476  -0.121  5.876   1.00 15.35 ? 517  GLU A CA  1 
ATOM   609 C  C   . GLU A 1 73 ? 16.353  -1.581  5.484   1.00 10.58 ? 517  GLU A C   1 
ATOM   610 O  O   . GLU A 1 73 ? 16.408  -2.493  6.316   1.00 14.41 ? 517  GLU A O   1 
ATOM   611 C  CB  . GLU A 1 73 ? 16.379  0.169   7.385   1.00 22.94 ? 517  GLU A CB  1 
ATOM   612 C  CG  . GLU A 1 73 ? 16.720  1.634   7.612   1.00 28.57 ? 517  GLU A CG  1 
ATOM   613 C  CD  . GLU A 1 73 ? 16.636  2.252   8.968   1.00 25.47 ? 517  GLU A CD  1 
ATOM   614 O  OE1 . GLU A 1 73 ? 17.313  3.297   9.146   1.00 27.19 ? 517  GLU A OE1 1 
ATOM   615 O  OE2 . GLU A 1 73 ? 15.906  1.789   9.870   1.00 31.18 ? 517  GLU A OE2 1 
ATOM   616 O  OXT . GLU A 1 73 ? 16.261  -1.855  4.277   1.00 10.07 ? 517  GLU A OXT 1 
HETATM 617 ZN ZN  . ZN  B 2 .  ? 2.390   -5.028  11.348  1.00 8.85  ? 999  ZN  A ZN  1 
HETATM 618 O  O   . HOH C 3 .  ? 1.594   -3.397  10.462  1.00 12.94 ? 1001 HOH A O   1 
HETATM 619 O  O   . HOH C 3 .  ? 7.897   5.097   -7.861  1.00 18.02 ? 1002 HOH A O   1 
HETATM 620 O  O   . HOH C 3 .  ? 5.834   -1.361  10.802  1.00 12.54 ? 1003 HOH A O   1 
HETATM 621 O  O   . HOH C 3 .  ? 12.849  -10.146 8.518   1.00 22.41 ? 1004 HOH A O   1 
HETATM 622 O  O   . HOH C 3 .  ? -14.952 -5.461  -4.610  1.00 9.40  ? 1005 HOH A O   1 
HETATM 623 O  O   . HOH C 3 .  ? -7.325  14.114  -1.420  1.00 14.21 ? 1006 HOH A O   1 
HETATM 624 O  O   . HOH C 3 .  ? 13.016  -9.752  0.761   1.00 18.24 ? 1007 HOH A O   1 
HETATM 625 O  O   . HOH C 3 .  ? 8.341   -9.079  15.492  1.00 20.05 ? 1008 HOH A O   1 
HETATM 626 O  O   . HOH C 3 .  ? 4.098   -14.356 6.566   1.00 17.88 ? 1009 HOH A O   1 
HETATM 627 O  O   . HOH C 3 .  ? -7.459  6.776   -0.085  1.00 10.12 ? 1010 HOH A O   1 
HETATM 628 O  O   . HOH C 3 .  ? 7.781   8.756   2.218   1.00 24.14 ? 1011 HOH A O   1 
HETATM 629 O  O   . HOH C 3 .  ? -3.535  10.638  -4.926  1.00 21.24 ? 1012 HOH A O   1 
HETATM 630 O  O   . HOH C 3 .  ? 15.409  -9.090  9.537   1.00 10.97 ? 1013 HOH A O   1 
HETATM 631 O  O   . HOH C 3 .  ? -4.606  2.485   -9.895  1.00 19.36 ? 1014 HOH A O   1 
HETATM 632 O  O   . HOH C 3 .  ? -11.906 11.664  -4.610  1.00 25.06 ? 1015 HOH A O   1 
HETATM 633 O  O   . HOH C 3 .  ? 6.347   -6.325  17.239  1.00 16.97 ? 1016 HOH A O   1 
HETATM 634 O  O   . HOH C 3 .  ? 14.055  3.044   -0.540  1.00 22.09 ? 1017 HOH A O   1 
HETATM 635 O  O   . HOH C 3 .  ? -14.087 3.993   1.366   1.00 17.56 ? 1018 HOH A O   1 
HETATM 636 O  O   . HOH C 3 .  ? -11.984 1.103   0.605   1.00 19.91 ? 1019 HOH A O   1 
HETATM 637 O  O   . HOH C 3 .  ? -3.923  3.652   8.132   1.00 32.55 ? 1020 HOH A O   1 
HETATM 638 O  O   . HOH C 3 .  ? 1.644   -8.519  3.666   1.00 19.52 ? 1021 HOH A O   1 
HETATM 639 O  O   . HOH C 3 .  ? -7.325  -3.042  4.864   1.00 16.00 ? 1022 HOH A O   1 
HETATM 640 O  O   . HOH C 3 .  ? -7.428  -2.424  -10.839 1.00 18.88 ? 1023 HOH A O   1 
HETATM 641 O  O   . HOH C 3 .  ? 5.608   -10.624 17.837  1.00 21.87 ? 1024 HOH A O   1 
HETATM 642 O  O   . HOH C 3 .  ? 13.017  -8.097  -2.254  1.00 31.02 ? 1025 HOH A O   1 
HETATM 643 O  O   . HOH C 3 .  ? 0.291   8.914   -6.772  1.00 29.31 ? 1026 HOH A O   1 
HETATM 644 O  O   . HOH C 3 .  ? 12.841  0.679   -4.682  1.00 24.11 ? 1027 HOH A O   1 
HETATM 645 O  O   . HOH C 3 .  ? -15.757 -2.537  -2.899  1.00 14.20 ? 1028 HOH A O   1 
HETATM 646 O  O   . HOH C 3 .  ? -2.606  1.410   7.390   1.00 18.70 ? 1029 HOH A O   1 
HETATM 647 O  O   . HOH C 3 .  ? 9.011   8.363   -2.709  1.00 31.13 ? 1030 HOH A O   1 
HETATM 648 O  O   . HOH C 3 .  ? -14.170 -5.183  0.509   1.00 20.95 ? 1031 HOH A O   1 
HETATM 649 O  O   . HOH C 3 .  ? 0.606   -11.557 13.769  1.00 22.57 ? 1032 HOH A O   1 
HETATM 650 O  O   . HOH C 3 .  ? -15.096 -4.448  -8.899  1.00 20.36 ? 1033 HOH A O   1 
HETATM 651 O  O   . HOH C 3 .  ? -10.774 14.008  -4.953  1.00 37.15 ? 1034 HOH A O   1 
HETATM 652 O  O   . HOH C 3 .  ? 6.620   10.936  3.050   1.00 32.25 ? 1035 HOH A O   1 
HETATM 653 O  O   . HOH C 3 .  ? -8.952  -4.035  -12.342 1.00 23.68 ? 1036 HOH A O   1 
HETATM 654 O  O   . HOH C 3 .  ? -9.302  2.249   -3.493  1.00 11.14 ? 1037 HOH A O   1 
HETATM 655 O  O   . HOH C 3 .  ? 8.322   -11.965 13.264  1.00 33.94 ? 1038 HOH A O   1 
HETATM 656 O  O   . HOH C 3 .  ? 6.572   -4.053  -15.135 1.00 24.81 ? 1039 HOH A O   1 
HETATM 657 O  O   . HOH C 3 .  ? -10.054 -5.822  -10.806 1.00 21.59 ? 1040 HOH A O   1 
HETATM 658 O  O   . HOH C 3 .  ? -0.259  9.300   -10.717 1.00 20.23 ? 1041 HOH A O   1 
HETATM 659 O  O   . HOH C 3 .  ? 6.893   8.185   -4.262  1.00 21.13 ? 1042 HOH A O   1 
HETATM 660 O  O   . HOH C 3 .  ? 3.465   4.378   5.967   1.00 22.54 ? 1043 HOH A O   1 
HETATM 661 O  O   . HOH C 3 .  ? -3.285  -8.340  -9.854  1.00 23.75 ? 1044 HOH A O   1 
HETATM 662 O  O   . HOH C 3 .  ? -15.550 0.323   -9.157  1.00 16.91 ? 1045 HOH A O   1 
HETATM 663 O  O   . HOH C 3 .  ? -4.326  7.730   1.789   1.00 21.72 ? 1046 HOH A O   1 
HETATM 664 O  O   . HOH C 3 .  ? -8.250  7.631   2.497   1.00 22.31 ? 1047 HOH A O   1 
HETATM 665 O  O   . HOH C 3 .  ? 2.327   9.805   -9.199  1.00 26.25 ? 1048 HOH A O   1 
HETATM 666 O  O   . HOH C 3 .  ? -8.856  -1.015  -0.364  1.00 39.37 ? 1049 HOH A O   1 
HETATM 667 O  O   . HOH C 3 .  ? 10.349  -6.364  -10.380 1.00 29.42 ? 1050 HOH A O   1 
HETATM 668 O  O   . HOH C 3 .  ? -10.949 -0.286  -1.723  1.00 21.54 ? 1051 HOH A O   1 
HETATM 669 O  O   . HOH C 3 .  ? -2.982  11.723  -7.329  1.00 25.63 ? 1052 HOH A O   1 
HETATM 670 O  O   . HOH C 3 .  ? 5.046   -0.911  -9.119  1.00 9.74  ? 1053 HOH A O   1 
HETATM 671 O  O   . HOH C 3 .  ? -1.905  -8.125  7.882   1.00 19.93 ? 1054 HOH A O   1 
HETATM 672 O  O   . HOH C 3 .  ? -2.058  -8.342  5.047   1.00 13.81 ? 1055 HOH A O   1 
HETATM 673 O  O   . HOH C 3 .  ? -5.975  4.651   -9.509  1.00 15.81 ? 1056 HOH A O   1 
HETATM 674 O  O   . HOH C 3 .  ? -1.594  -6.052  9.035   1.00 27.64 ? 1057 HOH A O   1 
HETATM 675 O  O   . HOH C 3 .  ? 2.721   -0.911  9.800   1.00 14.29 ? 1058 HOH A O   1 
HETATM 676 O  O   . HOH C 3 .  ? 0.992   8.004   -0.653  1.00 17.20 ? 1059 HOH A O   1 
HETATM 677 O  O   . HOH C 3 .  ? 9.778   -0.448  -9.373  1.00 20.08 ? 1060 HOH A O   1 
HETATM 678 O  O   . HOH C 3 .  ? -13.649 12.867  2.814   1.00 21.30 ? 1061 HOH A O   1 
HETATM 679 O  O   . HOH C 3 .  ? -12.922 5.414   3.742   1.00 21.81 ? 1062 HOH A O   1 
HETATM 680 O  O   . HOH C 3 .  ? -2.664  8.401   -14.188 1.00 19.20 ? 1063 HOH A O   1 
HETATM 681 O  O   . HOH C 3 .  ? -9.211  -1.268  3.753   1.00 27.07 ? 1064 HOH A O   1 
HETATM 682 O  O   . HOH C 3 .  ? 13.370  -3.098  5.881   1.00 22.73 ? 1065 HOH A O   1 
HETATM 683 O  O   . HOH C 3 .  ? -7.182  5.750   4.503   1.00 34.57 ? 1066 HOH A O   1 
HETATM 684 O  O   . HOH C 3 .  ? 11.456  0.766   -7.967  1.00 30.32 ? 1067 HOH A O   1 
HETATM 685 O  O   . HOH C 3 .  ? 8.087   -1.467  12.431  1.00 25.48 ? 1068 HOH A O   1 
HETATM 686 O  O   . HOH C 3 .  ? 3.022   12.429  0.826   1.00 26.17 ? 1069 HOH A O   1 
HETATM 687 O  O   . HOH C 3 .  ? 12.236  4.407   -2.204  1.00 31.53 ? 1070 HOH A O   1 
HETATM 688 O  O   . HOH C 3 .  ? 8.573   -9.630  -8.382  1.00 33.96 ? 1071 HOH A O   1 
HETATM 689 O  O   . HOH C 3 .  ? 7.750   -11.794 -10.458 1.00 35.22 ? 1072 HOH A O   1 
HETATM 690 O  O   . HOH C 3 .  ? 1.616   9.451   1.552   1.00 39.66 ? 1073 HOH A O   1 
HETATM 691 O  O   . HOH C 3 .  ? 12.280  -2.208  -4.021  1.00 27.19 ? 1074 HOH A O   1 
HETATM 692 O  O   . HOH C 3 .  ? -9.266  9.866   3.412   1.00 25.35 ? 1075 HOH A O   1 
HETATM 693 O  O   . HOH C 3 .  ? -8.013  14.696  10.463  1.00 22.05 ? 1076 HOH A O   1 
HETATM 694 O  O   . HOH C 3 .  ? -9.550  0.789   1.933   1.00 32.50 ? 1077 HOH A O   1 
HETATM 695 O  O   . HOH C 3 .  ? 3.966   -6.027  -11.879 1.00 33.09 ? 1078 HOH A O   1 
HETATM 696 O  O   . HOH C 3 .  ? 13.604  -12.705 2.241   1.00 34.03 ? 1079 HOH A O   1 
HETATM 697 O  O   . HOH C 3 .  ? -16.939 -4.718  -1.783  1.00 25.00 ? 1080 HOH A O   1 
HETATM 698 O  O   . HOH C 3 .  ? -11.733 -9.849  -10.281 1.00 26.64 ? 1081 HOH A O   1 
HETATM 699 O  O   . HOH C 3 .  ? 13.909  -5.577  -4.917  1.00 27.88 ? 1082 HOH A O   1 
HETATM 700 O  O   . HOH C 3 .  ? 1.750   -9.630  -6.473  1.00 34.24 ? 1083 HOH A O   1 
HETATM 701 O  O   . HOH C 3 .  ? 15.213  -6.861  -1.173  1.00 37.98 ? 1084 HOH A O   1 
HETATM 702 O  O   . HOH C 3 .  ? -0.511  -13.303 12.364  1.00 35.90 ? 1085 HOH A O   1 
HETATM 703 O  O   . HOH C 3 .  ? -11.736 -0.796  5.661   1.00 50.96 ? 1086 HOH A O   1 
HETATM 704 O  O   . HOH C 3 .  ? -3.079  13.487  3.040   1.00 30.85 ? 1087 HOH A O   1 
HETATM 705 O  O   . HOH C 3 .  ? -5.196  -9.815  -6.614  1.00 26.18 ? 1088 HOH A O   1 
HETATM 706 O  O   . HOH C 3 .  ? 6.053   -6.801  -12.776 1.00 31.33 ? 1089 HOH A O   1 
HETATM 707 O  O   . HOH C 3 .  ? 0.993   3.847   7.864   1.00 33.09 ? 1090 HOH A O   1 
HETATM 708 O  O   . HOH C 3 .  ? -1.891  8.632   -4.775  1.00 27.72 ? 1091 HOH A O   1 
HETATM 709 O  O   . HOH C 3 .  ? -0.863  8.167   6.421   1.00 38.89 ? 1092 HOH A O   1 
HETATM 710 O  O   . HOH C 3 .  ? -15.606 16.885  2.299   1.00 32.84 ? 1093 HOH A O   1 
HETATM 711 O  O   . HOH C 3 .  ? 9.630   3.530   10.509  1.00 34.35 ? 1094 HOH A O   1 
HETATM 712 O  O   . HOH C 3 .  ? -8.326  -5.519  4.141   1.00 28.20 ? 1095 HOH A O   1 
HETATM 713 O  O   . HOH C 3 .  ? 3.673   -12.908 -13.945 1.00 32.39 ? 1096 HOH A O   1 
HETATM 714 O  O   . HOH C 3 .  ? -12.747 12.711  -2.698  1.00 30.25 ? 1097 HOH A O   1 
HETATM 715 O  O   . HOH C 3 .  ? 8.669   -6.049  15.772  1.00 28.63 ? 1098 HOH A O   1 
HETATM 716 O  O   . HOH C 3 .  ? -10.333 -2.692  0.872   1.00 29.59 ? 1099 HOH A O   1 
HETATM 717 O  O   . HOH C 3 .  ? 6.967   -13.419 -8.999  1.00 33.47 ? 1100 HOH A O   1 
HETATM 718 O  O   . HOH C 3 .  ? -2.627  -11.949 4.328   1.00 39.76 ? 1101 HOH A O   1 
HETATM 719 O  O   . HOH C 3 .  ? 9.486   8.927   -0.198  1.00 31.46 ? 1102 HOH A O   1 
HETATM 720 O  O   . HOH C 3 .  ? 11.010  -7.899  13.567  1.00 31.96 ? 1103 HOH A O   1 
HETATM 721 O  O   . HOH C 3 .  ? 12.613  -1.605  9.937   1.00 40.95 ? 1104 HOH A O   1 
HETATM 722 O  O   . HOH C 3 .  ? -2.628  -7.167  -3.471  1.00 27.26 ? 1105 HOH A O   1 
HETATM 723 O  O   . HOH C 3 .  ? 13.975  -9.926  3.180   1.00 43.60 ? 1106 HOH A O   1 
HETATM 724 O  O   . HOH C 3 .  ? 14.863  -10.928 -3.693  1.00 44.26 ? 1107 HOH A O   1 
HETATM 725 O  O   . HOH C 3 .  ? 1.916   7.097   6.780   1.00 54.37 ? 1108 HOH A O   1 
HETATM 726 O  O   . HOH C 3 .  ? -0.302  -9.723  3.774   1.00 43.30 ? 1109 HOH A O   1 
HETATM 727 O  O   . HOH C 3 .  ? 12.607  2.490   -9.673  1.00 37.51 ? 1110 HOH A O   1 
HETATM 728 O  O   . HOH C 3 .  ? -10.433 7.089   3.564   1.00 40.53 ? 1111 HOH A O   1 
HETATM 729 O  O   . HOH C 3 .  ? -4.051  -2.640  9.169   1.00 36.85 ? 1112 HOH A O   1 
HETATM 730 O  O   . HOH C 3 .  ? -4.305  -10.050 7.844   1.00 43.76 ? 1113 HOH A O   1 
HETATM 731 O  O   . HOH C 3 .  ? -2.846  11.356  2.122   1.00 45.29 ? 1114 HOH A O   1 
HETATM 732 O  O   . HOH C 3 .  ? 0.512   -15.152 13.534  1.00 40.04 ? 1115 HOH A O   1 
HETATM 733 O  O   . HOH C 3 .  ? -0.163  -11.297 -6.430  1.00 44.01 ? 1116 HOH A O   1 
HETATM 734 O  O   . HOH C 3 .  ? -13.762 14.858  3.954   1.00 50.54 ? 1117 HOH A O   1 
HETATM 735 O  O   . HOH C 3 .  ? -3.749  -10.365 -4.280  1.00 44.67 ? 1118 HOH A O   1 
HETATM 736 O  O   . HOH C 3 .  ? -7.047  -12.460 -6.326  1.00 43.61 ? 1119 HOH A O   1 
HETATM 737 O  O   . HOH C 3 .  ? -2.917  -0.527  9.198   1.00 41.84 ? 1120 HOH A O   1 
HETATM 738 O  O   . HOH C 3 .  ? -3.491  -9.420  -1.670  1.00 41.01 ? 1121 HOH A O   1 
HETATM 739 O  O   . HOH C 3 .  ? 5.908   10.825  -3.845  1.00 36.03 ? 1122 HOH A O   1 
HETATM 740 O  O   . HOH C 3 .  ? 1.604   -10.397 4.986   1.00 30.66 ? 1123 HOH A O   1 
HETATM 741 O  O   . HOH C 3 .  ? -9.336  -5.629  6.769   1.00 42.79 ? 1124 HOH A O   1 
HETATM 742 O  O   . HOH C 3 .  ? -10.800 12.262  7.851   1.00 53.54 ? 1125 HOH A O   1 
HETATM 743 O  O   . HOH C 3 .  ? 10.864  -11.586 -5.001  0.50 30.68 ? 1126 HOH A O   1 
HETATM 744 O  O   . HOH C 3 .  ? 16.046  4.091   11.779  1.00 45.75 ? 1127 HOH A O   1 
HETATM 745 O  O   . HOH C 3 .  ? 11.037  -3.524  11.464  1.00 45.59 ? 1128 HOH A O   1 
HETATM 746 O  O   . HOH C 3 .  ? -8.440  11.890  11.412  1.00 43.18 ? 1129 HOH A O   1 
HETATM 747 O  O   . HOH C 3 .  ? 6.345   -11.755 -7.198  1.00 45.72 ? 1130 HOH A O   1 
HETATM 748 O  O   . HOH C 3 .  ? -12.698 -2.492  1.416   1.00 41.79 ? 1131 HOH A O   1 
HETATM 749 O  O   . HOH C 3 .  ? -8.431  -2.961  7.073   1.00 42.54 ? 1132 HOH A O   1 
HETATM 750 O  O   . HOH C 3 .  ? 7.978   8.524   -6.584  1.00 47.77 ? 1133 HOH A O   1 
HETATM 751 O  O   . HOH C 3 .  ? -3.572  -10.492 -8.168  1.00 36.82 ? 1134 HOH A O   1 
HETATM 752 O  O   . HOH C 3 .  ? -14.053 1.585   2.087   1.00 35.86 ? 1135 HOH A O   1 
HETATM 753 O  O   . HOH C 3 .  ? 2.484   6.849   8.993   1.00 46.04 ? 1136 HOH A O   1 
HETATM 754 O  O   . HOH C 3 .  ? 14.421  -0.022  10.348  1.00 41.80 ? 1137 HOH A O   1 
HETATM 755 O  O   . HOH C 3 .  ? 0.734   11.842  3.583   1.00 61.63 ? 1138 HOH A O   1 
HETATM 756 O  O   . HOH C 3 .  ? 10.090  0.617   11.480  1.00 41.25 ? 1139 HOH A O   1 
HETATM 757 O  O   . HOH C 3 .  ? -5.494  -14.699 -7.287  1.00 52.11 ? 1140 HOH A O   1 
HETATM 758 O  O   . HOH C 3 .  ? -1.907  -11.556 -4.972  0.50 39.16 ? 1141 HOH A O   1 
HETATM 759 O  O   . HOH C 3 .  ? 13.895  -11.239 -5.755  1.00 52.07 ? 1142 HOH A O   1 
HETATM 760 O  O   . HOH C 3 .  ? 5.320   -11.223 -14.232 0.50 39.55 ? 1143 HOH A O   1 
HETATM 761 O  O   . HOH C 3 .  ? -11.966 -5.048  6.035   1.00 49.50 ? 1144 HOH A O   1 
HETATM 762 O  O   . HOH C 3 .  ? -4.240  -9.848  4.502   1.00 41.49 ? 1145 HOH A O   1 
HETATM 763 O  O   . HOH C 3 .  ? 10.557  5.043   -9.351  0.50 49.16 ? 1146 HOH A O   1 
HETATM 764 O  O   . HOH C 3 .  ? 6.765   -9.985  -12.923 1.00 59.28 ? 1147 HOH A O   1 
HETATM 765 O  O   . HOH C 3 .  ? -2.409  8.324   4.728   1.00 44.39 ? 1148 HOH A O   1 
HETATM 766 O  O   . HOH C 3 .  ? -15.437 -0.119  2.771   1.00 56.48 ? 1149 HOH A O   1 
HETATM 767 O  O   . HOH C 3 .  ? 11.869  -7.013  11.302  1.00 57.79 ? 1150 HOH A O   1 
HETATM 768 O  O   . HOH C 3 .  ? -5.292  7.945   4.428   1.00 46.24 ? 1151 HOH A O   1 
# 
loop_
_atom_site_anisotrop.id 
_atom_site_anisotrop.type_symbol 
_atom_site_anisotrop.pdbx_label_atom_id 
_atom_site_anisotrop.pdbx_label_alt_id 
_atom_site_anisotrop.pdbx_label_comp_id 
_atom_site_anisotrop.pdbx_label_asym_id 
_atom_site_anisotrop.pdbx_label_seq_id 
_atom_site_anisotrop.pdbx_PDB_ins_code 
_atom_site_anisotrop.U[1][1] 
_atom_site_anisotrop.U[2][2] 
_atom_site_anisotrop.U[3][3] 
_atom_site_anisotrop.U[1][2] 
_atom_site_anisotrop.U[1][3] 
_atom_site_anisotrop.U[2][3] 
_atom_site_anisotrop.pdbx_auth_seq_id 
_atom_site_anisotrop.pdbx_auth_comp_id 
_atom_site_anisotrop.pdbx_auth_asym_id 
_atom_site_anisotrop.pdbx_auth_atom_id 
1   N  N   . GLY A 1  ? 0.6520 0.2313 0.6383 -0.0082 -0.3526 -0.1122 445  GLY A N   
2   C  CA  . GLY A 1  ? 0.3786 0.1820 0.3237 0.0209  -0.0432 -0.0243 445  GLY A CA  
3   C  C   . GLY A 1  ? 0.2672 0.2156 0.2428 -0.0152 -0.0439 -0.0223 445  GLY A C   
4   O  O   . GLY A 1  ? 0.2789 0.2052 0.2263 -0.0574 -0.0350 0.0239  445  GLY A O   
5   N  N   . PRO A 2  ? 0.1935 0.1784 0.2324 0.0151  -0.0417 0.0063  446  PRO A N   
6   C  CA  . PRO A 2  ? 0.1857 0.2264 0.3031 0.0310  -0.0849 -0.0595 446  PRO A CA  
7   C  C   . PRO A 2  ? 0.1554 0.2673 0.1737 0.0189  -0.0440 -0.0744 446  PRO A C   
8   O  O   . PRO A 2  ? 0.1579 0.2026 0.1937 -0.0186 -0.0158 -0.0546 446  PRO A O   
9   C  CB  . PRO A 2  ? 0.2577 0.2590 0.4627 0.0004  -0.2069 -0.0772 446  PRO A CB  
10  C  CG  . PRO A 2  ? 0.2168 0.3887 0.2398 -0.0795 -0.0459 0.0185  446  PRO A CG  
11  C  CD  . PRO A 2  ? 0.1749 0.4880 0.3198 -0.0004 -0.0523 -0.1035 446  PRO A CD  
12  N  N   . LEU A 3  ? 0.1529 0.2226 0.1791 -0.0043 -0.0188 -0.0306 447  LEU A N   
13  C  CA  . LEU A 3  ? 0.1736 0.1631 0.1559 0.0032  -0.0028 -0.0254 447  LEU A CA  
14  C  C   . LEU A 3  ? 0.1561 0.1380 0.1664 -0.0077 -0.0125 -0.0132 447  LEU A C   
15  O  O   . LEU A 3  ? 0.3005 0.1704 0.1627 0.0181  -0.0408 0.0241  447  LEU A O   
16  C  CB  . LEU A 3  ? 0.2557 0.1561 0.2155 -0.0414 0.0407  -0.0550 447  LEU A CB  
17  C  CG  . LEU A 3  ? 0.4548 0.3028 0.4438 -0.1183 0.0156  -0.2179 447  LEU A CG  
18  C  CD1 . LEU A 3  ? 0.7947 0.2267 0.4341 -0.2954 0.2376  -0.1674 447  LEU A CD1 
19  C  CD2 . LEU A 3  ? 0.5104 0.3121 0.2751 0.1548  -0.2404 -0.1172 447  LEU A CD2 
20  N  N   . GLY A 4  ? 0.1826 0.1460 0.1536 -0.0051 -0.0157 -0.0132 448  GLY A N   
21  C  CA  . GLY A 4  ? 0.1720 0.1912 0.1764 -0.0215 -0.0085 -0.0497 448  GLY A CA  
22  C  C   . GLY A 4  ? 0.1874 0.1836 0.1558 -0.0213 -0.0341 -0.0263 448  GLY A C   
23  O  O   . GLY A 4  ? 0.2856 0.3039 0.1903 -0.0319 -0.0383 -0.1258 448  GLY A O   
24  N  N   . SER A 5  ? 0.1802 0.1469 0.1437 -0.0126 0.0044  -0.0112 449  SER A N   
25  C  CA  . SER A 5  ? 0.2192 0.1447 0.1781 0.0244  0.0283  -0.0165 449  SER A CA  
26  C  C   . SER A 5  ? 0.3000 0.1786 0.1547 0.0908  -0.0457 -0.0267 449  SER A C   
27  O  O   . SER A 5  ? 0.5074 0.1953 0.2096 0.1358  -0.0339 0.0172  449  SER A O   
28  C  CB  . SER A 5  ? 0.2289 0.2549 0.2809 -0.0399 0.1215  -0.0559 449  SER A CB  
29  O  OG  . SER A 5  ? 0.2420 0.2768 0.3924 -0.0379 -0.0163 -0.1209 449  SER A OG  
30  N  N   . GLY A 6  ? 0.2299 0.1798 0.2348 0.0775  -0.0166 -0.0521 450  GLY A N   
31  C  CA  . GLY A 6  ? 0.2201 0.1575 0.2037 0.0825  -0.0443 -0.0501 450  GLY A CA  
32  C  C   . GLY A 6  ? 0.1474 0.1602 0.1668 0.0510  -0.0670 -0.0392 450  GLY A C   
33  O  O   . GLY A 6  ? 0.3639 0.1584 0.2175 0.1353  -0.1543 -0.0617 450  GLY A O   
34  N  N   . ASP A 7  ? 0.1639 0.1224 0.1347 0.0498  -0.0620 -0.0196 451  ASP A N   
35  C  CA  . ASP A 7  ? 0.1332 0.1259 0.1265 0.0210  -0.0385 -0.0036 451  ASP A CA  
36  C  C   . ASP A 7  ? 0.1077 0.1137 0.0991 0.0148  -0.0100 -0.0003 451  ASP A C   
37  O  O   . ASP A 7  ? 0.1135 0.1388 0.1062 0.0055  -0.0206 0.0158  451  ASP A O   
38  C  CB  . ASP A 7  ? 0.1081 0.1532 0.1491 0.0313  -0.0296 -0.0202 451  ASP A CB  
39  C  CG  . ASP A 7  ? 0.1836 0.3302 0.2882 0.1140  -0.1365 -0.1273 451  ASP A CG  
40  O  OD1 . ASP A 7  ? 0.1096 0.5220 0.5221 0.0302  -0.0331 -0.3932 451  ASP A OD1 
41  O  OD2 . ASP A 7  ? 0.5115 0.5049 0.2804 0.2102  -0.2515 -0.0931 451  ASP A OD2 
42  N  N   . VAL A 8  ? 0.1086 0.1184 0.1117 0.0122  -0.0232 0.0170  452  VAL A N   
43  C  CA  . VAL A 8  ? 0.0913 0.1089 0.1152 0.0164  -0.0231 0.0069  452  VAL A CA  
44  C  C   . VAL A 8  ? 0.0976 0.1405 0.0910 0.0321  -0.0171 0.0050  452  VAL A C   
45  O  O   . VAL A 8  ? 0.1057 0.1320 0.1158 0.0163  -0.0228 0.0079  452  VAL A O   
46  C  CB  . VAL A 8  ? 0.1131 0.1310 0.1091 0.0247  -0.0195 0.0225  452  VAL A CB  
47  C  CG1 . VAL A 8  ? 0.1549 0.1259 0.1234 0.0376  -0.0290 0.0097  452  VAL A CG1 
48  C  CG2 . VAL A 8  ? 0.1460 0.1470 0.1588 0.0152  -0.0077 0.0519  452  VAL A CG2 
49  N  N   . GLN A 9  ? 0.0945 0.1311 0.0864 0.0077  -0.0083 0.0100  453  GLN A N   
50  C  CA  . GLN A 9  ? 0.1290 0.1698 0.0934 0.0468  -0.0082 0.0066  453  GLN A CA  
51  C  C   . GLN A 9  ? 0.0987 0.1797 0.0875 0.0400  -0.0308 -0.0173 453  GLN A C   
52  O  O   . GLN A 9  ? 0.1488 0.1720 0.1219 0.0513  -0.0597 -0.0259 453  GLN A O   
53  C  CB  . GLN A 9  ? 0.1464 0.2673 0.1095 0.0311  -0.0005 0.0389  453  GLN A CB  
54  C  CG  . GLN A 9  ? 0.2561 0.1947 0.1662 0.0675  0.0222  0.0443  453  GLN A CG  
55  C  CD  . GLN A 9  ? 0.3019 0.4150 0.2342 0.0300  0.0371  0.1654  453  GLN A CD  
56  O  OE1 . GLN A 9  ? 0.2834 0.6354 0.2404 -0.0313 0.0645  0.1286  453  GLN A OE1 
57  N  NE2 . GLN A 9  ? 0.2785 0.5880 0.2133 -0.0179 0.0526  0.1670  453  GLN A NE2 
58  N  N   . VAL A 10 ? 0.0784 0.1585 0.0813 0.0113  -0.0001 -0.0007 454  VAL A N   
59  C  CA  . VAL A 10 ? 0.0901 0.1485 0.0743 0.0084  -0.0065 -0.0071 454  VAL A CA  
60  C  C   . VAL A 10 ? 0.0927 0.1458 0.0627 0.0106  -0.0162 -0.0033 454  VAL A C   
61  O  O   . VAL A 10 ? 0.0942 0.1505 0.0822 0.0071  -0.0135 -0.0262 454  VAL A O   
62  C  CB  . VAL A 10 ? 0.1318 0.1493 0.0627 -0.0155 -0.0020 0.0019  454  VAL A CB  
63  C  CG1 . VAL A 10 ? 0.1738 0.1598 0.0676 -0.0026 -0.0065 0.0077  454  VAL A CG1 
64  C  CG2 . VAL A 10 ? 0.1187 0.2240 0.0851 -0.0243 -0.0063 0.0227  454  VAL A CG2 
65  N  N   . THR A 11 ? 0.0756 0.1560 0.0696 0.0131  -0.0157 -0.0123 455  THR A N   
66  C  CA  . THR A 11 ? 0.0930 0.1298 0.0766 0.0094  -0.0008 0.0059  455  THR A CA  
67  C  C   . THR A 11 ? 0.0757 0.1368 0.0725 -0.0018 -0.0105 -0.0085 455  THR A C   
68  O  O   . THR A 11 ? 0.0932 0.1428 0.0631 0.0011  -0.0060 -0.0167 455  THR A O   
69  C  CB  . THR A 11 ? 0.1144 0.1300 0.1103 -0.0020 -0.0403 0.0081  455  THR A CB  
70  O  OG1 . THR A 11 ? 0.1323 0.1431 0.1320 0.0102  -0.0376 -0.0136 455  THR A OG1 
71  C  CG2 . THR A 11 ? 0.1076 0.1932 0.1311 0.0090  -0.0270 0.0438  455  THR A CG2 
72  N  N   . GLU A 12 ? 0.0782 0.1382 0.0768 0.0001  -0.0038 -0.0145 456  GLU A N   
73  C  CA  . GLU A 12 ? 0.0841 0.1192 0.0766 0.0109  -0.0064 -0.0219 456  GLU A CA  
74  C  C   . GLU A 12 ? 0.0817 0.0977 0.0705 -0.0040 -0.0091 -0.0043 456  GLU A C   
75  O  O   . GLU A 12 ? 0.0848 0.1042 0.0736 -0.0001 -0.0155 0.0035  456  GLU A O   
76  C  CB  . GLU A 12 ? 0.0913 0.1493 0.0822 -0.0068 0.0070  -0.0273 456  GLU A CB  
77  C  CG  . GLU A 12 ? 0.0969 0.1500 0.1204 0.0144  0.0008  -0.0370 456  GLU A CG  
78  C  CD  . GLU A 12 ? 0.0988 0.1679 0.1586 -0.0168 0.0156  -0.0387 456  GLU A CD  
79  O  OE1 . GLU A 12 ? 0.1639 0.1907 0.2329 -0.0306 0.0764  -0.0260 456  GLU A OE1 
80  O  OE2 . GLU A 12 ? 0.1299 0.1818 0.1317 -0.0195 0.0194  -0.0477 456  GLU A OE2 
81  N  N   . ASP A 13 ? 0.1014 0.1140 0.0655 -0.0050 -0.0071 -0.0012 457  ASP A N   
82  C  CA  . ASP A 13 ? 0.1252 0.0904 0.0758 -0.0111 -0.0058 0.0007  457  ASP A CA  
83  C  C   . ASP A 13 ? 0.1132 0.0868 0.0707 0.0007  -0.0109 -0.0079 457  ASP A C   
84  O  O   . ASP A 13 ? 0.1188 0.1213 0.0760 -0.0102 -0.0128 -0.0056 457  ASP A O   
85  C  CB  . ASP A 13 ? 0.1969 0.1143 0.0861 0.0119  -0.0004 0.0117  457  ASP A CB  
86  C  CG  . ASP A 13 ? 0.2122 0.1571 0.1065 0.0020  0.0109  0.0235  457  ASP A CG  
87  O  OD1 . ASP A 13 ? 0.1988 0.3327 0.1608 0.0553  0.0333  0.0466  457  ASP A OD1 
88  O  OD2 . ASP A 13 ? 0.3147 0.1693 0.1251 -0.0148 -0.0179 0.0509  457  ASP A OD2 
89  N  N   . ALA A 14 ? 0.1147 0.1124 0.0683 0.0081  -0.0039 0.0015  458  ALA A N   
90  C  CA  . ALA A 14 ? 0.1319 0.1337 0.0693 0.0335  0.0073  -0.0118 458  ALA A CA  
91  C  C   . ALA A 14 ? 0.1084 0.1024 0.0658 -0.0050 0.0095  -0.0015 458  ALA A C   
92  O  O   . ALA A 14 ? 0.1856 0.1227 0.0618 -0.0193 0.0087  -0.0241 458  ALA A O   
93  C  CB  . ALA A 14 ? 0.1161 0.1719 0.1294 0.0333  0.0089  -0.0003 458  ALA A CB  
94  N  N   . VAL A 15 ? 0.0896 0.1048 0.0630 -0.0068 -0.0048 -0.0009 459  VAL A N   
95  C  CA  . VAL A 15 ? 0.0958 0.0963 0.0748 -0.0127 -0.0124 -0.0038 459  VAL A CA  
96  C  C   . VAL A 15 ? 0.0970 0.0874 0.0660 -0.0082 -0.0069 -0.0024 459  VAL A C   
97  O  O   . VAL A 15 ? 0.1163 0.1172 0.0627 -0.0282 -0.0225 0.0161  459  VAL A O   
98  C  CB  . VAL A 15 ? 0.0949 0.1007 0.0738 -0.0188 -0.0047 -0.0115 459  VAL A CB  
99  C  CG1 . VAL A 15 ? 0.1275 0.1038 0.0847 0.0092  0.0031  0.0034  459  VAL A CG1 
100 C  CG2 . VAL A 15 ? 0.0995 0.1184 0.0782 -0.0196 -0.0041 -0.0161 459  VAL A CG2 
101 N  N   . ARG A 16 ? 0.0898 0.1081 0.0742 -0.0134 -0.0168 0.0068  460  ARG A N   
102 C  CA  . ARG A 16 ? 0.0844 0.1531 0.0808 -0.0080 -0.0144 0.0226  460  ARG A CA  
103 C  C   . ARG A 16 ? 0.0983 0.1304 0.0808 -0.0332 -0.0288 0.0305  460  ARG A C   
104 O  O   . ARG A 16 ? 0.1072 0.1719 0.0877 -0.0298 -0.0271 0.0283  460  ARG A O   
105 C  CB  . ARG A 16 ? 0.0941 0.1608 0.1034 -0.0129 -0.0023 0.0396  460  ARG A CB  
106 C  CG  . ARG A 16 ? 0.1030 0.1755 0.1397 -0.0388 -0.0249 0.0574  460  ARG A CG  
107 C  CD  . ARG A 16 ? 0.1428 0.2005 0.1229 -0.0545 -0.0081 0.0354  460  ARG A CD  
108 N  NE  . ARG A 16 ? 0.1899 0.2180 0.1817 -0.0107 0.0028  0.0048  460  ARG A NE  
109 C  CZ  . ARG A 16 ? 0.2294 0.2040 0.1879 0.0049  0.0328  0.0462  460  ARG A CZ  
110 N  NH1 . ARG A 16 ? 0.1909 0.2162 0.2639 -0.0234 0.0182  0.0850  460  ARG A NH1 
111 N  NH2 . ARG A 16 ? 0.2550 0.2443 0.2344 -0.0249 0.0721  -0.0086 460  ARG A NH2 
112 N  N   . ARG A 17 ? 0.1230 0.1182 0.0948 -0.0357 -0.0356 0.0111  461  ARG A N   
113 C  CA  . ARG A 17 ? 0.2008 0.1127 0.0953 -0.0438 -0.0544 0.0154  461  ARG A CA  
114 C  C   . ARG A 17 ? 0.1405 0.1188 0.0883 -0.0288 -0.0366 -0.0028 461  ARG A C   
115 O  O   . ARG A 17 ? 0.2025 0.1954 0.0933 -0.0829 -0.0628 0.0116  461  ARG A O   
116 C  CB  . ARG A 17 ? 0.3154 0.1207 0.1323 0.0104  -0.0606 0.0077  461  ARG A CB  
117 C  CG  . ARG A 17 ? 0.5287 0.1043 0.1956 -0.0119 -0.0630 0.0296  461  ARG A CG  
118 C  CD  . ARG A 17 ? 0.7285 0.1656 0.2612 0.0987  -0.1425 0.0402  461  ARG A CD  
119 N  NE  . ARG A 17 ? 0.5749 0.3111 0.2778 0.1101  -0.0243 0.0981  461  ARG A NE  
120 C  CZ  . ARG A 17 ? 0.5663 0.1386 0.3055 0.0671  -0.0980 0.0438  461  ARG A CZ  
121 N  NH1 . ARG A 17 ? 0.6298 0.1850 0.1930 0.1292  -0.0400 -0.0186 461  ARG A NH1 
122 N  NH2 . ARG A 17 ? 0.5763 0.2374 0.5699 0.1004  -0.1638 -0.0557 461  ARG A NH2 
123 N  N   . TYR A 18 ? 0.1063 0.0872 0.0888 0.0051  -0.0353 0.0005  462  TYR A N   
124 C  CA  . TYR A 18 ? 0.0912 0.0966 0.0919 0.0053  -0.0358 -0.0095 462  TYR A CA  
125 C  C   . TYR A 18 ? 0.0872 0.0893 0.0718 -0.0006 -0.0126 -0.0077 462  TYR A C   
126 O  O   . TYR A 18 ? 0.0920 0.1153 0.0785 0.0078  -0.0262 -0.0107 462  TYR A O   
127 C  CB  . TYR A 18 ? 0.0821 0.1121 0.1165 0.0073  -0.0144 -0.0123 462  TYR A CB  
128 C  CG  . TYR A 18 ? 0.0937 0.1335 0.1079 0.0222  -0.0191 -0.0168 462  TYR A CG  
129 C  CD1 . TYR A 18 ? 0.1225 0.1847 0.1608 0.0522  -0.0329 -0.0589 462  TYR A CD1 
130 C  CD2 . TYR A 18 ? 0.0790 0.1894 0.1126 0.0174  -0.0242 0.0036  462  TYR A CD2 
131 C  CE1 . TYR A 18 ? 0.1628 0.1819 0.2160 0.0752  -0.0462 -0.0587 462  TYR A CE1 
132 C  CE2 . TYR A 18 ? 0.1373 0.1873 0.1879 0.0396  -0.0658 -0.0025 462  TYR A CE2 
133 C  CZ  . TYR A 18 ? 0.1333 0.1676 0.2513 0.0467  -0.0656 -0.0271 462  TYR A CZ  
134 O  OH  . TYR A 18 ? 0.1647 0.2588 0.3620 0.1056  -0.0597 -0.0128 462  TYR A OH  
135 N  N   . LEU A 19 ? 0.0780 0.0986 0.0699 0.0016  -0.0181 0.0019  463  LEU A N   
136 C  CA  . LEU A 19 ? 0.0750 0.0977 0.0804 0.0127  -0.0232 -0.0161 463  LEU A CA  
137 C  C   . LEU A 19 ? 0.0833 0.0875 0.0846 0.0022  -0.0161 -0.0040 463  LEU A C   
138 O  O   . LEU A 19 ? 0.0839 0.1039 0.0874 0.0130  -0.0240 0.0067  463  LEU A O   
139 C  CB  . LEU A 19 ? 0.0775 0.1027 0.0782 -0.0035 -0.0077 -0.0100 463  LEU A CB  
140 C  CG  . LEU A 19 ? 0.0977 0.0911 0.0842 -0.0010 -0.0133 -0.0049 463  LEU A CG  
141 C  CD1 . LEU A 19 ? 0.1103 0.1014 0.1064 -0.0039 -0.0156 -0.0109 463  LEU A CD1 
142 C  CD2 . LEU A 19 ? 0.0982 0.1305 0.1136 -0.0302 0.0004  0.0269  463  LEU A CD2 
143 N  N   . THR A 20 ? 0.0868 0.1035 0.0981 -0.0047 -0.0311 0.0133  464  THR A N   
144 C  CA  . THR A 20 ? 0.0819 0.1163 0.1153 -0.0085 -0.0209 0.0144  464  THR A CA  
145 C  C   . THR A 20 ? 0.0960 0.1245 0.1128 0.0002  -0.0334 -0.0003 464  THR A C   
146 O  O   . THR A 20 ? 0.1151 0.1804 0.1339 -0.0207 -0.0593 0.0209  464  THR A O   
147 C  CB  . THR A 20 ? 0.1251 0.1279 0.1375 -0.0090 0.0183  0.0182  464  THR A CB  
148 O  OG1 A THR A 20 ? 0.1428 0.1086 0.1079 0.0070  0.0259  0.0351  464  THR A OG1 
149 O  OG1 B THR A 20 ? 0.1048 0.2327 0.4741 -0.0380 -0.0216 0.1243  464  THR A OG1 
150 C  CG2 A THR A 20 ? 0.3483 0.4077 0.2558 -0.2933 -0.0796 0.0753  464  THR A CG2 
151 C  CG2 B THR A 20 ? 0.0895 0.0894 0.0327 -0.0380 0.0082  0.0061  464  THR A CG2 
152 N  N   . ARG A 21 ? 0.1051 0.0984 0.1134 0.0080  -0.0306 -0.0073 465  ARG A N   
153 C  CA  . ARG A 21 ? 0.1354 0.1034 0.1188 0.0137  -0.0337 -0.0265 465  ARG A CA  
154 C  C   . ARG A 21 ? 0.1254 0.1090 0.1214 -0.0044 -0.0276 -0.0176 465  ARG A C   
155 O  O   . ARG A 21 ? 0.1346 0.1262 0.1062 -0.0078 -0.0200 -0.0284 465  ARG A O   
156 C  CB  . ARG A 21 ? 0.1564 0.1572 0.1522 0.0540  -0.0397 -0.0509 465  ARG A CB  
157 C  CG  . ARG A 21 ? 0.2173 0.1555 0.1525 0.0656  -0.0676 -0.0574 465  ARG A CG  
158 C  CD  . ARG A 21 ? 0.2057 0.1780 0.2633 0.0746  -0.0712 -0.0313 465  ARG A CD  
159 N  NE  . ARG A 21 ? 0.2216 0.1799 0.3549 0.0578  -0.0345 0.0140  465  ARG A NE  
160 C  CZ  . ARG A 21 ? 0.2827 0.2017 0.2551 0.0535  -0.0802 0.0084  465  ARG A CZ  
161 N  NH1 . ARG A 21 ? 0.2291 0.2017 0.6644 0.0221  -0.0967 -0.0904 465  ARG A NH1 
162 N  NH2 . ARG A 21 ? 0.6614 0.1752 0.3645 0.0741  -0.1753 0.0353  465  ARG A NH2 
163 N  N   . LYS A 22 ? 0.1247 0.0987 0.1177 -0.0018 -0.0212 -0.0270 466  LYS A N   
164 C  CA  . LYS A 22 ? 0.1633 0.1157 0.0982 -0.0352 0.0178  -0.0254 466  LYS A CA  
165 C  C   . LYS A 22 ? 0.1306 0.1072 0.0914 -0.0126 0.0052  -0.0081 466  LYS A C   
166 O  O   . LYS A 22 ? 0.1212 0.1103 0.0934 0.0016  -0.0055 0.0014  466  LYS A O   
167 C  CB  . LYS A 22 ? 0.2064 0.1569 0.1538 -0.0424 0.0571  -0.0531 466  LYS A CB  
168 C  CG  A LYS A 22 ? 0.2039 0.2152 0.1597 -0.0997 0.0806  -0.1253 466  LYS A CG  
169 C  CG  B LYS A 22 ? 0.1880 0.2395 0.3021 0.0710  0.0571  -0.1214 466  LYS A CG  
170 C  CD  A LYS A 22 ? 0.2434 0.2968 0.0714 -0.0833 0.1010  -0.0607 466  LYS A CD  
171 C  CD  B LYS A 22 ? 0.2388 0.2633 0.2535 0.0269  0.0541  -0.1728 466  LYS A CD  
172 C  CE  A LYS A 22 ? 0.2409 0.2776 0.3049 -0.0406 0.0687  -0.0979 466  LYS A CE  
173 C  CE  B LYS A 22 ? 0.1772 0.3078 0.2696 0.0370  -0.0207 -0.1801 466  LYS A CE  
174 N  NZ  A LYS A 22 ? 0.3147 0.2048 0.0427 -0.0749 0.0480  -0.0064 466  LYS A NZ  
175 N  NZ  B LYS A 22 ? 0.3031 0.4445 0.2708 -0.0646 -0.0980 -0.0509 466  LYS A NZ  
176 N  N   . PRO A 23 ? 0.1091 0.1158 0.1013 -0.0071 -0.0180 -0.0049 467  PRO A N   
177 C  CA  . PRO A 23 ? 0.0951 0.0879 0.1005 0.0052  -0.0123 -0.0048 467  PRO A CA  
178 C  C   . PRO A 23 ? 0.1021 0.0828 0.0677 0.0045  -0.0056 0.0049  467  PRO A C   
179 O  O   . PRO A 23 ? 0.1046 0.1389 0.0779 -0.0061 -0.0015 -0.0058 467  PRO A O   
180 C  CB  . PRO A 23 ? 0.0979 0.1318 0.0995 0.0045  -0.0267 0.0138  467  PRO A CB  
181 C  CG  . PRO A 23 ? 0.1154 0.1368 0.1389 -0.0025 -0.0320 0.0000  467  PRO A CG  
182 C  CD  . PRO A 23 ? 0.1214 0.1522 0.1018 -0.0033 -0.0336 -0.0108 467  PRO A CD  
183 N  N   . MET A 24 ? 0.0897 0.0915 0.0813 0.0063  -0.0043 -0.0003 468  MET A N   
184 C  CA  . MET A 24 ? 0.0853 0.0924 0.0863 0.0072  -0.0041 0.0052  468  MET A CA  
185 C  C   . MET A 24 ? 0.0833 0.0986 0.0751 0.0089  0.0063  0.0136  468  MET A C   
186 O  O   . MET A 24 ? 0.0904 0.1017 0.0954 0.0082  0.0049  -0.0025 468  MET A O   
187 C  CB  . MET A 24 ? 0.0986 0.0945 0.1298 0.0178  -0.0100 0.0155  468  MET A CB  
188 C  CG  A MET A 24 ? 0.0991 0.0870 0.0962 0.0118  -0.0150 0.0182  468  MET A CG  
189 C  CG  B MET A 24 ? 0.1730 0.0905 0.2511 -0.0164 0.0589  0.0403  468  MET A CG  
190 S  SD  A MET A 24 ? 0.1489 0.0880 0.1064 0.0202  -0.0240 0.0185  468  MET A SD  
191 S  SD  B MET A 24 ? 0.2224 0.1958 0.1567 -0.0101 0.0076  -0.0440 468  MET A SD  
192 C  CE  A MET A 24 ? 0.1596 0.0947 0.1462 -0.0012 -0.1047 -0.0046 468  MET A CE  
193 C  CE  B MET A 24 ? 0.1192 0.2416 0.3686 -0.0297 -0.1488 -0.1622 468  MET A CE  
194 N  N   . THR A 25 ? 0.0850 0.1016 0.0698 0.0003  -0.0029 0.0162  469  THR A N   
195 C  CA  . THR A 25 ? 0.0808 0.1129 0.0827 -0.0107 -0.0091 0.0206  469  THR A CA  
196 C  C   . THR A 25 ? 0.0924 0.0970 0.0780 -0.0046 -0.0032 0.0117  469  THR A C   
197 O  O   . THR A 25 ? 0.0933 0.0942 0.0895 0.0071  -0.0129 0.0085  469  THR A O   
198 C  CB  . THR A 25 ? 0.0837 0.1364 0.0867 0.0012  -0.0011 0.0346  469  THR A CB  
199 O  OG1 . THR A 25 ? 0.0935 0.1445 0.0987 0.0212  0.0004  0.0290  469  THR A OG1 
200 C  CG2 . THR A 25 ? 0.1155 0.1254 0.1036 0.0055  -0.0209 0.0391  469  THR A CG2 
201 N  N   . THR A 26 ? 0.1140 0.1030 0.0873 0.0034  -0.0160 0.0051  470  THR A N   
202 C  CA  . THR A 26 ? 0.1121 0.1183 0.0888 -0.0069 -0.0221 0.0065  470  THR A CA  
203 C  C   . THR A 26 ? 0.1090 0.1138 0.0966 -0.0084 -0.0259 0.0275  470  THR A C   
204 O  O   . THR A 26 ? 0.1286 0.1236 0.1145 0.0016  -0.0370 0.0260  470  THR A O   
205 C  CB  . THR A 26 ? 0.1494 0.1347 0.1438 -0.0126 -0.0447 -0.0220 470  THR A CB  
206 O  OG1 A THR A 26 ? 0.1100 0.1292 0.1526 -0.0010 -0.0125 -0.0095 470  THR A OG1 
207 O  OG1 B THR A 26 ? 0.2169 0.1633 0.2224 0.0623  -0.0287 -0.0412 470  THR A OG1 
208 C  CG2 A THR A 26 ? 0.1865 0.2298 0.1522 -0.0970 0.0307  -0.1173 470  THR A CG2 
209 C  CG2 B THR A 26 ? 0.1647 0.1530 0.1243 -0.0312 -0.0486 -0.0002 470  THR A CG2 
210 N  N   . LYS A 27 ? 0.1049 0.1300 0.1042 0.0052  -0.0049 0.0183  471  LYS A N   
211 C  CA  . LYS A 27 ? 0.1013 0.1229 0.1264 0.0011  -0.0019 0.0217  471  LYS A CA  
212 C  C   . LYS A 27 ? 0.1046 0.1321 0.0920 0.0057  -0.0082 0.0199  471  LYS A C   
213 O  O   . LYS A 27 ? 0.1000 0.1305 0.1194 0.0143  -0.0080 0.0300  471  LYS A O   
214 C  CB  . LYS A 27 ? 0.1293 0.1522 0.1335 0.0026  0.0091  0.0332  471  LYS A CB  
215 C  CG  . LYS A 27 ? 0.1480 0.2133 0.2115 0.0211  0.0706  0.0639  471  LYS A CG  
216 C  CD  . LYS A 27 ? 0.2173 0.2987 0.4395 0.0591  0.1889  0.1929  471  LYS A CD  
217 C  CE  . LYS A 27 ? 0.3450 0.6852 0.3409 -0.0317 0.2344  0.0716  471  LYS A CE  
218 N  NZ  . LYS A 27 ? 0.5325 0.8578 0.2002 -0.3920 0.0797  0.0038  471  LYS A NZ  
219 N  N   . ASP A 28 ? 0.0946 0.1163 0.0966 0.0073  -0.0007 0.0205  472  ASP A N   
220 C  CA  . ASP A 28 ? 0.1055 0.1187 0.0845 0.0193  -0.0070 0.0204  472  ASP A CA  
221 C  C   . ASP A 28 ? 0.1067 0.1068 0.0698 0.0118  0.0024  0.0127  472  ASP A C   
222 O  O   . ASP A 28 ? 0.1336 0.1172 0.0756 0.0253  -0.0103 0.0125  472  ASP A O   
223 C  CB  . ASP A 28 ? 0.1245 0.1442 0.0837 0.0076  -0.0312 0.0160  472  ASP A CB  
224 C  CG  . ASP A 28 ? 0.0989 0.1598 0.0877 0.0330  -0.0036 0.0182  472  ASP A CG  
225 O  OD1 . ASP A 28 ? 0.1053 0.1615 0.0833 0.0167  -0.0060 0.0083  472  ASP A OD1 
226 O  OD2 . ASP A 28 ? 0.1294 0.2799 0.0954 0.0617  0.0145  0.0677  472  ASP A OD2 
227 N  N   . LEU A 29 ? 0.1021 0.1096 0.0673 0.0079  -0.0148 -0.0007 473  LEU A N   
228 C  CA  . LEU A 29 ? 0.1079 0.1111 0.0705 0.0150  -0.0080 0.0163  473  LEU A CA  
229 C  C   . LEU A 29 ? 0.1098 0.1047 0.0682 -0.0001 -0.0011 0.0124  473  LEU A C   
230 O  O   . LEU A 29 ? 0.1193 0.1035 0.0817 0.0187  -0.0004 0.0181  473  LEU A O   
231 C  CB  . LEU A 29 ? 0.1028 0.1129 0.0708 0.0059  -0.0055 0.0024  473  LEU A CB  
232 C  CG  . LEU A 29 ? 0.1107 0.1108 0.0944 0.0009  -0.0124 0.0065  473  LEU A CG  
233 C  CD1 . LEU A 29 ? 0.1072 0.1645 0.1343 0.0125  0.0034  -0.0380 473  LEU A CD1 
234 C  CD2 . LEU A 29 ? 0.1444 0.1212 0.1207 -0.0275 -0.0027 -0.0030 473  LEU A CD2 
235 N  N   . LEU A 30 ? 0.1053 0.1202 0.0917 -0.0027 -0.0159 0.0157  474  LEU A N   
236 C  CA  . LEU A 30 ? 0.1107 0.1195 0.0863 0.0053  -0.0211 0.0250  474  LEU A CA  
237 C  C   . LEU A 30 ? 0.1201 0.1348 0.0900 0.0121  -0.0211 0.0253  474  LEU A C   
238 O  O   . LEU A 30 ? 0.1084 0.1377 0.1173 0.0174  -0.0283 0.0261  474  LEU A O   
239 C  CB  . LEU A 30 ? 0.1120 0.1436 0.1132 -0.0130 -0.0326 0.0321  474  LEU A CB  
240 C  CG  . LEU A 30 ? 0.2704 0.1458 0.1071 -0.0259 -0.0360 0.0208  474  LEU A CG  
241 C  CD1 . LEU A 30 ? 0.2153 0.1642 0.1844 -0.0607 -0.0540 0.0281  474  LEU A CD1 
242 C  CD2 . LEU A 30 ? 0.3795 0.2297 0.1254 -0.1029 -0.1283 0.0403  474  LEU A CD2 
243 N  N   . LYS A 31 ? 0.1201 0.1635 0.0843 0.0120  0.0005  0.0310  475  LYS A N   
244 C  CA  . LYS A 31 ? 0.1375 0.1912 0.0841 0.0320  0.0099  0.0248  475  LYS A CA  
245 C  C   . LYS A 31 ? 0.1191 0.1687 0.0830 0.0335  -0.0080 -0.0065 475  LYS A C   
246 O  O   . LYS A 31 ? 0.1533 0.2206 0.1207 0.0777  -0.0151 0.0087  475  LYS A O   
247 C  CB  . LYS A 31 ? 0.1891 0.2355 0.0831 0.0167  -0.0206 0.0262  475  LYS A CB  
248 C  CG  . LYS A 31 ? 0.3599 0.2698 0.2061 0.0447  0.0410  0.1223  475  LYS A CG  
249 C  CD  . LYS A 31 ? 0.5291 0.5433 0.1881 -0.0494 -0.0386 0.2042  475  LYS A CD  
250 C  CE  . LYS A 31 ? 0.3568 0.9634 0.2732 -0.1350 0.0186  0.2857  475  LYS A CE  
251 N  NZ  . LYS A 31 ? 0.4480 1.5332 0.3740 0.0983  0.1413  0.1971  475  LYS A NZ  
252 N  N   . LYS A 32 ? 0.1102 0.1460 0.0785 0.0040  -0.0219 0.0012  476  LYS A N   
253 C  CA  . LYS A 32 ? 0.1142 0.1185 0.1099 0.0238  -0.0450 -0.0171 476  LYS A CA  
254 C  C   . LYS A 32 ? 0.0997 0.1103 0.0963 0.0227  -0.0272 -0.0060 476  LYS A C   
255 O  O   . LYS A 32 ? 0.1332 0.1127 0.1412 0.0184  -0.0526 -0.0056 476  LYS A O   
256 C  CB  . LYS A 32 ? 0.1068 0.1250 0.1305 0.0032  -0.0420 -0.0016 476  LYS A CB  
257 C  CG  . LYS A 32 ? 0.1525 0.1540 0.1747 0.0514  -0.0916 -0.0328 476  LYS A CG  
258 C  CD  . LYS A 32 ? 0.2052 0.1960 0.1449 0.0320  -0.0906 -0.0232 476  LYS A CD  
259 C  CE  . LYS A 32 ? 0.2198 0.3366 0.1489 0.0164  -0.0988 -0.0230 476  LYS A CE  
260 N  NZ  . LYS A 32 ? 0.5263 0.3577 0.1950 0.0475  -0.1690 -0.0856 476  LYS A NZ  
261 N  N   . PHE A 33 ? 0.0873 0.1231 0.0726 0.0060  -0.0103 -0.0054 477  PHE A N   
262 C  CA  . PHE A 33 ? 0.0794 0.1298 0.0689 0.0051  -0.0174 0.0112  477  PHE A CA  
263 C  C   . PHE A 33 ? 0.0866 0.1199 0.0745 0.0129  -0.0030 0.0113  477  PHE A C   
264 O  O   . PHE A 33 ? 0.0947 0.1329 0.1196 -0.0138 -0.0149 0.0058  477  PHE A O   
265 C  CB  . PHE A 33 ? 0.0962 0.1332 0.0734 0.0068  0.0008  -0.0004 477  PHE A CB  
266 C  CG  . PHE A 33 ? 0.0995 0.1287 0.0681 0.0175  -0.0001 0.0069  477  PHE A CG  
267 C  CD1 . PHE A 33 ? 0.1051 0.1613 0.0876 0.0413  -0.0055 0.0113  477  PHE A CD1 
268 C  CD2 . PHE A 33 ? 0.0935 0.1426 0.0675 0.0165  -0.0053 0.0053  477  PHE A CD2 
269 C  CE1 . PHE A 33 ? 0.1009 0.2069 0.0876 0.0316  -0.0009 0.0528  477  PHE A CE1 
270 C  CE2 . PHE A 33 ? 0.0921 0.1547 0.0743 0.0182  0.0027  0.0097  477  PHE A CE2 
271 C  CZ  . PHE A 33 ? 0.1023 0.1844 0.0752 0.0298  -0.0128 0.0142  477  PHE A CZ  
272 N  N   . GLN A 34 ? 0.0820 0.1380 0.0975 0.0172  -0.0090 0.0252  478  GLN A N   
273 C  CA  . GLN A 34 ? 0.0752 0.1830 0.0836 0.0208  -0.0062 0.0105  478  GLN A CA  
274 C  C   . GLN A 34 ? 0.0776 0.1045 0.0828 0.0149  -0.0021 0.0168  478  GLN A C   
275 O  O   . GLN A 34 ? 0.0850 0.1170 0.0881 0.0159  -0.0038 0.0144  478  GLN A O   
276 C  CB  . GLN A 34 ? 0.1107 0.3010 0.1034 0.0182  -0.0081 -0.0595 478  GLN A CB  
277 C  CG  . GLN A 34 ? 0.2740 0.4002 0.0845 0.0105  -0.0276 -0.0320 478  GLN A CG  
278 C  CD  . GLN A 34 ? 0.2486 0.7413 0.3462 -0.1046 -0.0774 0.2554  478  GLN A CD  
279 O  OE1 . GLN A 34 ? 0.2294 1.1404 0.5555 -0.1963 -0.0191 0.3343  478  GLN A OE1 
280 N  NE2 . GLN A 34 ? 0.4065 0.5398 1.0184 -0.0193 -0.2456 0.4187  478  GLN A NE2 
281 N  N   . THR A 35 ? 0.0797 0.1217 0.0976 0.0099  -0.0033 0.0145  479  THR A N   
282 C  CA  . THR A 35 ? 0.0807 0.1139 0.1126 0.0058  -0.0101 0.0170  479  THR A CA  
283 C  C   . THR A 35 ? 0.0790 0.1136 0.1064 0.0020  -0.0078 0.0133  479  THR A C   
284 O  O   . THR A 35 ? 0.0848 0.1268 0.1103 0.0160  -0.0063 0.0129  479  THR A O   
285 C  CB  . THR A 35 ? 0.1021 0.1091 0.1278 -0.0013 -0.0056 0.0133  479  THR A CB  
286 O  OG1 . THR A 35 ? 0.1245 0.1168 0.1006 0.0014  -0.0048 0.0132  479  THR A OG1 
287 C  CG2 . THR A 35 ? 0.0964 0.1352 0.1459 -0.0117 -0.0232 0.0180  479  THR A CG2 
288 N  N   . LYS A 36 ? 0.0806 0.1288 0.1079 0.0021  0.0082  -0.0115 480  LYS A N   
289 C  CA  . LYS A 36 ? 0.1148 0.1452 0.1598 0.0069  0.0328  -0.0135 480  LYS A CA  
290 C  C   . LYS A 36 ? 0.1020 0.1214 0.0855 0.0272  -0.0022 -0.0087 480  LYS A C   
291 O  O   . LYS A 36 ? 0.1240 0.1414 0.0971 0.0485  -0.0084 -0.0114 480  LYS A O   
292 C  CB  A LYS A 36 ? 0.3555 0.2364 0.2054 0.0520  0.2072  -0.0229 480  LYS A CB  
293 C  CB  B LYS A 36 ? 0.2777 0.1932 0.2164 -0.0319 0.1684  -0.0587 480  LYS A CB  
294 C  CG  A LYS A 36 ? 0.3458 0.3674 0.1031 -0.0812 -0.0213 -0.0774 480  LYS A CG  
295 C  CG  B LYS A 36 ? 0.4610 0.4148 0.1073 -0.0942 0.0704  -0.0130 480  LYS A CG  
296 C  CD  A LYS A 36 ? 0.2383 0.5173 0.1025 -0.1008 -0.0289 -0.0757 480  LYS A CD  
297 C  CD  B LYS A 36 ? 0.3404 0.4928 0.1454 -0.1256 0.0807  -0.0580 480  LYS A CD  
298 C  CE  A LYS A 36 ? 0.2477 0.6884 0.1180 -0.2963 0.0393  -0.1390 480  LYS A CE  
299 C  CE  B LYS A 36 ? 0.4139 0.7154 0.1372 -0.2084 0.0948  -0.1442 480  LYS A CE  
300 N  NZ  A LYS A 36 ? 0.3084 0.3712 0.1243 -0.2186 -0.0428 0.0472  480  LYS A NZ  
301 N  NZ  B LYS A 36 ? 0.3525 0.7606 0.1812 0.0545  0.0341  -0.2044 480  LYS A NZ  
302 N  N   . LYS A 37 ? 0.0906 0.1058 0.0869 0.0155  -0.0105 0.0012  481  LYS A N   
303 C  CA  . LYS A 37 ? 0.1117 0.0982 0.0911 0.0071  -0.0127 0.0030  481  LYS A CA  
304 C  C   . LYS A 37 ? 0.1047 0.0923 0.0841 -0.0074 -0.0174 0.0076  481  LYS A C   
305 O  O   . LYS A 37 ? 0.1797 0.0832 0.1066 0.0029  -0.0325 0.0101  481  LYS A O   
306 C  CB  . LYS A 37 ? 0.1228 0.1459 0.0986 -0.0237 -0.0300 -0.0059 481  LYS A CB  
307 C  CG  . LYS A 37 ? 0.1777 0.1301 0.1130 -0.0151 -0.0236 -0.0157 481  LYS A CG  
308 C  CD  . LYS A 37 ? 0.1960 0.1542 0.1397 0.0076  0.0002  0.0015  481  LYS A CD  
309 C  CE  . LYS A 37 ? 0.2205 0.1290 0.1661 -0.0167 -0.0372 0.0143  481  LYS A CE  
310 N  NZ  . LYS A 37 ? 0.2877 0.1431 0.2381 0.0082  -0.0280 -0.0191 481  LYS A NZ  
311 N  N   . THR A 38 ? 0.1037 0.0803 0.0899 0.0116  -0.0077 0.0029  482  THR A N   
312 C  CA  . THR A 38 ? 0.1016 0.0847 0.0857 0.0083  -0.0159 0.0010  482  THR A CA  
313 C  C   . THR A 38 ? 0.1021 0.1001 0.0798 0.0186  -0.0145 0.0192  482  THR A C   
314 O  O   . THR A 38 ? 0.1359 0.1229 0.0803 0.0110  -0.0097 0.0128  482  THR A O   
315 C  CB  . THR A 38 ? 0.0864 0.0902 0.1133 0.0086  -0.0166 0.0039  482  THR A CB  
316 O  OG1 . THR A 38 ? 0.0789 0.0932 0.0988 0.0162  -0.0225 0.0083  482  THR A OG1 
317 C  CG2 . THR A 38 ? 0.0968 0.1064 0.1040 -0.0024 -0.0296 0.0014  482  THR A CG2 
318 N  N   . GLY A 39 ? 0.0916 0.0874 0.0873 0.0307  -0.0202 0.0128  483  GLY A N   
319 C  CA  . GLY A 39 ? 0.0923 0.1148 0.0969 0.0243  -0.0253 0.0033  483  GLY A CA  
320 C  C   . GLY A 39 ? 0.0765 0.1030 0.0770 0.0126  -0.0202 0.0116  483  GLY A C   
321 O  O   . GLY A 39 ? 0.0820 0.1594 0.1005 0.0328  -0.0412 -0.0177 483  GLY A O   
322 N  N   . LEU A 40 ? 0.0748 0.0998 0.0835 0.0114  -0.0173 0.0002  484  LEU A N   
323 C  CA  . LEU A 40 ? 0.0762 0.0918 0.0861 0.0063  -0.0137 0.0083  484  LEU A CA  
324 C  C   . LEU A 40 ? 0.0862 0.1044 0.0786 0.0171  -0.0034 0.0005  484  LEU A C   
325 O  O   . LEU A 40 ? 0.1319 0.1153 0.0828 0.0184  0.0075  -0.0001 484  LEU A O   
326 C  CB  . LEU A 40 ? 0.0898 0.0968 0.0933 0.0099  -0.0160 0.0000  484  LEU A CB  
327 C  CG  . LEU A 40 ? 0.0837 0.1107 0.1260 -0.0099 0.0026  0.0017  484  LEU A CG  
328 C  CD1 . LEU A 40 ? 0.0933 0.1614 0.2307 0.0064  0.0059  0.0084  484  LEU A CD1 
329 C  CD2 . LEU A 40 ? 0.1574 0.1576 0.0950 -0.0259 0.0099  -0.0158 484  LEU A CD2 
330 N  N   . SER A 41 ? 0.0716 0.0967 0.0985 0.0081  -0.0086 0.0085  485  SER A N   
331 C  CA  . SER A 41 ? 0.0918 0.1134 0.0967 0.0058  -0.0089 0.0164  485  SER A CA  
332 C  C   . SER A 41 ? 0.0843 0.0843 0.0936 0.0116  0.0108  0.0045  485  SER A C   
333 O  O   . SER A 41 ? 0.0809 0.0927 0.0980 0.0143  0.0073  0.0066  485  SER A O   
334 C  CB  . SER A 41 ? 0.0944 0.1034 0.1204 0.0033  0.0111  0.0019  485  SER A CB  
335 O  OG  . SER A 41 ? 0.0877 0.1289 0.1078 0.0142  -0.0118 0.0015  485  SER A OG  
336 N  N   . SER A 42 ? 0.1001 0.1180 0.0954 0.0171  0.0100  0.0215  486  SER A N   
337 C  CA  . SER A 42 ? 0.1125 0.1209 0.0935 0.0362  0.0174  0.0154  486  SER A CA  
338 C  C   . SER A 42 ? 0.0925 0.0941 0.0856 0.0069  -0.0030 0.0139  486  SER A C   
339 O  O   . SER A 42 ? 0.0915 0.1110 0.1066 0.0258  -0.0053 0.0118  486  SER A O   
340 C  CB  . SER A 42 ? 0.1297 0.1452 0.0921 0.0149  0.0011  0.0188  486  SER A CB  
341 O  OG  . SER A 42 ? 0.1702 0.2183 0.1512 -0.0314 0.0062  0.0340  486  SER A OG  
342 N  N   . GLU A 43 ? 0.1192 0.0945 0.0910 0.0071  -0.0057 0.0060  487  GLU A N   
343 C  CA  . GLU A 43 ? 0.0928 0.0987 0.1012 -0.0012 0.0027  0.0032  487  GLU A CA  
344 C  C   . GLU A 43 ? 0.0778 0.0842 0.1157 0.0016  -0.0052 0.0027  487  GLU A C   
345 O  O   . GLU A 43 ? 0.0818 0.0884 0.1148 0.0127  0.0007  0.0038  487  GLU A O   
346 C  CB  . GLU A 43 ? 0.1198 0.1285 0.1231 -0.0289 0.0028  -0.0169 487  GLU A CB  
347 C  CG  . GLU A 43 ? 0.1721 0.1273 0.1200 -0.0129 0.0156  -0.0230 487  GLU A CG  
348 C  CD  . GLU A 43 ? 0.2045 0.1138 0.1701 -0.0174 0.0648  0.0125  487  GLU A CD  
349 O  OE1 . GLU A 43 ? 0.1919 0.1374 0.2325 -0.0092 0.0624  -0.0177 487  GLU A OE1 
350 O  OE2 . GLU A 43 ? 0.2168 0.1299 0.1893 -0.0068 0.0381  0.0208  487  GLU A OE2 
351 N  N   . GLN A 44 ? 0.0840 0.0898 0.0961 0.0014  0.0022  0.0048  488  GLN A N   
352 C  CA  . GLN A 44 ? 0.0756 0.0931 0.0761 0.0015  -0.0102 0.0062  488  GLN A CA  
353 C  C   . GLN A 44 ? 0.0817 0.0786 0.0803 0.0054  -0.0090 0.0057  488  GLN A C   
354 O  O   . GLN A 44 ? 0.0752 0.1046 0.0821 0.0033  0.0015  0.0097  488  GLN A O   
355 C  CB  . GLN A 44 ? 0.0931 0.0985 0.0766 0.0197  -0.0212 0.0040  488  GLN A CB  
356 C  CG  . GLN A 44 ? 0.0815 0.1589 0.1046 0.0245  -0.0270 -0.0179 488  GLN A CG  
357 C  CD  . GLN A 44 ? 0.1292 0.2380 0.1034 0.0871  -0.0369 -0.0301 488  GLN A CD  
358 O  OE1 . GLN A 44 ? 0.1090 0.1652 0.0934 0.0355  -0.0124 -0.0008 488  GLN A OE1 
359 N  NE2 . GLN A 44 ? 0.4801 0.6184 0.1189 0.4441  -0.1324 -0.1259 488  GLN A NE2 
360 N  N   . THR A 45 ? 0.0869 0.0759 0.0741 0.0006  -0.0126 0.0060  489  THR A N   
361 C  CA  . THR A 45 ? 0.0817 0.0816 0.0861 0.0039  -0.0086 0.0007  489  THR A CA  
362 C  C   . THR A 45 ? 0.0774 0.0886 0.0758 -0.0001 -0.0092 0.0113  489  THR A C   
363 O  O   . THR A 45 ? 0.0831 0.0839 0.0884 -0.0028 -0.0117 0.0107  489  THR A O   
364 C  CB  . THR A 45 ? 0.1056 0.0984 0.0819 0.0202  -0.0129 0.0032  489  THR A CB  
365 O  OG1 . THR A 45 ? 0.1104 0.0897 0.0951 0.0257  -0.0256 -0.0031 489  THR A OG1 
366 C  CG2 . THR A 45 ? 0.1090 0.1030 0.0983 0.0124  -0.0302 -0.0103 489  THR A CG2 
367 N  N   . VAL A 46 ? 0.0839 0.0853 0.0976 0.0077  -0.0032 0.0129  490  VAL A N   
368 C  CA  . VAL A 46 ? 0.0800 0.1171 0.1083 0.0236  0.0096  0.0384  490  VAL A CA  
369 C  C   . VAL A 46 ? 0.0628 0.0792 0.1142 0.0038  -0.0120 0.0118  490  VAL A C   
370 O  O   . VAL A 46 ? 0.0830 0.1000 0.1349 0.0223  -0.0118 0.0172  490  VAL A O   
371 C  CB  . VAL A 46 ? 0.1370 0.1162 0.1636 0.0358  0.0207  0.0720  490  VAL A CB  
372 C  CG1 A VAL A 46 ? 0.0736 0.1431 0.1445 0.0024  0.0049  0.0739  490  VAL A CG1 
373 C  CG1 B VAL A 46 ? 0.2782 0.1839 0.3917 -0.0782 -0.0405 0.0124  490  VAL A CG1 
374 C  CG2 A VAL A 46 ? 0.3690 0.3850 0.1846 -0.2471 0.0661  -0.0192 490  VAL A CG2 
375 C  CG2 B VAL A 46 ? 0.1297 0.1670 0.3078 0.1100  0.1022  0.1539  490  VAL A CG2 
376 N  N   . ASN A 47 ? 0.0788 0.0773 0.1085 0.0002  0.0014  0.0127  491  ASN A N   
377 C  CA  . ASN A 47 ? 0.0844 0.0935 0.1185 -0.0023 -0.0034 -0.0153 491  ASN A CA  
378 C  C   . ASN A 47 ? 0.0752 0.0896 0.1067 0.0067  -0.0089 -0.0048 491  ASN A C   
379 O  O   . ASN A 47 ? 0.0836 0.0983 0.1276 0.0089  -0.0003 -0.0075 491  ASN A O   
380 C  CB  . ASN A 47 ? 0.1075 0.1272 0.1391 -0.0200 -0.0250 -0.0205 491  ASN A CB  
381 C  CG  . ASN A 47 ? 0.1212 0.1489 0.1530 -0.0365 0.0287  -0.0687 491  ASN A CG  
382 O  OD1 . ASN A 47 ? 0.1060 0.2665 0.2877 -0.0333 0.0135  -0.1304 491  ASN A OD1 
383 N  ND2 . ASN A 47 ? 0.2189 0.1166 0.2821 -0.0746 -0.0025 -0.0059 491  ASN A ND2 
384 N  N   . VAL A 48 ? 0.0734 0.0955 0.0931 -0.0086 -0.0151 0.0078  492  VAL A N   
385 C  CA  . VAL A 48 ? 0.0771 0.0914 0.0973 -0.0038 -0.0196 0.0239  492  VAL A CA  
386 C  C   . VAL A 48 ? 0.0609 0.0932 0.0819 -0.0092 -0.0078 0.0146  492  VAL A C   
387 O  O   . VAL A 48 ? 0.0754 0.1020 0.0911 0.0029  -0.0082 0.0159  492  VAL A O   
388 C  CB  . VAL A 48 ? 0.0758 0.1015 0.1057 -0.0028 -0.0067 0.0231  492  VAL A CB  
389 C  CG1 . VAL A 48 ? 0.0987 0.1036 0.1351 0.0114  0.0165  0.0256  492  VAL A CG1 
390 C  CG2 . VAL A 48 ? 0.0841 0.1322 0.1136 -0.0189 -0.0071 0.0435  492  VAL A CG2 
391 N  N   . LEU A 49 ? 0.0704 0.0898 0.0789 0.0057  -0.0175 0.0130  493  LEU A N   
392 C  CA  . LEU A 49 ? 0.0726 0.1091 0.0912 -0.0097 -0.0182 0.0173  493  LEU A CA  
393 C  C   . LEU A 49 ? 0.0804 0.0961 0.0887 -0.0038 -0.0143 0.0191  493  LEU A C   
394 O  O   . LEU A 49 ? 0.0758 0.1143 0.0990 -0.0029 -0.0171 0.0205  493  LEU A O   
395 C  CB  . LEU A 49 ? 0.0905 0.1280 0.0783 -0.0242 -0.0125 0.0178  493  LEU A CB  
396 C  CG  A LEU A 49 ? 0.1371 0.1381 0.1103 -0.0372 0.0173  -0.0010 493  LEU A CG  
397 C  CG  B LEU A 49 ? 0.0679 0.1297 0.0785 -0.0293 -0.0089 0.0351  493  LEU A CG  
398 C  CD1 A LEU A 49 ? 0.1995 0.1992 0.0934 -0.0291 0.0224  -0.0090 493  LEU A CD1 
399 C  CD1 B LEU A 49 ? 0.0984 0.1129 0.0906 -0.0196 -0.0241 0.0256  493  LEU A CD1 
400 C  CD2 A LEU A 49 ? 0.2583 0.2295 0.1462 -0.1616 0.0195  -0.0334 493  LEU A CD2 
401 C  CD2 B LEU A 49 ? 0.1199 0.1759 0.0675 -0.0237 -0.0088 0.0383  493  LEU A CD2 
402 N  N   . ALA A 50 ? 0.0915 0.0960 0.1331 0.0021  -0.0235 0.0261  494  ALA A N   
403 C  CA  . ALA A 50 ? 0.1037 0.0895 0.1791 0.0114  -0.0119 0.0042  494  ALA A CA  
404 C  C   . ALA A 50 ? 0.0826 0.1123 0.1525 0.0113  -0.0470 -0.0200 494  ALA A C   
405 O  O   . ALA A 50 ? 0.0902 0.1231 0.1737 0.0230  -0.0385 -0.0159 494  ALA A O   
406 C  CB  . ALA A 50 ? 0.1005 0.0894 0.2850 0.0096  -0.0363 0.0038  494  ALA A CB  
407 N  N   . GLN A 51 ? 0.1087 0.1137 0.1405 0.0081  -0.0369 -0.0292 495  GLN A N   
408 C  CA  . GLN A 51 ? 0.1297 0.1477 0.1099 0.0148  -0.0435 -0.0444 495  GLN A CA  
409 C  C   . GLN A 51 ? 0.0979 0.1353 0.0737 0.0267  -0.0171 -0.0196 495  GLN A C   
410 O  O   . GLN A 51 ? 0.1110 0.1692 0.0831 0.0434  -0.0174 -0.0308 495  GLN A O   
411 C  CB  . GLN A 51 ? 0.1532 0.2267 0.1216 0.0340  -0.0628 -0.0417 495  GLN A CB  
412 C  CG  A GLN A 51 ? 0.2294 0.2002 0.0881 0.0902  -0.0584 -0.0555 495  GLN A CG  
413 C  CG  B GLN A 51 ? 0.2284 0.2182 0.1329 0.0431  -0.0860 -0.0551 495  GLN A CG  
414 C  CD  A GLN A 51 ? 0.3441 0.1522 0.1052 0.0599  0.0024  0.0005  495  GLN A CD  
415 C  CD  B GLN A 51 ? 0.2552 0.1582 0.0613 0.0211  -0.0390 0.0187  495  GLN A CD  
416 O  OE1 A GLN A 51 ? 0.4159 0.1721 0.3347 -0.0199 -0.0935 0.0411  495  GLN A OE1 
417 O  OE1 B GLN A 51 ? 0.2541 0.1529 0.1200 -0.0318 -0.0155 -0.0843 495  GLN A OE1 
418 N  NE2 A GLN A 51 ? 0.2841 0.3270 0.1481 0.1955  0.0211  -0.0191 495  GLN A NE2 
419 N  NE2 B GLN A 51 ? 0.2188 0.2331 0.1349 0.0054  -0.0435 -0.0530 495  GLN A NE2 
420 N  N   . ILE A 52 ? 0.0805 0.1027 0.0690 0.0151  -0.0168 0.0002  496  ILE A N   
421 C  CA  . ILE A 52 ? 0.0699 0.1018 0.0698 0.0147  -0.0016 0.0057  496  ILE A CA  
422 C  C   . ILE A 52 ? 0.0700 0.1218 0.0649 0.0009  -0.0177 -0.0011 496  ILE A C   
423 O  O   . ILE A 52 ? 0.0736 0.1338 0.0853 0.0056  -0.0076 0.0113  496  ILE A O   
424 C  CB  . ILE A 52 ? 0.0753 0.0955 0.0815 0.0042  -0.0178 0.0062  496  ILE A CB  
425 C  CG1 . ILE A 52 ? 0.0840 0.1021 0.0668 0.0104  -0.0118 0.0167  496  ILE A CG1 
426 C  CG2 . ILE A 52 ? 0.0910 0.1005 0.0990 -0.0028 -0.0264 -0.0062 496  ILE A CG2 
427 C  CD1 . ILE A 52 ? 0.0939 0.0989 0.0823 0.0161  -0.0121 0.0151  496  ILE A CD1 
428 N  N   . LEU A 53 ? 0.0784 0.1018 0.0748 0.0180  -0.0092 0.0080  497  LEU A N   
429 C  CA  . LEU A 53 ? 0.0723 0.1059 0.0876 0.0152  -0.0129 0.0182  497  LEU A CA  
430 C  C   . LEU A 53 ? 0.0788 0.1173 0.0908 0.0283  -0.0241 0.0122  497  LEU A C   
431 O  O   . LEU A 53 ? 0.0800 0.1458 0.1015 0.0132  -0.0205 0.0078  497  LEU A O   
432 C  CB  . LEU A 53 ? 0.0966 0.1121 0.0872 0.0057  -0.0171 0.0187  497  LEU A CB  
433 C  CG  . LEU A 53 ? 0.0766 0.1241 0.0885 0.0029  -0.0036 0.0108  497  LEU A CG  
434 C  CD1 . LEU A 53 ? 0.1187 0.1399 0.1026 -0.0270 -0.0059 0.0353  497  LEU A CD1 
435 C  CD2 . LEU A 53 ? 0.0932 0.1487 0.0895 -0.0129 -0.0116 0.0029  497  LEU A CD2 
436 N  N   . LYS A 54 ? 0.0968 0.1243 0.1198 0.0271  -0.0165 -0.0120 498  LYS A N   
437 C  CA  . LYS A 54 ? 0.1104 0.1408 0.1481 0.0402  -0.0157 -0.0316 498  LYS A CA  
438 C  C   . LYS A 54 ? 0.1146 0.1516 0.1203 0.0492  -0.0217 -0.0281 498  LYS A C   
439 O  O   . LYS A 54 ? 0.1148 0.2204 0.1388 0.0746  -0.0014 -0.0002 498  LYS A O   
440 C  CB  . LYS A 54 ? 0.1373 0.1794 0.1883 0.0355  -0.0353 -0.0711 498  LYS A CB  
441 C  CG  . LYS A 54 ? 0.2434 0.1961 0.2650 0.0891  -0.0804 -0.1033 498  LYS A CG  
442 C  CD  . LYS A 54 ? 0.3758 0.3206 0.3477 -0.0226 -0.1012 -0.1887 498  LYS A CD  
443 C  CE  . LYS A 54 ? 0.2927 0.3445 0.7525 -0.0727 -0.0879 -0.2646 498  LYS A CE  
444 N  NZ  . LYS A 54 ? 0.3408 0.4600 0.4673 -0.0639 -0.1137 -0.2574 498  LYS A NZ  
445 N  N   . ARG A 55 ? 0.1257 0.1681 0.0894 0.0375  -0.0122 -0.0150 499  ARG A N   
446 C  CA  . ARG A 55 ? 0.1300 0.2280 0.0884 0.0397  -0.0149 0.0128  499  ARG A CA  
447 C  C   . ARG A 55 ? 0.0812 0.2320 0.0892 0.0331  0.0143  0.0133  499  ARG A C   
448 O  O   . ARG A 55 ? 0.1094 0.2706 0.1072 0.0636  0.0148  -0.0020 499  ARG A O   
449 C  CB  . ARG A 55 ? 0.0872 0.2047 0.1275 0.0326  0.0037  0.0276  499  ARG A CB  
450 C  CG  . ARG A 55 ? 0.1365 0.2595 0.1262 0.0362  0.0281  0.0520  499  ARG A CG  
451 C  CD  . ARG A 55 ? 0.1357 0.2286 0.1215 0.0070  0.0026  0.0429  499  ARG A CD  
452 N  NE  . ARG A 55 ? 0.1396 0.2353 0.1059 0.0283  0.0117  -0.0042 499  ARG A NE  
453 C  CZ  . ARG A 55 ? 0.1394 0.1399 0.0953 0.0154  0.0013  -0.0103 499  ARG A CZ  
454 N  NH1 . ARG A 55 ? 0.1068 0.1575 0.0930 0.0153  -0.0062 0.0085  499  ARG A NH1 
455 N  NH2 . ARG A 55 ? 0.1929 0.1412 0.1166 0.0503  -0.0498 -0.0114 499  ARG A NH2 
456 N  N   . LEU A 56 ? 0.0841 0.1842 0.1007 0.0153  0.0038  0.0127  500  LEU A N   
457 C  CA  . LEU A 56 ? 0.0816 0.1980 0.1332 -0.0078 0.0129  -0.0030 500  LEU A CA  
458 C  C   . LEU A 56 ? 0.0926 0.2439 0.0946 -0.0133 -0.0054 -0.0008 500  LEU A C   
459 O  O   . LEU A 56 ? 0.0919 0.3092 0.1308 -0.0042 -0.0115 0.0065  500  LEU A O   
460 C  CB  . LEU A 56 ? 0.1466 0.1989 0.1695 -0.0244 0.0479  -0.0389 500  LEU A CB  
461 C  CG  A LEU A 56 ? 0.0811 0.2343 0.1100 -0.0221 -0.0006 0.0045  500  LEU A CG  
462 C  CG  B LEU A 56 ? 0.1360 0.2049 0.0844 -0.0236 0.0088  -0.0355 500  LEU A CG  
463 C  CD1 A LEU A 56 ? 0.0860 0.2095 0.1375 -0.0244 -0.0035 -0.0103 500  LEU A CD1 
464 C  CD1 B LEU A 56 ? 0.0580 0.2583 0.0962 0.0239  -0.0291 -0.0312 500  LEU A CD1 
465 C  CD2 A LEU A 56 ? 0.1261 0.2143 0.1409 -0.0583 0.0281  -0.0567 500  LEU A CD2 
466 C  CD2 B LEU A 56 ? 0.1038 0.1900 0.1287 -0.0062 -0.0136 -0.0109 500  LEU A CD2 
467 N  N   . ASN A 57 ? 0.0895 0.2160 0.0936 0.0319  -0.0082 -0.0185 501  ASN A N   
468 C  CA  . ASN A 57 ? 0.1281 0.2469 0.0802 0.0592  -0.0146 -0.0202 501  ASN A CA  
469 C  C   . ASN A 57 ? 0.0821 0.2663 0.0996 0.0407  -0.0120 -0.0138 501  ASN A C   
470 O  O   . ASN A 57 ? 0.0999 0.3328 0.1257 0.0626  -0.0191 0.0016  501  ASN A O   
471 C  CB  . ASN A 57 ? 0.1441 0.2748 0.1181 0.1023  -0.0083 -0.0126 501  ASN A CB  
472 C  CG  . ASN A 57 ? 0.2077 0.2789 0.1719 0.1179  -0.0128 -0.0126 501  ASN A CG  
473 O  OD1 . ASN A 57 ? 0.2872 0.2077 0.2359 0.0494  -0.0169 -0.0339 501  ASN A OD1 
474 N  ND2 . ASN A 57 ? 0.2105 0.4165 0.5105 0.1957  0.0532  0.0807  501  ASN A ND2 
475 N  N   . PRO A 58 ? 0.0724 0.2678 0.0766 0.0173  -0.0163 -0.0224 502  PRO A N   
476 C  CA  . PRO A 58 ? 0.0917 0.2468 0.0861 0.0220  -0.0226 -0.0078 502  PRO A CA  
477 C  C   . PRO A 58 ? 0.0940 0.2145 0.0822 -0.0041 -0.0161 -0.0216 502  PRO A C   
478 O  O   . PRO A 58 ? 0.1520 0.2135 0.1395 -0.0083 -0.0610 -0.0393 502  PRO A O   
479 C  CB  . PRO A 58 ? 0.0871 0.2702 0.1065 0.0158  -0.0113 -0.0431 502  PRO A CB  
480 C  CG  . PRO A 58 ? 0.0939 0.2338 0.1064 0.0022  0.0027  -0.0344 502  PRO A CG  
481 C  CD  . PRO A 58 ? 0.0857 0.2780 0.0976 0.0094  -0.0035 -0.0401 502  PRO A CD  
482 N  N   . GLU A 59 ? 0.0760 0.1886 0.0992 -0.0255 -0.0190 0.0223  503  GLU A N   
483 C  CA  . GLU A 59 ? 0.0709 0.1399 0.1127 -0.0135 -0.0160 0.0081  503  GLU A CA  
484 C  C   . GLU A 59 ? 0.0827 0.1364 0.0798 0.0167  -0.0064 0.0038  503  GLU A C   
485 O  O   . GLU A 59 ? 0.1086 0.1392 0.1228 0.0327  0.0111  0.0135  503  GLU A O   
486 C  CB  . GLU A 59 ? 0.0807 0.1446 0.1202 0.0021  -0.0355 0.0211  503  GLU A CB  
487 C  CG  . GLU A 59 ? 0.1029 0.1313 0.1371 0.0170  -0.0471 0.0077  503  GLU A CG  
488 C  CD  . GLU A 59 ? 0.0800 0.1116 0.1082 0.0084  -0.0159 0.0339  503  GLU A CD  
489 O  OE1 . GLU A 59 ? 0.0976 0.1298 0.1870 0.0090  -0.0396 0.0120  503  GLU A OE1 
490 O  OE2 . GLU A 59 ? 0.1037 0.1178 0.1222 0.0129  -0.0302 0.0218  503  GLU A OE2 
491 N  N   . ARG A 60 ? 0.0762 0.1310 0.1076 -0.0036 -0.0013 -0.0011 504  ARG A N   
492 C  CA  . ARG A 60 ? 0.1310 0.1612 0.1043 -0.0044 -0.0092 0.0339  504  ARG A CA  
493 C  C   . ARG A 60 ? 0.1249 0.2268 0.1156 0.0685  -0.0246 0.0319  504  ARG A C   
494 O  O   . ARG A 60 ? 0.1180 0.4123 0.1846 0.0924  -0.0118 0.0684  504  ARG A O   
495 C  CB  . ARG A 60 ? 0.1522 0.1442 0.1649 -0.0098 0.0016  0.0579  504  ARG A CB  
496 C  CG  . ARG A 60 ? 0.1685 0.1671 0.1922 -0.0312 0.0273  -0.0309 504  ARG A CG  
497 C  CD  . ARG A 60 ? 0.2226 0.1589 0.3438 -0.0478 0.0452  -0.0358 504  ARG A CD  
498 N  NE  . ARG A 60 ? 0.2441 0.3186 0.4386 -0.0312 0.0156  -0.1958 504  ARG A NE  
499 C  CZ  . ARG A 60 ? 0.2758 0.3344 0.3555 0.1147  -0.0071 -0.1819 504  ARG A CZ  
500 N  NH1 . ARG A 60 ? 0.3168 0.4237 0.2880 0.0035  0.0890  -0.1386 504  ARG A NH1 
501 N  NH2 . ARG A 60 ? 0.4840 0.3218 0.3766 0.1902  -0.1542 -0.1382 504  ARG A NH2 
502 N  N   . LYS A 61 ? 0.1074 0.1504 0.1172 0.0085  -0.0084 0.0091  505  LYS A N   
503 C  CA  . LYS A 61 ? 0.1209 0.1908 0.1231 -0.0010 -0.0326 0.0091  505  LYS A CA  
504 C  C   . LYS A 61 ? 0.1300 0.1624 0.1204 0.0371  -0.0122 0.0187  505  LYS A C   
505 O  O   . LYS A 61 ? 0.1304 0.1935 0.1192 0.0314  -0.0141 0.0364  505  LYS A O   
506 C  CB  . LYS A 61 ? 0.2433 0.2044 0.1600 -0.0440 -0.0500 -0.0280 505  LYS A CB  
507 C  CG  . LYS A 61 ? 0.3485 0.3337 0.2592 -0.1783 -0.1549 0.1089  505  LYS A CG  
508 C  CD  . LYS A 61 ? 0.2598 0.9690 0.2576 -0.1604 -0.0696 0.0718  505  LYS A CD  
509 C  CE  . LYS A 61 ? 0.4128 0.7477 0.3296 0.0241  -0.2213 0.0625  505  LYS A CE  
510 N  NZ  . LYS A 61 ? 0.3144 0.5950 0.2254 0.2126  0.0206  -0.0403 505  LYS A NZ  
511 N  N   . MET A 62 ? 0.1373 0.1632 0.1046 0.0523  -0.0106 -0.0078 506  MET A N   
512 C  CA  . MET A 62 ? 0.1423 0.1424 0.1053 0.0555  -0.0032 -0.0032 506  MET A CA  
513 C  C   . MET A 62 ? 0.1359 0.2207 0.0882 0.0893  -0.0185 -0.0136 506  MET A C   
514 O  O   . MET A 62 ? 0.1631 0.2948 0.1204 0.1065  -0.0561 -0.0429 506  MET A O   
515 C  CB  . MET A 62 ? 0.1878 0.1597 0.1412 0.0747  -0.0306 -0.0022 506  MET A CB  
516 C  CG  . MET A 62 ? 0.1840 0.1648 0.1858 0.0637  -0.0160 -0.0476 506  MET A CG  
517 S  SD  . MET A 62 ? 0.2468 0.1827 0.2314 0.0670  -0.0651 -0.0680 506  MET A SD  
518 C  CE  . MET A 62 ? 0.2405 0.1956 0.4906 -0.0050 0.0373  -0.0597 506  MET A CE  
519 N  N   . ILE A 63 ? 0.1240 0.1299 0.0838 0.0449  0.0005  0.0020  507  ILE A N   
520 C  CA  . ILE A 63 ? 0.1165 0.1159 0.0765 0.0353  -0.0009 0.0057  507  ILE A CA  
521 C  C   . ILE A 63 ? 0.1286 0.0904 0.0959 0.0191  0.0009  -0.0123 507  ILE A C   
522 O  O   . ILE A 63 ? 0.1476 0.0910 0.0776 0.0171  -0.0056 -0.0076 507  ILE A O   
523 C  CB  . ILE A 63 ? 0.1046 0.1102 0.1103 0.0043  0.0032  -0.0051 507  ILE A CB  
524 C  CG1 . ILE A 63 ? 0.1371 0.1307 0.1409 -0.0071 0.0134  0.0075  507  ILE A CG1 
525 C  CG2 . ILE A 63 ? 0.1718 0.1325 0.1474 0.0039  0.0494  -0.0185 507  ILE A CG2 
526 C  CD1 . ILE A 63 ? 0.1957 0.1619 0.1671 -0.0442 -0.0460 0.0565  507  ILE A CD1 
527 N  N   . ASN A 64 ? 0.1513 0.1121 0.0828 0.0254  0.0003  0.0103  508  ASN A N   
528 C  CA  . ASN A 64 ? 0.1607 0.1261 0.1116 0.0129  0.0111  0.0052  508  ASN A CA  
529 C  C   . ASN A 64 ? 0.2596 0.1054 0.1315 0.0002  0.0135  0.0095  508  ASN A C   
530 O  O   . ASN A 64 ? 0.3148 0.1866 0.1610 -0.0828 0.0510  -0.0460 508  ASN A O   
531 C  CB  . ASN A 64 ? 0.1613 0.1256 0.0996 0.0081  -0.0032 -0.0059 508  ASN A CB  
532 C  CG  . ASN A 64 ? 0.1264 0.1269 0.0718 -0.0022 0.0022  0.0039  508  ASN A CG  
533 O  OD1 . ASN A 64 ? 0.1354 0.1545 0.0823 0.0135  -0.0085 -0.0048 508  ASN A OD1 
534 N  ND2 . ASN A 64 ? 0.1122 0.1287 0.0888 0.0062  0.0088  0.0028  508  ASN A ND2 
535 N  N   . ASP A 65 ? 0.3536 0.1202 0.1311 0.0562  0.0518  0.0216  509  ASP A N   
536 C  CA  . ASP A 65 ? 0.5219 0.1066 0.1621 0.0415  0.0494  0.0215  509  ASP A CA  
537 C  C   . ASP A 65 ? 0.4809 0.0937 0.1925 -0.0437 0.0251  0.0119  509  ASP A C   
538 O  O   . ASP A 65 ? 0.8185 0.1548 0.2160 -0.1653 -0.0395 0.0058  509  ASP A O   
539 C  CB  . ASP A 65 ? 0.5151 0.1207 0.2092 0.0495  0.0732  0.0455  509  ASP A CB  
540 C  CG  . ASP A 65 ? 0.4844 0.2079 0.2822 0.0227  0.0441  0.1353  509  ASP A CG  
541 O  OD1 . ASP A 65 ? 0.5492 0.4113 0.2946 0.1903  0.0747  0.1065  509  ASP A OD1 
542 O  OD2 . ASP A 65 ? 0.3134 0.4117 0.2529 -0.0713 -0.0216 0.1229  509  ASP A OD2 
543 N  N   . LYS A 66 ? 0.2982 0.1332 0.1079 -0.0181 0.0548  0.0039  510  LYS A N   
544 C  CA  . LYS A 66 ? 0.2314 0.1424 0.1411 -0.0438 0.0391  -0.0141 510  LYS A CA  
545 C  C   . LYS A 66 ? 0.1827 0.0870 0.1029 0.0026  0.0190  -0.0125 510  LYS A C   
546 O  O   . LYS A 66 ? 0.1666 0.0882 0.1032 0.0089  -0.0203 -0.0039 510  LYS A O   
547 C  CB  . LYS A 66 ? 0.1943 0.2924 0.1774 -0.0255 0.0577  -0.0005 510  LYS A CB  
548 C  CG  . LYS A 66 ? 0.3104 0.2511 0.1899 0.0331  0.0065  -0.0082 510  LYS A CG  
549 C  CD  . LYS A 66 ? 0.5201 0.2538 0.2357 0.0155  -0.1301 -0.0925 510  LYS A CD  
550 C  CE  . LYS A 66 ? 0.6627 0.4213 0.2198 -0.1231 -0.1984 0.0247  510  LYS A CE  
551 N  NZ  . LYS A 66 ? 0.5241 0.5116 0.2781 -0.1987 -0.1238 -0.0458 510  LYS A NZ  
552 N  N   . MET A 67 ? 0.2073 0.1209 0.1055 -0.0073 0.0138  -0.0154 511  MET A N   
553 C  CA  . MET A 67 ? 0.1713 0.1014 0.0918 0.0113  0.0093  -0.0208 511  MET A CA  
554 C  C   . MET A 67 ? 0.1377 0.1184 0.0885 -0.0072 -0.0070 -0.0207 511  MET A C   
555 O  O   . MET A 67 ? 0.1153 0.1484 0.1889 0.0054  -0.0086 -0.0275 511  MET A O   
556 C  CB  . MET A 67 ? 0.1787 0.1571 0.1096 0.0039  0.0221  -0.0436 511  MET A CB  
557 C  CG  A MET A 67 ? 0.1538 0.2402 0.0430 -0.0070 -0.0385 0.0000  511  MET A CG  
558 C  CG  B MET A 67 ? 0.1925 0.1978 0.0664 0.0080  0.0122  0.0176  511  MET A CG  
559 S  SD  A MET A 67 ? 0.1373 0.1414 0.0975 -0.0093 0.0141  -0.0307 511  MET A SD  
560 S  SD  B MET A 67 ? 0.3178 0.1839 0.1600 0.0238  0.0040  0.0264  511  MET A SD  
561 C  CE  A MET A 67 ? 0.1751 0.1787 0.1037 -0.0875 -0.0346 0.0626  511  MET A CE  
562 C  CE  B MET A 67 ? 0.2802 0.6369 0.1527 -0.1504 -0.1084 0.0982  511  MET A CE  
563 N  N   . HIS A 68 ? 0.1219 0.0965 0.0742 0.0057  -0.0020 -0.0052 512  HIS A N   
564 C  CA  . HIS A 68 ? 0.0941 0.1103 0.0698 0.0008  -0.0012 0.0088  512  HIS A CA  
565 C  C   . HIS A 68 ? 0.0801 0.1238 0.0797 0.0038  0.0018  0.0141  512  HIS A C   
566 O  O   . HIS A 68 ? 0.1111 0.2392 0.1512 0.0704  0.0441  0.1109  512  HIS A O   
567 C  CB  . HIS A 68 ? 0.0906 0.0978 0.0698 -0.0026 -0.0069 0.0040  512  HIS A CB  
568 C  CG  . HIS A 68 ? 0.1002 0.0914 0.0652 0.0060  -0.0069 0.0112  512  HIS A CG  
569 N  ND1 . HIS A 68 ? 0.1026 0.0910 0.0686 0.0014  -0.0051 0.0012  512  HIS A ND1 
570 C  CD2 . HIS A 68 ? 0.0891 0.1071 0.0675 0.0125  -0.0033 0.0105  512  HIS A CD2 
571 C  CE1 . HIS A 68 ? 0.1038 0.0978 0.0674 0.0133  -0.0067 -0.0028 512  HIS A CE1 
572 N  NE2 . HIS A 68 ? 0.1018 0.1034 0.0631 0.0083  -0.0128 0.0034  512  HIS A NE2 
573 N  N   . PHE A 69 ? 0.1152 0.1461 0.0703 0.0297  0.0125  0.0337  513  PHE A N   
574 C  CA  . PHE A 69 ? 0.1065 0.1262 0.0760 0.0123  0.0192  0.0166  513  PHE A CA  
575 C  C   . PHE A 69 ? 0.0827 0.1419 0.0673 0.0245  0.0079  0.0034  513  PHE A C   
576 O  O   . PHE A 69 ? 0.0972 0.1507 0.0855 0.0079  0.0072  -0.0183 513  PHE A O   
577 C  CB  . PHE A 69 ? 0.1337 0.0870 0.0694 0.0013  -0.0035 0.0091  513  PHE A CB  
578 C  CG  . PHE A 69 ? 0.1884 0.0953 0.1150 -0.0234 0.0035  0.0119  513  PHE A CG  
579 C  CD1 . PHE A 69 ? 0.1977 0.2118 0.1378 -0.0971 0.0169  0.0107  513  PHE A CD1 
580 C  CD2 . PHE A 69 ? 0.3209 0.1015 0.3420 -0.0481 0.0962  -0.0838 513  PHE A CD2 
581 C  CE1 . PHE A 69 ? 0.3721 0.3233 0.2051 -0.2437 0.0225  0.0022  513  PHE A CE1 
582 C  CE2 . PHE A 69 ? 0.5088 0.2121 0.5499 -0.0967 0.0385  -0.2181 513  PHE A CE2 
583 C  CZ  . PHE A 69 ? 0.5453 0.2379 0.5046 -0.2524 0.0588  -0.1170 513  PHE A CZ  
584 N  N   . SER A 70 ? 0.0949 0.1290 0.0741 0.0163  0.0030  0.0042  514  SER A N   
585 C  CA  . SER A 70 ? 0.1004 0.1450 0.0856 0.0039  -0.0120 0.0092  514  SER A CA  
586 C  C   . SER A 70 ? 0.0680 0.1278 0.0856 0.0268  -0.0077 0.0084  514  SER A C   
587 O  O   . SER A 70 ? 0.0797 0.1350 0.0952 0.0155  0.0025  0.0017  514  SER A O   
588 C  CB  . SER A 70 ? 0.1306 0.1908 0.0923 0.0111  -0.0248 0.0185  514  SER A CB  
589 O  OG  . SER A 70 ? 0.1389 0.2241 0.0884 -0.0242 -0.0249 0.0211  514  SER A OG  
590 N  N   . LEU A 71 ? 0.0849 0.1339 0.0817 0.0244  -0.0148 0.0102  515  LEU A N   
591 C  CA  . LEU A 71 ? 0.0956 0.1066 0.0967 0.0229  -0.0188 0.0147  515  LEU A CA  
592 C  C   . LEU A 71 ? 0.1009 0.1307 0.1312 0.0196  -0.0292 -0.0061 515  LEU A C   
593 O  O   . LEU A 71 ? 0.1284 0.1329 0.2027 0.0030  -0.0290 0.0097  515  LEU A O   
594 C  CB  . LEU A 71 ? 0.0984 0.1546 0.0972 0.0111  -0.0176 0.0425  515  LEU A CB  
595 C  CG  . LEU A 71 ? 0.1422 0.1564 0.0958 0.0035  -0.0141 0.0225  515  LEU A CG  
596 C  CD1 . LEU A 71 ? 0.1475 0.2341 0.1139 0.0441  -0.0288 0.0456  515  LEU A CD1 
597 C  CD2 . LEU A 71 ? 0.1256 0.2069 0.1368 0.0275  -0.0297 0.0089  515  LEU A CD2 
598 N  N   . LYS A 72 ? 0.1213 0.1748 0.1183 0.0371  -0.0471 -0.0176 516  LYS A N   
599 C  CA  . LYS A 72 ? 0.1696 0.1772 0.1390 0.0323  -0.0548 -0.0316 516  LYS A CA  
600 C  C   . LYS A 72 ? 0.1526 0.1966 0.1138 0.0563  -0.0535 -0.0302 516  LYS A C   
601 O  O   . LYS A 72 ? 0.1516 0.2577 0.2099 0.0648  -0.0140 0.0493  516  LYS A O   
602 C  CB  . LYS A 72 ? 0.1859 0.2290 0.2101 0.1015  -0.0937 -0.1045 516  LYS A CB  
603 C  CG  . LYS A 72 ? 0.2538 0.1999 0.1797 0.0972  -0.1188 -0.0725 516  LYS A CG  
604 C  CD  . LYS A 72 ? 0.2602 0.2889 0.2600 0.1388  -0.1294 -0.1515 516  LYS A CD  
605 C  CE  . LYS A 72 ? 0.3452 0.3850 0.3006 0.2026  -0.2139 -0.2166 516  LYS A CE  
606 N  NZ  . LYS A 72 ? 0.3347 0.3459 0.3638 0.1746  -0.1727 -0.2127 516  LYS A NZ  
607 N  N   . GLU A 73 ? 0.1716 0.1555 0.1606 0.0412  -0.0413 -0.0422 517  GLU A N   
608 C  CA  . GLU A 73 ? 0.1452 0.1943 0.2435 0.0440  -0.0909 -0.0796 517  GLU A CA  
609 C  C   . GLU A 73 ? 0.0975 0.1661 0.1383 0.0624  -0.0079 -0.0007 517  GLU A C   
610 O  O   . GLU A 73 ? 0.1815 0.2355 0.1307 0.0955  0.0213  0.0434  517  GLU A O   
611 C  CB  . GLU A 73 ? 0.3238 0.3119 0.2357 0.1449  -0.1872 -0.1204 517  GLU A CB  
612 C  CG  . GLU A 73 ? 0.5096 0.2920 0.2841 0.1740  -0.2000 -0.1321 517  GLU A CG  
613 C  CD  . GLU A 73 ? 0.4170 0.3013 0.2496 -0.0233 -0.0815 -0.0920 517  GLU A CD  
614 O  OE1 . GLU A 73 ? 0.4651 0.3001 0.2679 -0.0273 -0.0932 -0.0753 517  GLU A OE1 
615 O  OE2 . GLU A 73 ? 0.3163 0.3440 0.5243 0.1022  0.1033  -0.0494 517  GLU A OE2 
616 O  OXT . GLU A 73 ? 0.1159 0.1282 0.1387 0.0162  -0.0231 0.0019  517  GLU A OXT 
617 ZN ZN  . ZN  B .  ? 0.1222 0.1522 0.0620 0.0379  -0.0095 -0.0052 999  ZN  A ZN  
618 O  O   . HOH C .  ? 0.1954 0.2098 0.0866 0.0707  -0.0264 -0.0141 1001 HOH A O   
619 O  O   . HOH C .  ? 0.2853 0.2073 0.1922 0.0425  -0.0734 -0.0081 1002 HOH A O   
620 O  O   . HOH C .  ? 0.1880 0.1902 0.0982 -0.0295 0.0008  -0.0100 1003 HOH A O   
621 O  O   . HOH C .  ? 0.1348 0.3443 0.3725 0.0815  -0.0222 0.0989  1004 HOH A O   
622 O  O   . HOH C .  ? 0.1089 0.1149 0.1334 0.0037  -0.0115 0.0289  1005 HOH A O   
623 O  O   . HOH C .  ? 0.2814 0.1024 0.1562 0.0048  0.0372  -0.0289 1006 HOH A O   
624 O  O   . HOH C .  ? 0.1604 0.2188 0.3140 -0.0430 0.1004  -0.1266 1007 HOH A O   
625 O  O   . HOH C .  ? 0.2634 0.3266 0.1718 0.0524  -0.0798 -0.0339 1008 HOH A O   
626 O  O   . HOH C .  ? 0.3202 0.1726 0.1865 -0.1070 -0.0194 -0.0532 1009 HOH A O   
627 O  O   . HOH C .  ? 0.1218 0.1350 0.1280 0.0120  -0.0274 0.0095  1010 HOH A O   
628 O  O   . HOH C .  ? 0.4455 0.2129 0.2587 -0.1791 -0.1212 0.0672  1011 HOH A O   
629 O  O   . HOH C .  ? 0.1580 0.3287 0.3205 -0.0516 -0.0442 0.1696  1012 HOH A O   
630 O  O   . HOH C .  ? 0.1283 0.1578 0.1307 -0.0486 -0.0529 0.0520  1013 HOH A O   
631 O  O   . HOH C .  ? 0.2228 0.3216 0.1912 -0.0480 -0.0974 0.0799  1014 HOH A O   
632 O  O   . HOH C .  ? 0.3085 0.1225 0.5212 0.0413  -0.2474 -0.0059 1015 HOH A O   
633 O  O   . HOH C .  ? 0.2391 0.1846 0.2210 -0.0214 -0.0406 -0.0143 1016 HOH A O   
634 O  O   . HOH C .  ? 0.1741 0.3584 0.3070 0.0476  0.0370  0.1071  1017 HOH A O   
635 O  O   . HOH C .  ? 0.2322 0.2822 0.1529 0.0442  0.1046  0.0480  1018 HOH A O   
636 O  O   . HOH C .  ? 0.2310 0.2480 0.2776 -0.0592 -0.0870 0.1334  1019 HOH A O   
637 O  O   . HOH C .  ? 0.7066 0.3655 0.1648 0.2204  -0.0772 -0.0755 1020 HOH A O   
638 O  O   . HOH C .  ? 0.3221 0.2220 0.1975 0.0533  -0.0265 0.0086  1021 HOH A O   
639 O  O   . HOH C .  ? 0.1555 0.2478 0.2046 0.0184  0.0031  0.0556  1022 HOH A O   
640 O  O   . HOH C .  ? 0.2185 0.3929 0.1061 -0.1399 -0.0276 0.0455  1023 HOH A O   
641 O  O   . HOH C .  ? 0.3672 0.2707 0.1932 0.0714  -0.0637 -0.0289 1024 HOH A O   
642 O  O   . HOH C .  ? 0.4019 0.4589 0.3179 0.2273  -0.0778 -0.1524 1025 HOH A O   
643 O  O   . HOH C .  ? 0.4538 0.2219 0.4380 0.0266  0.0276  0.0244  1026 HOH A O   
644 O  O   . HOH C .  ? 0.2604 0.3634 0.2919 0.0563  0.0328  0.0396  1027 HOH A O   
645 O  O   . HOH C .  ? 0.1380 0.2457 0.1560 0.0482  0.0292  0.0485  1028 HOH A O   
646 O  O   . HOH C .  ? 0.3389 0.2579 0.1137 0.0731  -0.0430 -0.0711 1029 HOH A O   
647 O  O   . HOH C .  ? 0.2150 0.4769 0.4907 -0.1023 -0.0498 0.0633  1030 HOH A O   
648 O  O   . HOH C .  ? 0.2523 0.3455 0.1983 -0.0902 0.0525  0.0630  1031 HOH A O   
649 O  O   . HOH C .  ? 0.3070 0.2370 0.3135 -0.0589 -0.0797 -0.0388 1032 HOH A O   
650 O  O   . HOH C .  ? 0.2324 0.2438 0.2975 0.0509  -0.1306 -0.1301 1033 HOH A O   
651 O  O   . HOH C .  ? 0.3864 0.2289 0.7961 0.0544  0.0813  0.1590  1034 HOH A O   
652 O  O   . HOH C .  ? 0.5906 0.2855 0.3493 -0.0801 -0.1586 -0.0090 1035 HOH A O   
653 O  O   . HOH C .  ? 0.3279 0.3228 0.2489 -0.1247 0.0888  -0.0742 1036 HOH A O   
654 O  O   . HOH C .  ? 0.1784 0.1123 0.1328 0.0564  -0.0766 -0.0204 1037 HOH A O   
655 O  O   . HOH C .  ? 0.3447 0.4109 0.5339 0.1595  0.1809  0.1639  1038 HOH A O   
656 O  O   . HOH C .  ? 0.2770 0.4071 0.2586 -0.1097 0.1968  -0.1917 1039 HOH A O   
657 O  O   . HOH C .  ? 0.3742 0.2133 0.2329 0.0607  -0.0854 -0.0351 1040 HOH A O   
658 O  O   . HOH C .  ? 0.2673 0.2622 0.2394 -0.0258 -0.0144 0.0820  1041 HOH A O   
659 O  O   . HOH C .  ? 0.2749 0.2582 0.2698 -0.0412 0.0357  0.0044  1042 HOH A O   
660 O  O   . HOH C .  ? 0.2478 0.3782 0.2305 0.0171  0.0456  0.0301  1043 HOH A O   
661 O  O   . HOH C .  ? 0.3099 0.2701 0.3223 0.0159  0.0372  -0.1329 1044 HOH A O   
662 O  O   . HOH C .  ? 0.1735 0.3378 0.1313 0.1341  -0.0448 -0.0015 1045 HOH A O   
663 O  O   . HOH C .  ? 0.3609 0.1491 0.3152 0.0099  -0.1711 0.0280  1046 HOH A O   
664 O  O   . HOH C .  ? 0.3821 0.2689 0.1968 0.1092  -0.0132 0.0137  1047 HOH A O   
665 O  O   . HOH C .  ? 0.4144 0.4020 0.1810 0.1974  0.0476  0.0306  1048 HOH A O   
666 O  O   . HOH C .  ? 0.3465 0.4227 0.7267 -0.1452 -0.1833 0.3471  1049 HOH A O   
667 O  O   . HOH C .  ? 0.2759 0.4408 0.4011 0.1327  0.0702  -0.0904 1050 HOH A O   
668 O  O   . HOH C .  ? 0.2057 0.2640 0.3486 0.0675  0.0057  0.0384  1051 HOH A O   
669 O  O   . HOH C .  ? 0.2506 0.3643 0.3587 -0.0412 0.0364  0.1377  1052 HOH A O   
670 O  O   . HOH C .  ? 0.1197 0.1484 0.1018 -0.0070 0.0019  0.0045  1053 HOH A O   
671 O  O   . HOH C .  ? 0.1723 0.4566 0.1285 0.0125  -0.0078 0.0902  1054 HOH A O   
672 O  O   . HOH C .  ? 0.1613 0.1435 0.2197 -0.0194 -0.0074 0.0443  1055 HOH A O   
673 O  O   . HOH C .  ? 0.1489 0.2039 0.2478 -0.0192 -0.0389 -0.0340 1056 HOH A O   
674 O  O   . HOH C .  ? 0.2291 0.4530 0.3682 0.0594  0.0640  0.1497  1057 HOH A O   
675 O  O   . HOH C .  ? 0.2163 0.1753 0.1513 0.0259  0.0433  -0.0037 1058 HOH A O   
676 O  O   . HOH C .  ? 0.2488 0.2549 0.1500 0.0261  -0.0169 -0.0288 1059 HOH A O   
677 O  O   . HOH C .  ? 0.2018 0.3612 0.1999 0.0998  0.0075  -0.0719 1060 HOH A O   
678 O  O   . HOH C .  ? 0.1909 0.3771 0.2415 -0.0183 -0.0294 0.0805  1061 HOH A O   
679 O  O   . HOH C .  ? 0.2770 0.3094 0.2424 0.0404  0.0921  0.0120  1062 HOH A O   
680 O  O   . HOH C .  ? 0.2693 0.1750 0.2850 0.0311  0.0517  -0.0028 1063 HOH A O   
681 O  O   . HOH C .  ? 0.2181 0.4744 0.3361 0.0818  0.0357  0.1859  1064 HOH A O   
682 O  O   . HOH C .  ? 0.2559 0.3595 0.2482 0.0223  -0.0310 -0.0861 1065 HOH A O   
683 O  O   . HOH C .  ? 0.3621 0.4387 0.5128 0.0436  0.1127  -0.1560 1066 HOH A O   
684 O  O   . HOH C .  ? 0.2832 0.5311 0.3377 -0.1044 0.0365  -0.0132 1067 HOH A O   
685 O  O   . HOH C .  ? 0.2151 0.5555 0.1974 -0.0844 -0.0297 -0.0619 1068 HOH A O   
686 O  O   . HOH C .  ? 0.2869 0.4243 0.2833 -0.0241 -0.0387 -0.1332 1069 HOH A O   
687 O  O   . HOH C .  ? 0.3681 0.4483 0.3816 -0.1173 -0.1879 0.1548  1070 HOH A O   
688 O  O   . HOH C .  ? 0.2421 0.2718 0.7764 0.0518  -0.0537 0.0848  1071 HOH A O   
689 O  O   . HOH C .  ? 0.6692 0.3868 0.2822 -0.0502 0.0021  -0.0694 1072 HOH A O   
690 O  O   . HOH C .  ? 0.5156 0.3591 0.6321 0.1724  -0.2692 -0.2069 1073 HOH A O   
691 O  O   . HOH C .  ? 0.4411 0.3963 0.1956 -0.1438 -0.1146 0.0311  1074 HOH A O   
692 O  O   . HOH C .  ? 0.4115 0.3392 0.2126 0.0586  -0.0013 -0.0115 1075 HOH A O   
693 O  O   . HOH C .  ? 0.3536 0.3344 0.1498 0.0029  -0.0384 0.0285  1076 HOH A O   
694 O  O   . HOH C .  ? 0.1732 0.5190 0.5426 -0.0213 0.0014  0.2845  1077 HOH A O   
695 O  O   . HOH C .  ? 0.3785 0.5423 0.3367 -0.0157 0.0640  -0.2614 1078 HOH A O   
696 O  O   . HOH C .  ? 0.4502 0.3678 0.4749 0.0231  -0.1922 0.1079  1079 HOH A O   
697 O  O   . HOH C .  ? 0.3124 0.2189 0.4187 0.0155  -0.0840 0.0845  1080 HOH A O   
698 O  O   . HOH C .  ? 0.4006 0.3270 0.2845 0.0286  0.0043  -0.1434 1081 HOH A O   
699 O  O   . HOH C .  ? 0.3401 0.4217 0.2976 -0.0036 0.0298  0.0226  1082 HOH A O   
700 O  O   . HOH C .  ? 0.3693 0.4349 0.4967 0.2224  0.0878  0.1667  1083 HOH A O   
701 O  O   . HOH C .  ? 0.5070 0.7028 0.2333 0.0405  -0.0713 -0.0847 1084 HOH A O   
702 O  O   . HOH C .  ? 0.4347 0.3069 0.6225 0.0345  -0.3156 -0.1462 1085 HOH A O   
703 O  O   . HOH C .  ? 0.9151 0.7202 0.3009 0.2916  0.1444  0.0131  1086 HOH A O   
704 O  O   . HOH C .  ? 0.2047 0.5631 0.4044 -0.0753 0.0291  0.0649  1087 HOH A O   
705 O  O   . HOH C .  ? 0.3159 0.2812 0.3978 -0.0031 -0.0604 0.0657  1088 HOH A O   
706 O  O   . HOH C .  ? 0.2570 0.4335 0.4997 0.0372  0.0837  -0.1723 1089 HOH A O   
707 O  O   . HOH C .  ? 0.5859 0.3163 0.3549 -0.0655 -0.2382 0.0308  1090 HOH A O   
708 O  O   . HOH C .  ? 0.3411 0.3560 0.3561 0.1799  0.0339  0.0546  1091 HOH A O   
709 O  O   . HOH C .  ? 0.4909 0.6488 0.3378 -0.0503 0.0448  -0.2895 1092 HOH A O   
710 O  O   . HOH C .  ? 0.4013 0.3651 0.4812 -0.1609 0.0589  0.0923  1093 HOH A O   
711 O  O   . HOH C .  ? 0.6701 0.3529 0.2822 -0.0004 -0.2432 0.0713  1094 HOH A O   
712 O  O   . HOH C .  ? 0.3792 0.2292 0.4632 -0.1312 -0.0879 0.0594  1095 HOH A O   
713 O  O   . HOH C .  ? 0.5145 0.3466 0.3695 -0.1568 -0.0538 -0.0099 1096 HOH A O   
714 O  O   . HOH C .  ? 0.2850 0.3920 0.4721 0.1135  -0.0138 -0.0005 1097 HOH A O   
715 O  O   . HOH C .  ? 0.3890 0.3943 0.3046 0.0022  -0.0518 -0.0011 1098 HOH A O   
716 O  O   . HOH C .  ? 0.3607 0.4035 0.3600 -0.1200 -0.0498 -0.0066 1099 HOH A O   
717 O  O   . HOH C .  ? 0.5003 0.3933 0.3781 -0.0466 -0.2027 0.0146  1100 HOH A O   
718 O  O   . HOH C .  ? 0.8945 0.2077 0.4084 0.0088  0.1828  -0.0681 1101 HOH A O   
719 O  O   . HOH C .  ? 0.4016 0.5420 0.2519 -0.0501 0.0416  0.1275  1102 HOH A O   
720 O  O   . HOH C .  ? 0.3042 0.4316 0.4786 0.0828  -0.1223 -0.0260 1103 HOH A O   
721 O  O   . HOH C .  ? 0.3139 0.8442 0.3978 -0.0892 -0.0314 -0.1689 1104 HOH A O   
722 O  O   . HOH C .  ? 0.3034 0.3648 0.3676 0.0565  -0.0618 0.0476  1105 HOH A O   
723 O  O   . HOH C .  ? 0.2400 0.9125 0.5041 -0.1482 0.0429  0.0399  1106 HOH A O   
724 O  O   . HOH C .  ? 0.8214 0.5593 0.3009 0.1801  0.1345  -0.0991 1107 HOH A O   
725 O  O   . HOH C .  ? 1.0675 0.6010 0.3973 -0.1026 0.0059  -0.2866 1108 HOH A O   
726 O  O   . HOH C .  ? 0.3564 0.7933 0.4957 0.2558  -0.2329 -0.3996 1109 HOH A O   
727 O  O   . HOH C .  ? 0.4050 0.4838 0.5365 -0.1412 0.2378  -0.0587 1110 HOH A O   
728 O  O   . HOH C .  ? 0.4808 0.6292 0.4300 -0.1555 0.1746  -0.1843 1111 HOH A O   
729 O  O   . HOH C .  ? 0.4744 0.4554 0.4704 0.2154  0.0848  0.1433  1112 HOH A O   
730 O  O   . HOH C .  ? 0.5452 0.7636 0.3539 -0.0315 0.1663  -0.0141 1113 HOH A O   
731 O  O   . HOH C .  ? 0.3215 0.5395 0.8598 0.0699  0.1349  -0.0523 1114 HOH A O   
732 O  O   . HOH C .  ? 0.7817 0.2561 0.4835 0.1838  -0.0431 -0.1406 1115 HOH A O   
733 O  O   . HOH C .  ? 0.7191 0.3187 0.6346 0.0220  0.0633  0.1132  1116 HOH A O   
734 O  O   . HOH C .  ? 0.4040 0.7535 0.7629 0.0977  0.2288  0.1452  1117 HOH A O   
735 O  O   . HOH C .  ? 0.6944 0.3655 0.6374 0.1036  -0.3524 -0.1344 1118 HOH A O   
736 O  O   . HOH C .  ? 0.8195 0.6582 0.1792 0.0942  0.0998  -0.0847 1119 HOH A O   
737 O  O   . HOH C .  ? 0.5403 0.5431 0.5061 0.3437  0.0336  0.0766  1120 HOH A O   
738 O  O   . HOH C .  ? 0.4283 0.4414 0.6886 0.0114  -0.2017 -0.1483 1121 HOH A O   
739 O  O   . HOH C .  ? 0.3697 0.3192 0.6800 0.0497  -0.1621 -0.1401 1122 HOH A O   
740 O  O   . HOH C .  ? 0.2928 0.5181 0.3542 -0.1313 -0.0014 -0.0262 1123 HOH A O   
741 O  O   . HOH C .  ? 0.6019 0.3175 0.7063 0.0479  0.0889  0.0138  1124 HOH A O   
742 O  O   . HOH C .  ? 0.7597 0.7449 0.5298 -0.3297 0.1143  0.3004  1125 HOH A O   
743 O  O   . HOH C .  ? 0.6103 0.2165 0.3389 0.1097  -0.1294 -0.0891 1126 HOH A O   
744 O  O   . HOH C .  ? 0.6211 0.6817 0.4355 0.3955  -0.2832 -0.2601 1127 HOH A O   
745 O  O   . HOH C .  ? 0.3360 0.6464 0.7497 0.0732  -0.2859 0.0665  1128 HOH A O   
746 O  O   . HOH C .  ? 0.6837 0.4652 0.4918 -0.0245 0.2167  -0.0026 1129 HOH A O   
747 O  O   . HOH C .  ? 0.6547 0.5355 0.5468 0.3022  -0.0007 0.0314  1130 HOH A O   
748 O  O   . HOH C .  ? 0.5619 0.7069 0.3188 -0.2888 0.0374  -0.0023 1131 HOH A O   
749 O  O   . HOH C .  ? 0.4164 0.5759 0.6242 0.0754  -0.0766 0.1183  1132 HOH A O   
750 O  O   . HOH C .  ? 0.4870 0.6238 0.7043 -0.1522 0.1266  -0.1191 1133 HOH A O   
751 O  O   . HOH C .  ? 0.6143 0.3207 0.4640 -0.1419 0.0214  -0.1086 1134 HOH A O   
752 O  O   . HOH C .  ? 0.5984 0.3884 0.3755 -0.1199 -0.0329 0.0818  1135 HOH A O   
753 O  O   . HOH C .  ? 0.4132 0.6748 0.6612 -0.3434 0.0076  -0.0451 1136 HOH A O   
754 O  O   . HOH C .  ? 0.3888 0.8648 0.3345 -0.1701 -0.0704 0.0575  1137 HOH A O   
755 O  O   . HOH C .  ? 0.6873 0.7968 0.8573 0.1897  -0.0792 -0.0414 1138 HOH A O   
756 O  O   . HOH C .  ? 0.3438 0.7963 0.4272 -0.2224 -0.0461 -0.1515 1139 HOH A O   
757 O  O   . HOH C .  ? 0.8923 0.7868 0.3010 0.0944  0.0176  0.2803  1140 HOH A O   
758 O  O   . HOH C .  ? 0.3408 0.5157 0.6315 0.2219  -0.0710 0.1134  1141 HOH A O   
759 O  O   . HOH C .  ? 0.6765 0.5069 0.7952 0.3465  0.2367  0.0195  1142 HOH A O   
760 O  O   . HOH C .  ? 0.8044 0.3290 0.3692 0.0078  0.0579  -0.1750 1143 HOH A O   
761 O  O   . HOH C .  ? 0.4678 0.5200 0.8929 0.1683  -0.1465 -0.0957 1144 HOH A O   
762 O  O   . HOH C .  ? 0.4619 0.4629 0.6514 -0.2435 -0.1707 0.1221  1145 HOH A O   
763 O  O   . HOH C .  ? 0.5528 0.6257 0.6894 -0.2580 0.2010  0.2468  1146 HOH A O   
764 O  O   . HOH C .  ? 0.5843 0.7951 0.8730 -0.1606 0.3668  0.1092  1147 HOH A O   
765 O  O   . HOH C .  ? 0.3954 0.4868 0.8045 0.0674  0.0005  -0.2721 1148 HOH A O   
766 O  O   . HOH C .  ? 0.6210 0.7213 0.8037 -0.0208 0.1401  -0.4356 1149 HOH A O   
767 O  O   . HOH C .  ? 0.2398 1.1053 0.8507 0.1141  -0.1234 0.2356  1150 HOH A O   
768 O  O   . HOH C .  ? 0.6927 0.5333 0.5310 -0.0532 0.0616  -0.0557 1151 HOH A O   
# 
